data_1XTU
#
_entry.id   1XTU
#
_cell.length_a   71.670
_cell.length_b   76.510
_cell.length_c   91.450
_cell.angle_alpha   109.00
_cell.angle_beta   90.76
_cell.angle_gamma   115.40
#
_symmetry.space_group_name_H-M   'P 1'
#
loop_
_entity.id
_entity.type
_entity.pdbx_description
1 polymer 'Probable uracil phosphoribosyltransferase'
2 non-polymer "URIDINE-5'-MONOPHOSPHATE"
3 non-polymer "CYTIDINE-5'-TRIPHOSPHATE"
#
_entity_poly.entity_id   1
_entity_poly.type   'polypeptide(L)'
_entity_poly.pdbx_seq_one_letter_code
;MPLYVIDKPITLHILTQLRDKYTDQINFRKNLVRLGRILGYEISNTLDYEIVEVETPLGVKTKGVDITDLNNIVIINILR
AAVPLVEGLLKAFPKARQGVIGASRVEVDGKEVPKDMDVYIYYKKIPDIRAKVDNVIIADPMIATASTMLKVLEEVVKAN
PKRIYIVSIISSEYGVNKILSKYPFIYLFTVAIDPELNNKGYILPGLGDAGDRAFG
;
_entity_poly.pdbx_strand_id   A,B,C,D,E,F,G,H
#
loop_
_chem_comp.id
_chem_comp.type
_chem_comp.name
_chem_comp.formula
CTP non-polymer CYTIDINE-5'-TRIPHOSPHATE 'C9 H16 N3 O14 P3'
U5P non-polymer URIDINE-5'-MONOPHOSPHATE 'C9 H13 N2 O9 P'
#
# COMPACT_ATOMS: atom_id res chain seq x y z
N PRO A 2 32.32 24.59 -11.28
CA PRO A 2 31.01 24.50 -10.59
C PRO A 2 30.70 23.07 -10.18
N LEU A 3 30.31 22.89 -8.92
CA LEU A 3 29.96 21.58 -8.40
C LEU A 3 28.49 21.54 -8.10
N TYR A 4 27.81 20.55 -8.66
CA TYR A 4 26.38 20.41 -8.42
C TYR A 4 26.07 19.04 -7.84
N VAL A 5 25.60 19.04 -6.60
CA VAL A 5 25.25 17.81 -5.94
C VAL A 5 23.73 17.76 -5.87
N ILE A 6 23.13 16.97 -6.76
CA ILE A 6 21.68 16.88 -6.80
C ILE A 6 21.20 15.85 -5.80
N ASP A 7 20.88 16.33 -4.61
CA ASP A 7 20.43 15.48 -3.53
C ASP A 7 18.98 15.73 -3.17
N LYS A 8 18.10 15.73 -4.16
CA LYS A 8 16.69 15.93 -3.86
C LYS A 8 16.15 14.55 -3.52
N PRO A 9 15.02 14.48 -2.81
CA PRO A 9 14.42 13.20 -2.42
C PRO A 9 14.46 12.14 -3.50
N ILE A 10 13.87 12.45 -4.64
CA ILE A 10 13.82 11.50 -5.73
C ILE A 10 15.18 10.99 -6.21
N THR A 11 16.20 11.84 -6.28
CA THR A 11 17.49 11.35 -6.75
C THR A 11 18.17 10.51 -5.67
N LEU A 12 17.89 10.82 -4.41
CA LEU A 12 18.48 10.06 -3.34
C LEU A 12 17.76 8.72 -3.31
N HIS A 13 16.45 8.76 -3.51
CA HIS A 13 15.67 7.55 -3.52
C HIS A 13 16.24 6.56 -4.54
N ILE A 14 16.46 7.05 -5.76
CA ILE A 14 17.00 6.21 -6.81
C ILE A 14 18.41 5.78 -6.45
N LEU A 15 19.21 6.71 -5.92
CA LEU A 15 20.58 6.37 -5.54
C LEU A 15 20.59 5.24 -4.52
N THR A 16 19.63 5.27 -3.60
CA THR A 16 19.52 4.24 -2.58
C THR A 16 19.35 2.89 -3.26
N GLN A 17 18.43 2.81 -4.23
CA GLN A 17 18.21 1.59 -4.96
C GLN A 17 19.48 1.12 -5.65
N LEU A 18 20.23 2.07 -6.21
CA LEU A 18 21.47 1.73 -6.89
C LEU A 18 22.50 1.20 -5.92
N ARG A 19 22.57 1.81 -4.74
CA ARG A 19 23.54 1.39 -3.72
C ARG A 19 23.19 0.01 -3.20
N ASP A 20 21.92 -0.21 -2.92
CA ASP A 20 21.49 -1.49 -2.40
C ASP A 20 22.04 -2.64 -3.24
N LYS A 21 22.86 -3.47 -2.63
CA LYS A 21 23.47 -4.59 -3.33
C LYS A 21 22.42 -5.62 -3.80
N TYR A 22 21.23 -5.59 -3.22
CA TYR A 22 20.17 -6.53 -3.61
C TYR A 22 19.38 -6.10 -4.84
N THR A 23 19.91 -5.17 -5.62
CA THR A 23 19.20 -4.73 -6.83
C THR A 23 19.76 -5.44 -8.08
N ASP A 24 18.91 -6.20 -8.76
CA ASP A 24 19.33 -6.93 -9.96
C ASP A 24 19.77 -5.98 -11.07
N GLN A 25 20.51 -6.51 -12.03
CA GLN A 25 21.01 -5.69 -13.13
C GLN A 25 19.91 -4.97 -13.92
N ILE A 26 18.78 -5.61 -14.11
CA ILE A 26 17.73 -4.97 -14.86
C ILE A 26 17.28 -3.69 -14.20
N ASN A 27 16.90 -3.77 -12.92
CA ASN A 27 16.47 -2.58 -12.21
C ASN A 27 17.63 -1.64 -11.95
N PHE A 28 18.83 -2.18 -11.93
CA PHE A 28 19.98 -1.32 -11.73
C PHE A 28 20.03 -0.38 -12.93
N ARG A 29 20.03 -0.97 -14.13
CA ARG A 29 20.07 -0.19 -15.37
C ARG A 29 18.88 0.77 -15.51
N LYS A 30 17.66 0.27 -15.28
CA LYS A 30 16.50 1.13 -15.38
C LYS A 30 16.66 2.35 -14.50
N ASN A 31 17.16 2.18 -13.29
CA ASN A 31 17.34 3.31 -12.38
C ASN A 31 18.38 4.27 -12.90
N LEU A 32 19.40 3.73 -13.53
CA LEU A 32 20.48 4.52 -14.08
C LEU A 32 19.96 5.41 -15.22
N VAL A 33 19.02 4.89 -16.00
CA VAL A 33 18.45 5.64 -17.10
C VAL A 33 17.59 6.74 -16.51
N ARG A 34 16.76 6.35 -15.55
CA ARG A 34 15.87 7.30 -14.89
C ARG A 34 16.68 8.47 -14.31
N LEU A 35 17.80 8.17 -13.66
CA LEU A 35 18.63 9.23 -13.11
C LEU A 35 19.15 10.10 -14.24
N GLY A 36 19.68 9.47 -15.29
CA GLY A 36 20.19 10.23 -16.42
C GLY A 36 19.20 11.28 -16.88
N ARG A 37 17.93 10.90 -16.98
CA ARG A 37 16.89 11.83 -17.40
C ARG A 37 16.93 12.98 -16.43
N ILE A 38 16.68 12.68 -15.16
CA ILE A 38 16.65 13.69 -14.11
C ILE A 38 17.86 14.62 -14.12
N LEU A 39 19.06 14.04 -14.09
CA LEU A 39 20.25 14.86 -14.10
C LEU A 39 20.24 15.74 -15.36
N GLY A 40 19.66 15.23 -16.44
CA GLY A 40 19.59 16.02 -17.65
C GLY A 40 18.74 17.26 -17.38
N TYR A 41 17.56 17.02 -16.84
CA TYR A 41 16.66 18.09 -16.49
C TYR A 41 17.44 19.13 -15.68
N GLU A 42 18.15 18.67 -14.65
CA GLU A 42 18.92 19.54 -13.77
C GLU A 42 19.94 20.37 -14.53
N ILE A 43 20.69 19.72 -15.42
CA ILE A 43 21.66 20.43 -16.22
C ILE A 43 20.95 21.47 -17.07
N SER A 44 19.82 21.09 -17.65
CA SER A 44 19.04 22.01 -18.49
C SER A 44 18.88 23.36 -17.84
N ASN A 45 18.49 23.38 -16.58
CA ASN A 45 18.30 24.65 -15.90
C ASN A 45 19.57 25.46 -15.66
N THR A 46 20.74 24.90 -15.93
CA THR A 46 21.97 25.66 -15.74
C THR A 46 22.41 26.17 -17.10
N LEU A 47 21.79 25.63 -18.14
CA LEU A 47 22.12 26.03 -19.49
C LEU A 47 21.90 27.49 -19.76
N ASP A 48 22.70 27.99 -20.69
CA ASP A 48 22.63 29.38 -21.09
C ASP A 48 21.36 29.55 -21.90
N TYR A 49 20.62 30.61 -21.65
CA TYR A 49 19.40 30.81 -22.42
C TYR A 49 19.15 32.28 -22.79
N GLU A 50 18.18 32.49 -23.68
CA GLU A 50 17.82 33.82 -24.19
C GLU A 50 16.38 34.18 -23.86
N ILE A 51 16.13 35.44 -23.56
CA ILE A 51 14.77 35.88 -23.29
C ILE A 51 14.18 36.25 -24.64
N VAL A 52 12.94 35.87 -24.86
CA VAL A 52 12.31 36.14 -26.13
C VAL A 52 10.92 36.62 -25.89
N GLU A 53 10.25 36.97 -26.99
CA GLU A 53 8.86 37.39 -26.92
C GLU A 53 8.10 36.51 -27.87
N VAL A 54 6.88 36.16 -27.49
CA VAL A 54 6.09 35.28 -28.28
C VAL A 54 4.66 35.80 -28.26
N GLU A 55 3.87 35.39 -29.26
CA GLU A 55 2.49 35.82 -29.35
C GLU A 55 1.57 34.62 -29.17
N THR A 56 0.65 34.72 -28.21
CA THR A 56 -0.24 33.63 -27.93
C THR A 56 -1.47 33.69 -28.82
N PRO A 57 -2.24 32.58 -28.93
CA PRO A 57 -3.43 32.54 -29.75
C PRO A 57 -4.40 33.68 -29.40
N LEU A 58 -4.27 34.26 -28.22
CA LEU A 58 -5.16 35.34 -27.85
C LEU A 58 -4.69 36.66 -28.43
N GLY A 59 -3.78 36.59 -29.39
CA GLY A 59 -3.30 37.79 -30.03
C GLY A 59 -2.55 38.75 -29.14
N VAL A 60 -1.98 38.27 -28.04
CA VAL A 60 -1.22 39.13 -27.16
C VAL A 60 0.20 38.62 -27.15
N LYS A 61 1.14 39.50 -26.85
CA LYS A 61 2.53 39.11 -26.81
C LYS A 61 2.97 39.07 -25.37
N THR A 62 3.82 38.11 -25.04
CA THR A 62 4.31 37.95 -23.69
C THR A 62 5.74 37.47 -23.83
N LYS A 63 6.56 37.72 -22.81
CA LYS A 63 7.95 37.27 -22.88
C LYS A 63 8.06 35.81 -22.47
N GLY A 64 9.08 35.16 -23.00
CA GLY A 64 9.31 33.77 -22.70
C GLY A 64 10.78 33.45 -22.75
N VAL A 65 11.10 32.18 -22.56
CA VAL A 65 12.48 31.75 -22.56
C VAL A 65 12.70 30.79 -23.72
N ASP A 66 13.93 30.77 -24.20
CA ASP A 66 14.29 29.86 -25.26
C ASP A 66 15.75 29.41 -25.02
N ILE A 67 15.91 28.15 -24.60
CA ILE A 67 17.24 27.64 -24.35
C ILE A 67 17.75 27.13 -25.67
N THR A 68 18.21 28.05 -26.50
CA THR A 68 18.72 27.69 -27.81
C THR A 68 19.85 26.70 -27.68
N ASP A 69 20.62 26.80 -26.60
CA ASP A 69 21.73 25.89 -26.40
C ASP A 69 21.32 24.41 -26.45
N LEU A 70 20.02 24.13 -26.36
CA LEU A 70 19.53 22.76 -26.42
C LEU A 70 19.85 22.11 -27.77
N ASN A 71 20.36 22.91 -28.70
CA ASN A 71 20.73 22.41 -30.02
C ASN A 71 22.24 22.28 -30.08
N ASN A 72 22.92 22.73 -29.04
CA ASN A 72 24.36 22.66 -29.03
C ASN A 72 24.86 21.78 -27.92
N ILE A 73 24.39 20.54 -27.94
CA ILE A 73 24.78 19.59 -26.93
C ILE A 73 25.40 18.33 -27.56
N VAL A 74 26.51 17.91 -26.99
CA VAL A 74 27.20 16.71 -27.45
C VAL A 74 27.42 15.86 -26.22
N ILE A 75 26.83 14.67 -26.21
CA ILE A 75 26.98 13.77 -25.09
C ILE A 75 28.03 12.73 -25.44
N ILE A 76 29.01 12.57 -24.55
CA ILE A 76 30.04 11.59 -24.80
C ILE A 76 29.83 10.34 -23.96
N ASN A 77 29.71 9.22 -24.68
CA ASN A 77 29.47 7.93 -24.06
C ASN A 77 30.77 7.18 -23.82
N ILE A 78 31.11 6.96 -22.55
CA ILE A 78 32.33 6.24 -22.21
C ILE A 78 32.12 4.75 -22.43
N LEU A 79 30.88 4.37 -22.65
CA LEU A 79 30.49 2.99 -22.90
C LEU A 79 30.40 2.17 -21.61
N ARG A 80 30.13 0.87 -21.77
CA ARG A 80 30.00 -0.02 -20.63
C ARG A 80 28.92 0.49 -19.68
N ALA A 81 29.22 0.62 -18.40
CA ALA A 81 28.21 1.10 -17.44
C ALA A 81 27.60 2.46 -17.76
N ALA A 82 28.30 3.30 -18.52
CA ALA A 82 27.79 4.63 -18.85
C ALA A 82 26.56 4.60 -19.76
N VAL A 83 26.46 3.56 -20.58
CA VAL A 83 25.37 3.40 -21.53
C VAL A 83 23.99 3.74 -20.98
N PRO A 84 23.55 3.05 -19.91
CA PRO A 84 22.22 3.35 -19.35
C PRO A 84 22.08 4.82 -18.88
N LEU A 85 23.18 5.37 -18.36
CA LEU A 85 23.16 6.75 -17.87
C LEU A 85 23.04 7.70 -19.07
N VAL A 86 23.80 7.42 -20.11
CA VAL A 86 23.77 8.23 -21.33
C VAL A 86 22.37 8.15 -21.95
N GLU A 87 21.78 6.96 -21.92
CA GLU A 87 20.45 6.75 -22.46
C GLU A 87 19.51 7.74 -21.79
N GLY A 88 19.64 7.89 -20.47
CA GLY A 88 18.79 8.80 -19.75
C GLY A 88 19.04 10.23 -20.19
N LEU A 89 20.31 10.58 -20.32
CA LEU A 89 20.69 11.91 -20.74
C LEU A 89 20.13 12.22 -22.12
N LEU A 90 20.27 11.26 -23.05
CA LEU A 90 19.74 11.47 -24.40
C LEU A 90 18.24 11.74 -24.38
N LYS A 91 17.50 11.03 -23.53
CA LYS A 91 16.06 11.26 -23.45
C LYS A 91 15.78 12.69 -23.00
N ALA A 92 16.72 13.25 -22.25
CA ALA A 92 16.59 14.60 -21.72
C ALA A 92 16.92 15.63 -22.80
N PHE A 93 17.91 15.32 -23.63
CA PHE A 93 18.32 16.22 -24.70
C PHE A 93 18.06 15.59 -26.07
N PRO A 94 16.80 15.59 -26.50
CA PRO A 94 16.35 15.03 -27.78
C PRO A 94 17.22 15.41 -28.96
N LYS A 95 17.69 16.65 -28.98
CA LYS A 95 18.50 17.14 -30.10
C LYS A 95 19.99 17.04 -29.86
N ALA A 96 20.43 16.20 -28.93
CA ALA A 96 21.85 16.09 -28.67
C ALA A 96 22.57 15.12 -29.57
N ARG A 97 23.79 15.47 -29.95
CA ARG A 97 24.58 14.60 -30.78
C ARG A 97 25.35 13.72 -29.80
N GLN A 98 25.83 12.59 -30.26
CA GLN A 98 26.54 11.70 -29.37
C GLN A 98 27.80 11.14 -30.00
N GLY A 99 28.87 11.13 -29.21
CA GLY A 99 30.13 10.58 -29.67
C GLY A 99 30.49 9.58 -28.61
N VAL A 100 31.44 8.69 -28.89
CA VAL A 100 31.81 7.73 -27.87
C VAL A 100 33.32 7.63 -27.76
N ILE A 101 33.79 7.61 -26.52
CA ILE A 101 35.21 7.48 -26.27
C ILE A 101 35.30 6.34 -25.28
N GLY A 102 35.42 5.13 -25.82
CA GLY A 102 35.52 3.95 -24.99
C GLY A 102 36.86 3.93 -24.26
N ALA A 103 36.79 4.22 -22.96
CA ALA A 103 37.98 4.24 -22.14
C ALA A 103 37.77 3.27 -20.98
N SER A 104 38.83 2.56 -20.60
CA SER A 104 38.76 1.60 -19.51
C SER A 104 40.01 1.61 -18.66
N ARG A 105 39.86 1.94 -17.38
CA ARG A 105 40.99 1.95 -16.48
C ARG A 105 41.33 0.49 -16.22
N VAL A 106 42.57 0.24 -15.83
CA VAL A 106 43.00 -1.12 -15.53
C VAL A 106 42.73 -1.42 -14.06
N GLU A 107 41.87 -2.40 -13.79
CA GLU A 107 41.56 -2.78 -12.42
C GLU A 107 42.77 -3.46 -11.80
N VAL A 108 43.27 -2.89 -10.70
CA VAL A 108 44.43 -3.43 -10.01
C VAL A 108 44.25 -3.32 -8.49
N ASP A 109 44.88 -4.26 -7.78
CA ASP A 109 44.81 -4.29 -6.32
C ASP A 109 46.16 -3.83 -5.74
N GLY A 110 46.19 -2.61 -5.20
CA GLY A 110 47.41 -2.09 -4.63
C GLY A 110 47.46 -2.16 -3.11
N LYS A 111 48.61 -1.84 -2.54
CA LYS A 111 48.77 -1.84 -1.09
C LYS A 111 47.98 -0.72 -0.43
N GLU A 112 48.10 0.48 -0.99
CA GLU A 112 47.39 1.64 -0.44
C GLU A 112 46.20 2.00 -1.31
N VAL A 113 45.53 3.08 -0.92
CA VAL A 113 44.37 3.58 -1.67
C VAL A 113 44.97 4.25 -2.91
N PRO A 114 44.55 3.82 -4.12
CA PRO A 114 45.06 4.40 -5.36
C PRO A 114 44.82 5.90 -5.51
N LYS A 115 45.68 6.57 -6.27
CA LYS A 115 45.54 7.99 -6.50
C LYS A 115 45.33 8.16 -7.99
N ASP A 116 45.64 7.11 -8.74
CA ASP A 116 45.45 7.11 -10.18
C ASP A 116 45.52 5.68 -10.70
N MET A 117 44.75 5.41 -11.75
CA MET A 117 44.73 4.10 -12.38
C MET A 117 45.16 4.37 -13.81
N ASP A 118 45.47 3.34 -14.59
CA ASP A 118 45.86 3.60 -15.96
C ASP A 118 44.69 3.30 -16.89
N VAL A 119 44.27 4.31 -17.60
CA VAL A 119 43.14 4.24 -18.50
C VAL A 119 43.56 4.33 -19.95
N TYR A 120 42.95 3.52 -20.82
CA TYR A 120 43.26 3.57 -22.24
C TYR A 120 42.01 3.73 -23.06
N ILE A 121 42.14 4.42 -24.18
CA ILE A 121 41.01 4.65 -25.07
C ILE A 121 41.03 3.56 -26.15
N TYR A 122 40.05 2.66 -26.11
CA TYR A 122 40.01 1.60 -27.10
C TYR A 122 39.24 1.99 -28.36
N TYR A 123 38.27 2.88 -28.23
CA TYR A 123 37.49 3.32 -29.39
C TYR A 123 37.11 4.78 -29.25
N LYS A 124 37.29 5.53 -30.33
CA LYS A 124 36.93 6.94 -30.30
C LYS A 124 36.26 7.37 -31.60
N LYS A 125 35.08 7.95 -31.48
CA LYS A 125 34.34 8.42 -32.63
C LYS A 125 33.42 9.50 -32.10
N ILE A 126 33.78 10.74 -32.35
CA ILE A 126 33.01 11.86 -31.86
C ILE A 126 32.58 12.82 -32.98
N PRO A 127 31.46 13.52 -32.79
CA PRO A 127 30.96 14.47 -33.78
C PRO A 127 31.86 15.66 -33.76
N ASP A 128 31.46 16.71 -34.44
CA ASP A 128 32.28 17.89 -34.44
C ASP A 128 31.90 18.76 -33.27
N ILE A 129 32.84 18.97 -32.37
CA ILE A 129 32.59 19.81 -31.23
C ILE A 129 32.97 21.23 -31.58
N ARG A 130 31.94 22.02 -31.85
CA ARG A 130 32.10 23.42 -32.21
C ARG A 130 32.58 24.27 -31.05
N ALA A 131 33.86 24.65 -31.09
CA ALA A 131 34.47 25.47 -30.05
C ALA A 131 33.62 26.69 -29.69
N LYS A 132 33.64 27.07 -28.41
CA LYS A 132 32.88 28.22 -27.96
C LYS A 132 31.38 28.09 -28.17
N VAL A 133 30.93 27.01 -28.81
CA VAL A 133 29.49 26.86 -29.05
C VAL A 133 28.83 25.65 -28.41
N ASP A 134 29.48 24.51 -28.48
CA ASP A 134 28.91 23.28 -27.92
C ASP A 134 29.10 23.04 -26.44
N ASN A 135 28.02 22.54 -25.82
CA ASN A 135 28.00 22.18 -24.42
C ASN A 135 28.24 20.66 -24.37
N VAL A 136 29.44 20.25 -23.97
CA VAL A 136 29.75 18.82 -23.92
C VAL A 136 29.43 18.18 -22.58
N ILE A 137 28.74 17.04 -22.63
CA ILE A 137 28.39 16.33 -21.40
C ILE A 137 29.02 14.94 -21.38
N ILE A 138 29.92 14.70 -20.44
CA ILE A 138 30.58 13.41 -20.32
C ILE A 138 29.95 12.67 -19.14
N ALA A 139 29.47 11.46 -19.38
CA ALA A 139 28.84 10.68 -18.32
C ALA A 139 29.61 9.43 -17.91
N ASP A 140 29.62 9.18 -16.60
CA ASP A 140 30.29 8.03 -16.00
C ASP A 140 29.67 7.87 -14.63
N PRO A 141 28.99 6.74 -14.40
CA PRO A 141 28.32 6.44 -13.14
C PRO A 141 29.18 6.66 -11.91
N MET A 142 30.43 6.21 -12.00
CA MET A 142 31.35 6.33 -10.87
C MET A 142 32.62 7.05 -11.20
N ILE A 143 33.04 7.92 -10.29
CA ILE A 143 34.30 8.64 -10.45
C ILE A 143 35.06 8.36 -9.17
N ALA A 144 36.06 7.48 -9.25
CA ALA A 144 36.87 7.11 -8.09
C ALA A 144 38.18 7.87 -8.04
N THR A 145 39.13 7.51 -8.88
CA THR A 145 40.41 8.20 -8.89
C THR A 145 40.36 9.31 -9.94
N ALA A 146 39.21 9.41 -10.60
CA ALA A 146 38.98 10.40 -11.65
C ALA A 146 39.90 10.14 -12.83
N SER A 147 40.68 9.07 -12.77
CA SER A 147 41.61 8.74 -13.85
C SER A 147 40.91 8.54 -15.19
N THR A 148 39.75 7.90 -15.15
CA THR A 148 38.98 7.66 -16.36
C THR A 148 38.48 9.00 -16.93
N MET A 149 37.79 9.79 -16.11
CA MET A 149 37.28 11.08 -16.55
C MET A 149 38.39 11.94 -17.11
N LEU A 150 39.51 11.97 -16.39
CA LEU A 150 40.62 12.79 -16.83
C LEU A 150 41.13 12.37 -18.20
N LYS A 151 41.19 11.07 -18.45
CA LYS A 151 41.67 10.61 -19.75
C LYS A 151 40.77 11.09 -20.86
N VAL A 152 39.45 11.04 -20.62
CA VAL A 152 38.50 11.49 -21.62
C VAL A 152 38.65 12.99 -21.79
N LEU A 153 38.60 13.72 -20.68
CA LEU A 153 38.72 15.17 -20.71
C LEU A 153 40.02 15.60 -21.37
N GLU A 154 41.07 14.80 -21.17
CA GLU A 154 42.38 15.10 -21.73
C GLU A 154 42.27 15.51 -23.18
N GLU A 155 41.18 15.13 -23.84
CA GLU A 155 41.03 15.51 -25.21
C GLU A 155 39.69 16.11 -25.60
N VAL A 156 38.79 16.23 -24.65
CA VAL A 156 37.51 16.86 -24.95
C VAL A 156 37.84 18.35 -24.87
N VAL A 157 38.75 18.68 -23.96
CA VAL A 157 39.19 20.04 -23.75
C VAL A 157 39.84 20.59 -25.00
N LYS A 158 40.56 19.73 -25.72
CA LYS A 158 41.21 20.14 -26.95
C LYS A 158 40.23 20.93 -27.83
N ALA A 159 39.02 20.40 -27.98
CA ALA A 159 38.00 21.03 -28.82
C ALA A 159 37.49 22.38 -28.33
N ASN A 160 37.89 22.73 -27.11
CA ASN A 160 37.48 24.00 -26.52
C ASN A 160 35.98 24.24 -26.64
N PRO A 161 35.16 23.44 -25.95
CA PRO A 161 33.72 23.62 -26.03
C PRO A 161 33.29 24.84 -25.26
N LYS A 162 32.03 25.23 -25.43
CA LYS A 162 31.49 26.37 -24.71
C LYS A 162 31.51 26.00 -23.23
N ARG A 163 31.06 24.78 -22.92
CA ARG A 163 31.05 24.28 -21.55
C ARG A 163 31.32 22.79 -21.56
N ILE A 164 31.67 22.26 -20.40
CA ILE A 164 31.92 20.84 -20.24
C ILE A 164 31.27 20.40 -18.93
N TYR A 165 30.25 19.57 -19.05
CA TYR A 165 29.55 19.05 -17.89
C TYR A 165 29.97 17.60 -17.65
N ILE A 166 30.10 17.23 -16.39
CA ILE A 166 30.44 15.86 -16.06
C ILE A 166 29.27 15.36 -15.25
N VAL A 167 28.83 14.15 -15.53
CA VAL A 167 27.69 13.60 -14.81
C VAL A 167 27.99 12.23 -14.25
N SER A 168 27.74 12.03 -12.96
CA SER A 168 27.99 10.75 -12.33
C SER A 168 26.99 10.54 -11.23
N ILE A 169 26.86 9.31 -10.77
CA ILE A 169 25.92 9.00 -9.70
C ILE A 169 26.61 9.26 -8.39
N ILE A 170 27.84 8.75 -8.28
CA ILE A 170 28.65 8.91 -7.09
C ILE A 170 30.06 9.25 -7.50
N SER A 171 30.65 10.20 -6.80
CA SER A 171 32.03 10.59 -7.08
C SER A 171 32.72 10.64 -5.73
N SER A 172 33.98 10.24 -5.70
CA SER A 172 34.73 10.26 -4.44
C SER A 172 35.20 11.67 -4.19
N GLU A 173 35.32 12.03 -2.92
CA GLU A 173 35.80 13.34 -2.55
C GLU A 173 37.14 13.56 -3.27
N TYR A 174 37.94 12.50 -3.38
CA TYR A 174 39.22 12.59 -4.04
C TYR A 174 39.10 12.97 -5.50
N GLY A 175 38.23 12.24 -6.19
CA GLY A 175 38.03 12.47 -7.61
C GLY A 175 37.53 13.86 -7.89
N VAL A 176 36.47 14.25 -7.19
CA VAL A 176 35.89 15.57 -7.36
C VAL A 176 36.95 16.65 -7.23
N ASN A 177 37.79 16.57 -6.20
CA ASN A 177 38.80 17.59 -6.07
C ASN A 177 39.85 17.49 -7.18
N LYS A 178 40.21 16.27 -7.55
CA LYS A 178 41.23 16.08 -8.59
C LYS A 178 40.79 16.69 -9.91
N ILE A 179 39.51 16.56 -10.23
CA ILE A 179 38.98 17.11 -11.46
C ILE A 179 38.83 18.64 -11.43
N LEU A 180 38.04 19.14 -10.48
CA LEU A 180 37.79 20.56 -10.38
C LEU A 180 39.01 21.44 -10.12
N SER A 181 40.11 20.84 -9.67
CA SER A 181 41.28 21.64 -9.42
C SER A 181 42.11 21.72 -10.71
N LYS A 182 41.88 20.78 -11.62
CA LYS A 182 42.59 20.73 -12.89
C LYS A 182 41.78 21.49 -13.95
N TYR A 183 40.45 21.40 -13.83
CA TYR A 183 39.56 22.06 -14.76
C TYR A 183 38.43 22.71 -13.98
N PRO A 184 38.74 23.80 -13.26
CA PRO A 184 37.80 24.58 -12.43
C PRO A 184 36.54 25.04 -13.16
N PHE A 185 36.59 25.10 -14.48
CA PHE A 185 35.45 25.56 -15.28
C PHE A 185 34.40 24.49 -15.56
N ILE A 186 34.73 23.25 -15.22
CA ILE A 186 33.80 22.16 -15.45
C ILE A 186 32.59 22.19 -14.53
N TYR A 187 31.43 21.87 -15.07
CA TYR A 187 30.20 21.82 -14.29
C TYR A 187 30.07 20.34 -13.94
N LEU A 188 30.41 20.02 -12.70
CA LEU A 188 30.35 18.64 -12.26
C LEU A 188 29.07 18.34 -11.51
N PHE A 189 28.24 17.46 -12.08
CA PHE A 189 26.98 17.06 -11.46
C PHE A 189 27.12 15.65 -10.89
N THR A 190 26.62 15.46 -9.68
CA THR A 190 26.67 14.16 -9.03
C THR A 190 25.55 14.05 -8.02
N VAL A 191 25.07 12.84 -7.77
CA VAL A 191 23.99 12.68 -6.80
C VAL A 191 24.56 12.62 -5.40
N ALA A 192 25.78 12.10 -5.28
CA ALA A 192 26.42 11.98 -3.98
C ALA A 192 27.92 11.91 -4.07
N ILE A 193 28.59 12.43 -3.04
CA ILE A 193 30.04 12.41 -2.99
C ILE A 193 30.44 11.53 -1.81
N ASP A 194 30.99 10.35 -2.08
CA ASP A 194 31.40 9.46 -0.99
C ASP A 194 32.81 9.80 -0.52
N PRO A 195 33.08 9.57 0.77
CA PRO A 195 34.36 9.83 1.44
C PRO A 195 35.63 9.15 1.00
N GLU A 196 35.63 7.84 0.89
CA GLU A 196 36.87 7.16 0.55
C GLU A 196 36.87 6.08 -0.52
N LEU A 197 38.08 5.68 -0.91
CA LEU A 197 38.29 4.62 -1.89
C LEU A 197 39.06 3.53 -1.16
N ASN A 198 38.96 2.29 -1.62
CA ASN A 198 39.70 1.21 -0.99
C ASN A 198 40.96 0.95 -1.80
N ASN A 199 41.71 -0.09 -1.42
CA ASN A 199 42.96 -0.40 -2.10
C ASN A 199 42.82 -0.80 -3.55
N LYS A 200 41.63 -1.24 -3.94
CA LYS A 200 41.40 -1.66 -5.31
C LYS A 200 40.89 -0.48 -6.14
N GLY A 201 40.59 0.63 -5.47
CA GLY A 201 40.11 1.81 -6.15
C GLY A 201 38.61 1.89 -6.23
N TYR A 202 37.90 1.37 -5.24
CA TYR A 202 36.46 1.41 -5.23
C TYR A 202 35.90 2.42 -4.25
N ILE A 203 34.81 3.07 -4.63
CA ILE A 203 34.18 4.08 -3.82
C ILE A 203 33.43 3.47 -2.66
N LEU A 204 33.65 4.02 -1.47
CA LEU A 204 33.03 3.55 -0.24
C LEU A 204 32.17 4.68 0.34
N PRO A 205 30.90 4.39 0.64
CA PRO A 205 30.18 3.11 0.48
C PRO A 205 30.05 2.72 -0.99
N GLY A 206 29.80 3.71 -1.85
CA GLY A 206 29.66 3.42 -3.25
C GLY A 206 28.50 2.48 -3.52
N LEU A 207 28.61 1.69 -4.59
CA LEU A 207 27.57 0.75 -4.97
C LEU A 207 28.14 -0.45 -5.72
N GLY A 208 29.43 -0.71 -5.55
CA GLY A 208 30.03 -1.84 -6.21
C GLY A 208 30.58 -1.45 -7.58
N ASP A 209 30.81 -2.45 -8.43
CA ASP A 209 31.32 -2.22 -9.78
C ASP A 209 30.14 -1.98 -10.70
N ALA A 210 30.06 -0.77 -11.25
CA ALA A 210 28.97 -0.39 -12.14
C ALA A 210 28.74 -1.43 -13.23
N GLY A 211 29.81 -1.84 -13.89
CA GLY A 211 29.69 -2.81 -14.96
C GLY A 211 29.02 -4.09 -14.51
N ASP A 212 29.47 -4.60 -13.38
CA ASP A 212 28.93 -5.82 -12.83
C ASP A 212 27.48 -5.64 -12.34
N ARG A 213 27.20 -4.51 -11.70
CA ARG A 213 25.84 -4.23 -11.21
C ARG A 213 24.85 -4.09 -12.37
N ALA A 214 25.37 -3.76 -13.56
CA ALA A 214 24.52 -3.56 -14.73
C ALA A 214 24.43 -4.74 -15.68
N PHE A 215 25.53 -5.45 -15.83
CA PHE A 215 25.54 -6.58 -16.76
C PHE A 215 25.90 -7.94 -16.16
N GLY A 216 26.25 -7.94 -14.87
CA GLY A 216 26.60 -9.18 -14.22
C GLY A 216 25.36 -9.98 -13.82
N PRO B 2 -31.56 -21.06 6.11
CA PRO B 2 -30.37 -21.81 6.55
C PRO B 2 -30.27 -21.84 8.08
N LEU B 3 -30.09 -23.04 8.64
CA LEU B 3 -29.97 -23.22 10.08
C LEU B 3 -28.55 -23.62 10.41
N TYR B 4 -27.90 -22.88 11.30
CA TYR B 4 -26.53 -23.21 11.70
C TYR B 4 -26.46 -23.41 13.21
N VAL B 5 -26.19 -24.65 13.59
CA VAL B 5 -26.05 -24.98 15.00
C VAL B 5 -24.57 -25.16 15.27
N ILE B 6 -23.94 -24.16 15.86
CA ILE B 6 -22.51 -24.22 16.16
C ILE B 6 -22.28 -24.94 17.49
N ASP B 7 -22.08 -26.25 17.38
CA ASP B 7 -21.87 -27.10 18.54
C ASP B 7 -20.45 -27.65 18.61
N LYS B 8 -19.46 -26.79 18.46
CA LYS B 8 -18.10 -27.26 18.54
C LYS B 8 -17.77 -27.26 20.04
N PRO B 9 -16.74 -28.02 20.44
CA PRO B 9 -16.35 -28.11 21.86
C PRO B 9 -16.37 -26.77 22.58
N ILE B 10 -15.60 -25.83 22.07
CA ILE B 10 -15.51 -24.53 22.70
C ILE B 10 -16.85 -23.80 22.89
N THR B 11 -17.73 -23.86 21.91
CA THR B 11 -19.01 -23.16 22.06
C THR B 11 -19.91 -23.90 23.03
N LEU B 12 -19.75 -25.21 23.11
CA LEU B 12 -20.57 -25.97 24.04
C LEU B 12 -20.02 -25.71 25.43
N HIS B 13 -18.70 -25.65 25.52
CA HIS B 13 -18.06 -25.38 26.79
C HIS B 13 -18.60 -24.08 27.39
N ILE B 14 -18.59 -23.02 26.59
CA ILE B 14 -19.09 -21.72 27.03
C ILE B 14 -20.58 -21.81 27.32
N LEU B 15 -21.33 -22.49 26.46
CA LEU B 15 -22.76 -22.62 26.68
C LEU B 15 -23.02 -23.29 28.02
N THR B 16 -22.18 -24.27 28.37
CA THR B 16 -22.33 -24.98 29.63
C THR B 16 -22.24 -23.98 30.77
N GLN B 17 -21.23 -23.12 30.72
CA GLN B 17 -21.05 -22.08 31.74
C GLN B 17 -22.27 -21.18 31.82
N LEU B 18 -22.83 -20.84 30.67
CA LEU B 18 -23.99 -19.98 30.64
C LEU B 18 -25.19 -20.67 31.27
N ARG B 19 -25.35 -21.96 30.97
CA ARG B 19 -26.48 -22.73 31.50
C ARG B 19 -26.38 -22.88 33.02
N ASP B 20 -25.17 -23.18 33.49
CA ASP B 20 -24.94 -23.37 34.93
C ASP B 20 -25.49 -22.20 35.74
N LYS B 21 -26.47 -22.47 36.59
CA LYS B 21 -27.10 -21.44 37.40
C LYS B 21 -26.15 -20.86 38.42
N TYR B 22 -25.01 -21.48 38.61
CA TYR B 22 -24.05 -20.97 39.57
C TYR B 22 -23.06 -19.98 38.95
N THR B 23 -23.38 -19.43 37.78
CA THR B 23 -22.48 -18.48 37.16
C THR B 23 -22.95 -17.04 37.41
N ASP B 24 -22.11 -16.24 38.08
CA ASP B 24 -22.45 -14.87 38.40
C ASP B 24 -22.63 -14.03 37.16
N GLN B 25 -23.29 -12.89 37.32
CA GLN B 25 -23.55 -12.02 36.19
C GLN B 25 -22.28 -11.57 35.44
N ILE B 26 -21.22 -11.30 36.16
CA ILE B 26 -20.00 -10.87 35.50
C ILE B 26 -19.51 -11.91 34.50
N ASN B 27 -19.34 -13.13 34.96
CA ASN B 27 -18.85 -14.19 34.08
C ASN B 27 -19.92 -14.58 33.08
N PHE B 28 -21.18 -14.34 33.44
CA PHE B 28 -22.24 -14.67 32.50
C PHE B 28 -22.02 -13.78 31.28
N ARG B 29 -21.91 -12.47 31.52
CA ARG B 29 -21.71 -11.49 30.47
C ARG B 29 -20.43 -11.74 29.68
N LYS B 30 -19.32 -11.92 30.39
CA LYS B 30 -18.06 -12.17 29.71
C LYS B 30 -18.19 -13.35 28.73
N ASN B 31 -18.87 -14.41 29.16
CA ASN B 31 -19.04 -15.56 28.29
C ASN B 31 -19.88 -15.24 27.08
N LEU B 32 -20.88 -14.39 27.29
CA LEU B 32 -21.77 -13.97 26.24
C LEU B 32 -21.00 -13.19 25.17
N VAL B 33 -20.05 -12.36 25.60
CA VAL B 33 -19.26 -11.59 24.68
C VAL B 33 -18.37 -12.54 23.91
N ARG B 34 -17.72 -13.44 24.63
CA ARG B 34 -16.81 -14.41 24.03
C ARG B 34 -17.55 -15.21 22.96
N LEU B 35 -18.76 -15.64 23.25
CA LEU B 35 -19.54 -16.38 22.27
C LEU B 35 -19.81 -15.48 21.05
N GLY B 36 -20.26 -14.24 21.31
CA GLY B 36 -20.52 -13.33 20.22
C GLY B 36 -19.35 -13.30 19.23
N ARG B 37 -18.14 -13.14 19.73
CA ARG B 37 -16.95 -13.13 18.86
C ARG B 37 -16.86 -14.42 18.04
N ILE B 38 -17.04 -15.56 18.69
CA ILE B 38 -16.96 -16.84 18.02
C ILE B 38 -18.04 -16.98 16.95
N LEU B 39 -19.29 -16.75 17.34
CA LEU B 39 -20.38 -16.84 16.39
C LEU B 39 -20.12 -15.87 15.22
N GLY B 40 -19.47 -14.76 15.51
CA GLY B 40 -19.15 -13.82 14.46
C GLY B 40 -18.22 -14.49 13.48
N TYR B 41 -17.14 -15.07 14.00
CA TYR B 41 -16.18 -15.79 13.19
C TYR B 41 -16.93 -16.78 12.30
N GLU B 42 -17.82 -17.56 12.93
CA GLU B 42 -18.59 -18.56 12.21
C GLU B 42 -19.39 -17.95 11.06
N ILE B 43 -20.10 -16.87 11.34
CA ILE B 43 -20.88 -16.20 10.32
C ILE B 43 -19.94 -15.73 9.19
N SER B 44 -18.79 -15.19 9.57
CA SER B 44 -17.82 -14.71 8.60
C SER B 44 -17.60 -15.73 7.49
N ASN B 45 -17.41 -16.98 7.87
CA ASN B 45 -17.15 -17.98 6.87
C ASN B 45 -18.33 -18.32 5.97
N THR B 46 -19.51 -17.79 6.28
CA THR B 46 -20.67 -18.06 5.42
C THR B 46 -20.85 -16.87 4.52
N LEU B 47 -20.17 -15.78 4.85
CA LEU B 47 -20.28 -14.55 4.06
C LEU B 47 -19.88 -14.74 2.61
N ASP B 48 -20.48 -13.91 1.78
CA ASP B 48 -20.19 -13.92 0.38
C ASP B 48 -18.81 -13.31 0.17
N TYR B 49 -17.99 -13.93 -0.66
CA TYR B 49 -16.68 -13.36 -0.88
C TYR B 49 -16.22 -13.47 -2.34
N GLU B 50 -15.13 -12.80 -2.66
CA GLU B 50 -14.63 -12.86 -4.01
C GLU B 50 -13.18 -13.32 -4.02
N ILE B 51 -12.78 -13.89 -5.15
CA ILE B 51 -11.42 -14.37 -5.30
C ILE B 51 -10.63 -13.22 -5.91
N VAL B 52 -9.42 -13.02 -5.43
CA VAL B 52 -8.61 -11.95 -5.93
C VAL B 52 -7.21 -12.44 -6.11
N GLU B 53 -6.34 -11.55 -6.54
CA GLU B 53 -4.96 -11.91 -6.71
C GLU B 53 -4.18 -10.90 -5.88
N VAL B 54 -3.02 -11.31 -5.40
CA VAL B 54 -2.19 -10.44 -4.57
C VAL B 54 -0.72 -10.72 -4.79
N GLU B 55 0.06 -9.64 -4.81
CA GLU B 55 1.49 -9.74 -5.01
C GLU B 55 2.17 -9.69 -3.66
N THR B 56 3.02 -10.67 -3.43
CA THR B 56 3.71 -10.75 -2.17
C THR B 56 5.04 -10.03 -2.31
N PRO B 57 5.69 -9.71 -1.17
CA PRO B 57 6.98 -9.02 -1.17
C PRO B 57 8.00 -9.73 -2.03
N LEU B 58 7.77 -11.01 -2.29
CA LEU B 58 8.72 -11.76 -3.11
C LEU B 58 8.50 -11.53 -4.58
N GLY B 59 7.71 -10.50 -4.90
CA GLY B 59 7.45 -10.15 -6.28
C GLY B 59 6.71 -11.20 -7.07
N VAL B 60 5.94 -12.06 -6.40
CA VAL B 60 5.18 -13.07 -7.10
C VAL B 60 3.73 -12.80 -6.82
N LYS B 61 2.87 -13.25 -7.72
CA LYS B 61 1.45 -13.04 -7.52
C LYS B 61 0.83 -14.38 -7.17
N THR B 62 -0.16 -14.33 -6.29
CA THR B 62 -0.85 -15.54 -5.86
C THR B 62 -2.29 -15.14 -5.64
N LYS B 63 -3.21 -16.10 -5.72
CA LYS B 63 -4.60 -15.78 -5.53
C LYS B 63 -4.93 -15.76 -4.06
N GLY B 64 -5.95 -14.98 -3.71
CA GLY B 64 -6.36 -14.87 -2.33
C GLY B 64 -7.85 -14.60 -2.24
N VAL B 65 -8.33 -14.40 -1.03
CA VAL B 65 -9.73 -14.13 -0.81
C VAL B 65 -9.91 -12.75 -0.22
N ASP B 66 -11.06 -12.16 -0.49
CA ASP B 66 -11.38 -10.85 0.03
C ASP B 66 -12.88 -10.83 0.31
N ILE B 67 -13.25 -10.85 1.59
CA ILE B 67 -14.65 -10.83 1.95
C ILE B 67 -15.03 -9.38 2.03
N THR B 68 -15.27 -8.80 0.87
CA THR B 68 -15.64 -7.40 0.79
C THR B 68 -16.90 -7.14 1.61
N ASP B 69 -17.78 -8.12 1.68
CA ASP B 69 -19.00 -7.95 2.45
C ASP B 69 -18.76 -7.55 3.91
N LEU B 70 -17.53 -7.68 4.38
CA LEU B 70 -17.19 -7.29 5.74
C LEU B 70 -17.40 -5.80 5.96
N ASN B 71 -17.70 -5.07 4.89
CA ASN B 71 -17.94 -3.64 4.97
C ASN B 71 -19.43 -3.38 4.87
N ASN B 72 -20.18 -4.43 4.61
CA ASN B 72 -21.62 -4.29 4.46
C ASN B 72 -22.35 -5.07 5.52
N ILE B 73 -22.03 -4.76 6.77
CA ILE B 73 -22.65 -5.42 7.90
C ILE B 73 -23.31 -4.43 8.84
N VAL B 74 -24.53 -4.75 9.23
CA VAL B 74 -25.26 -3.91 10.14
C VAL B 74 -25.75 -4.83 11.25
N ILE B 75 -25.31 -4.54 12.48
CA ILE B 75 -25.72 -5.36 13.60
C ILE B 75 -26.81 -4.66 14.36
N ILE B 76 -27.89 -5.37 14.62
CA ILE B 76 -28.99 -4.77 15.33
C ILE B 76 -29.03 -5.23 16.76
N ASN B 77 -28.95 -4.25 17.66
CA ASN B 77 -28.94 -4.51 19.09
C ASN B 77 -30.34 -4.40 19.69
N ILE B 78 -30.87 -5.53 20.16
CA ILE B 78 -32.19 -5.54 20.77
C ILE B 78 -32.12 -4.92 22.16
N LEU B 79 -30.90 -4.72 22.65
CA LEU B 79 -30.65 -4.15 23.98
C LEU B 79 -30.84 -5.17 25.11
N ARG B 80 -30.70 -4.70 26.34
CA ARG B 80 -30.81 -5.56 27.51
C ARG B 80 -29.80 -6.70 27.42
N ALA B 81 -30.24 -7.94 27.58
CA ALA B 81 -29.31 -9.07 27.53
C ALA B 81 -28.51 -9.20 26.22
N ALA B 82 -29.02 -8.64 25.14
CA ALA B 82 -28.32 -8.75 23.86
C ALA B 82 -27.00 -7.99 23.81
N VAL B 83 -26.91 -6.93 24.62
CA VAL B 83 -25.73 -6.09 24.66
C VAL B 83 -24.41 -6.83 24.67
N PRO B 84 -24.19 -7.72 25.68
CA PRO B 84 -22.93 -8.47 25.73
C PRO B 84 -22.69 -9.31 24.49
N LEU B 85 -23.77 -9.88 23.94
CA LEU B 85 -23.66 -10.71 22.73
C LEU B 85 -23.27 -9.84 21.54
N VAL B 86 -23.92 -8.69 21.43
CA VAL B 86 -23.64 -7.75 20.35
C VAL B 86 -22.18 -7.25 20.46
N GLU B 87 -21.75 -7.03 21.69
CA GLU B 87 -20.39 -6.58 21.93
C GLU B 87 -19.42 -7.58 21.32
N GLY B 88 -19.73 -8.86 21.49
CA GLY B 88 -18.88 -9.88 20.92
C GLY B 88 -18.91 -9.82 19.41
N LEU B 89 -20.11 -9.69 18.86
CA LEU B 89 -20.28 -9.62 17.41
C LEU B 89 -19.51 -8.43 16.84
N LEU B 90 -19.64 -7.27 17.48
CA LEU B 90 -18.92 -6.09 17.01
C LEU B 90 -17.42 -6.33 16.97
N LYS B 91 -16.87 -7.02 17.97
CA LYS B 91 -15.43 -7.29 17.99
C LYS B 91 -15.07 -8.14 16.80
N ALA B 92 -16.02 -8.94 16.33
CA ALA B 92 -15.83 -9.82 15.18
C ALA B 92 -15.88 -9.04 13.87
N PHE B 93 -16.78 -8.05 13.80
CA PHE B 93 -16.95 -7.24 12.60
C PHE B 93 -16.58 -5.79 12.88
N PRO B 94 -15.28 -5.50 12.96
CA PRO B 94 -14.75 -4.16 13.22
C PRO B 94 -15.41 -3.04 12.43
N LYS B 95 -15.72 -3.32 11.17
CA LYS B 95 -16.31 -2.32 10.30
C LYS B 95 -17.84 -2.36 10.24
N ALA B 96 -18.48 -2.98 11.22
CA ALA B 96 -19.93 -3.07 11.19
C ALA B 96 -20.63 -1.87 11.77
N ARG B 97 -21.75 -1.50 11.17
CA ARG B 97 -22.51 -0.39 11.68
C ARG B 97 -23.48 -1.02 12.66
N GLN B 98 -24.03 -0.21 13.55
CA GLN B 98 -24.94 -0.74 14.52
C GLN B 98 -26.17 0.12 14.72
N GLY B 99 -27.31 -0.53 14.79
CA GLY B 99 -28.54 0.19 15.01
C GLY B 99 -29.14 -0.52 16.20
N VAL B 100 -30.15 0.07 16.83
CA VAL B 100 -30.77 -0.60 17.96
C VAL B 100 -32.27 -0.53 17.87
N ILE B 101 -32.90 -1.65 18.15
CA ILE B 101 -34.34 -1.73 18.14
C ILE B 101 -34.69 -2.35 19.47
N GLY B 102 -34.87 -1.49 20.47
CA GLY B 102 -35.22 -1.95 21.80
C GLY B 102 -36.63 -2.52 21.81
N ALA B 103 -36.71 -3.84 21.88
CA ALA B 103 -37.98 -4.53 21.90
C ALA B 103 -38.04 -5.38 23.15
N SER B 104 -39.22 -5.44 23.78
CA SER B 104 -39.38 -6.23 24.99
C SER B 104 -40.72 -6.93 25.03
N ARG B 105 -40.69 -8.26 25.07
CA ARG B 105 -41.93 -9.01 25.14
C ARG B 105 -42.47 -8.83 26.54
N VAL B 106 -43.77 -9.02 26.72
CA VAL B 106 -44.38 -8.88 28.03
C VAL B 106 -44.35 -10.23 28.73
N GLU B 107 -43.64 -10.30 29.86
CA GLU B 107 -43.56 -11.54 30.62
C GLU B 107 -44.91 -11.83 31.26
N VAL B 108 -45.48 -12.98 30.94
CA VAL B 108 -46.77 -13.39 31.48
C VAL B 108 -46.80 -14.88 31.80
N ASP B 109 -47.60 -15.25 32.80
CA ASP B 109 -47.73 -16.64 33.20
C ASP B 109 -49.08 -17.20 32.73
N GLY B 110 -49.04 -18.06 31.71
CA GLY B 110 -50.27 -18.63 31.19
C GLY B 110 -50.52 -20.06 31.64
N LYS B 111 -51.70 -20.59 31.31
CA LYS B 111 -52.05 -21.95 31.67
C LYS B 111 -51.22 -22.94 30.88
N GLU B 112 -51.13 -22.74 29.57
CA GLU B 112 -50.37 -23.65 28.71
C GLU B 112 -49.05 -23.03 28.31
N VAL B 113 -48.32 -23.76 27.48
CA VAL B 113 -47.03 -23.30 26.97
C VAL B 113 -47.39 -22.24 25.92
N PRO B 114 -46.86 -21.02 26.06
CA PRO B 114 -47.13 -19.92 25.11
C PRO B 114 -46.71 -20.23 23.68
N LYS B 115 -47.40 -19.60 22.73
CA LYS B 115 -47.06 -19.77 21.32
C LYS B 115 -46.64 -18.42 20.80
N ASP B 116 -46.96 -17.39 21.56
CA ASP B 116 -46.58 -16.03 21.21
C ASP B 116 -46.74 -15.14 22.43
N MET B 117 -45.87 -14.13 22.53
CA MET B 117 -45.92 -13.18 23.62
C MET B 117 -46.13 -11.84 22.93
N ASP B 118 -46.46 -10.80 23.68
CA ASP B 118 -46.64 -9.50 23.05
C ASP B 118 -45.32 -8.74 23.20
N VAL B 119 -44.78 -8.26 22.09
CA VAL B 119 -43.53 -7.51 22.12
C VAL B 119 -43.76 -6.10 21.62
N TYR B 120 -43.13 -5.13 22.27
CA TYR B 120 -43.26 -3.73 21.87
C TYR B 120 -41.90 -3.06 21.68
N ILE B 121 -41.79 -2.25 20.64
CA ILE B 121 -40.54 -1.55 20.33
C ILE B 121 -40.54 -0.21 21.09
N TYR B 122 -39.69 -0.10 22.10
CA TYR B 122 -39.63 1.15 22.86
C TYR B 122 -38.65 2.18 22.26
N TYR B 123 -37.62 1.71 21.58
CA TYR B 123 -36.66 2.62 20.97
C TYR B 123 -36.14 2.06 19.66
N LYS B 124 -36.07 2.89 18.63
CA LYS B 124 -35.58 2.44 17.34
C LYS B 124 -34.69 3.50 16.71
N LYS B 125 -33.49 3.11 16.34
CA LYS B 125 -32.56 4.01 15.70
C LYS B 125 -31.60 3.12 14.95
N ILE B 126 -31.78 3.05 13.64
CA ILE B 126 -30.95 2.20 12.81
C ILE B 126 -30.29 2.96 11.66
N PRO B 127 -29.13 2.48 11.21
CA PRO B 127 -28.41 3.13 10.11
C PRO B 127 -29.17 2.87 8.83
N ASP B 128 -28.61 3.20 7.69
CA ASP B 128 -29.37 2.89 6.52
C ASP B 128 -28.97 1.61 5.86
N ILE B 129 -29.93 0.70 5.95
CA ILE B 129 -29.75 -0.64 5.43
C ILE B 129 -29.91 -0.66 3.92
N ARG B 130 -28.78 -0.70 3.24
CA ARG B 130 -28.75 -0.72 1.79
C ARG B 130 -29.27 -2.03 1.21
N ALA B 131 -30.48 -1.98 0.66
CA ALA B 131 -31.13 -3.15 0.06
C ALA B 131 -30.20 -3.89 -0.89
N LYS B 132 -30.36 -5.21 -0.92
CA LYS B 132 -29.53 -6.04 -1.79
C LYS B 132 -28.04 -5.95 -1.49
N VAL B 133 -27.63 -5.09 -0.57
CA VAL B 133 -26.21 -4.96 -0.28
C VAL B 133 -25.77 -5.31 1.13
N ASP B 134 -26.53 -4.85 2.11
CA ASP B 134 -26.17 -5.10 3.51
C ASP B 134 -26.58 -6.43 4.12
N ASN B 135 -25.65 -6.98 4.89
CA ASN B 135 -25.86 -8.23 5.59
C ASN B 135 -26.26 -7.81 7.02
N VAL B 136 -27.53 -8.00 7.36
CA VAL B 136 -28.00 -7.62 8.69
C VAL B 136 -27.93 -8.76 9.69
N ILE B 137 -27.39 -8.48 10.88
CA ILE B 137 -27.28 -9.48 11.92
C ILE B 137 -28.06 -9.06 13.16
N ILE B 138 -29.09 -9.81 13.49
CA ILE B 138 -29.91 -9.50 14.67
C ILE B 138 -29.52 -10.48 15.77
N ALA B 139 -29.14 -9.96 16.95
CA ALA B 139 -28.75 -10.82 18.06
C ALA B 139 -29.71 -10.79 19.24
N ASP B 140 -29.92 -11.97 19.81
CA ASP B 140 -30.79 -12.15 20.98
C ASP B 140 -30.37 -13.49 21.59
N PRO B 141 -29.85 -13.46 22.83
CA PRO B 141 -29.40 -14.65 23.53
C PRO B 141 -30.40 -15.80 23.52
N MET B 142 -31.66 -15.47 23.75
CA MET B 142 -32.69 -16.49 23.79
C MET B 142 -33.83 -16.25 22.83
N ILE B 143 -34.26 -17.32 22.17
CA ILE B 143 -35.39 -17.25 21.27
C ILE B 143 -36.35 -18.33 21.76
N ALA B 144 -37.41 -17.91 22.45
CA ALA B 144 -38.40 -18.85 22.99
C ALA B 144 -39.61 -19.00 22.09
N THR B 145 -40.48 -18.01 22.10
CA THR B 145 -41.66 -18.05 21.23
C THR B 145 -41.35 -17.35 19.91
N ALA B 146 -40.12 -16.85 19.80
CA ALA B 146 -39.66 -16.15 18.60
C ALA B 146 -40.44 -14.85 18.41
N SER B 147 -41.34 -14.55 19.32
CA SER B 147 -42.15 -13.33 19.24
C SER B 147 -41.29 -12.07 19.18
N THR B 148 -40.23 -12.05 19.97
CA THR B 148 -39.36 -10.90 19.99
C THR B 148 -38.63 -10.76 18.65
N MET B 149 -37.96 -11.83 18.20
CA MET B 149 -37.26 -11.81 16.93
C MET B 149 -38.19 -11.41 15.81
N LEU B 150 -39.36 -12.00 15.79
CA LEU B 150 -40.32 -11.70 14.75
C LEU B 150 -40.70 -10.23 14.71
N LYS B 151 -40.89 -9.62 15.88
CA LYS B 151 -41.23 -8.20 15.91
C LYS B 151 -40.14 -7.36 15.29
N VAL B 152 -38.89 -7.70 15.60
CA VAL B 152 -37.77 -6.96 15.04
C VAL B 152 -37.72 -7.19 13.53
N LEU B 153 -37.73 -8.46 13.14
CA LEU B 153 -37.68 -8.83 11.73
C LEU B 153 -38.83 -8.18 10.96
N GLU B 154 -39.96 -8.06 11.63
CA GLU B 154 -41.15 -7.48 11.02
C GLU B 154 -40.80 -6.21 10.27
N GLU B 155 -39.69 -5.59 10.60
CA GLU B 155 -39.33 -4.39 9.90
C GLU B 155 -37.90 -4.31 9.43
N VAL B 156 -37.12 -5.35 9.69
CA VAL B 156 -35.74 -5.35 9.19
C VAL B 156 -35.91 -5.80 7.75
N VAL B 157 -36.89 -6.67 7.54
CA VAL B 157 -37.20 -7.21 6.23
C VAL B 157 -37.62 -6.10 5.27
N LYS B 158 -38.32 -5.11 5.79
CA LYS B 158 -38.76 -3.97 4.99
C LYS B 158 -37.58 -3.43 4.15
N ALA B 159 -36.43 -3.27 4.79
CA ALA B 159 -35.26 -2.73 4.12
C ALA B 159 -34.69 -3.63 3.03
N ASN B 160 -35.19 -4.85 2.95
CA ASN B 160 -34.73 -5.82 1.97
C ASN B 160 -33.20 -5.92 1.92
N PRO B 161 -32.58 -6.43 2.98
CA PRO B 161 -31.11 -6.53 2.98
C PRO B 161 -30.67 -7.65 2.07
N LYS B 162 -29.35 -7.71 1.84
CA LYS B 162 -28.78 -8.77 1.02
C LYS B 162 -29.03 -10.09 1.77
N ARG B 163 -28.77 -10.09 3.07
CA ARG B 163 -29.00 -11.26 3.91
C ARG B 163 -29.43 -10.82 5.30
N ILE B 164 -30.01 -11.75 6.04
CA ILE B 164 -30.42 -11.49 7.41
C ILE B 164 -30.00 -12.67 8.27
N TYR B 165 -29.07 -12.44 9.17
CA TYR B 165 -28.59 -13.47 10.07
C TYR B 165 -29.19 -13.27 11.47
N ILE B 166 -29.55 -14.36 12.12
CA ILE B 166 -30.07 -14.26 13.47
C ILE B 166 -29.07 -15.01 14.32
N VAL B 167 -28.72 -14.45 15.47
CA VAL B 167 -27.76 -15.10 16.35
C VAL B 167 -28.29 -15.20 17.76
N SER B 168 -28.24 -16.42 18.31
CA SER B 168 -28.71 -16.65 19.66
C SER B 168 -27.86 -17.73 20.30
N ILE B 169 -27.95 -17.86 21.62
CA ILE B 169 -27.20 -18.88 22.32
C ILE B 169 -28.03 -20.15 22.31
N ILE B 170 -29.30 -19.98 22.66
CA ILE B 170 -30.22 -21.09 22.70
C ILE B 170 -31.54 -20.66 22.06
N SER B 171 -32.11 -21.53 21.25
CA SER B 171 -33.39 -21.22 20.62
C SER B 171 -34.24 -22.46 20.82
N SER B 172 -35.53 -22.27 21.05
CA SER B 172 -36.41 -23.40 21.25
C SER B 172 -36.76 -23.99 19.89
N GLU B 173 -37.03 -25.29 19.87
CA GLU B 173 -37.38 -25.96 18.63
C GLU B 173 -38.58 -25.21 18.05
N TYR B 174 -39.47 -24.75 18.91
CA TYR B 174 -40.65 -24.02 18.47
C TYR B 174 -40.27 -22.72 17.76
N GLY B 175 -39.42 -21.94 18.41
CA GLY B 175 -39.00 -20.67 17.84
C GLY B 175 -38.31 -20.83 16.51
N VAL B 176 -37.33 -21.72 16.46
CA VAL B 176 -36.60 -21.97 15.24
C VAL B 176 -37.54 -22.28 14.08
N ASN B 177 -38.53 -23.13 14.33
CA ASN B 177 -39.47 -23.49 13.29
C ASN B 177 -40.30 -22.28 12.92
N LYS B 178 -40.78 -21.58 13.92
CA LYS B 178 -41.63 -20.42 13.67
C LYS B 178 -40.95 -19.38 12.81
N ILE B 179 -39.66 -19.17 13.03
CA ILE B 179 -38.91 -18.18 12.26
C ILE B 179 -38.59 -18.63 10.84
N LEU B 180 -37.90 -19.75 10.71
CA LEU B 180 -37.51 -20.28 9.41
C LEU B 180 -38.66 -20.64 8.47
N SER B 181 -39.86 -20.82 9.01
CA SER B 181 -40.97 -21.15 8.13
C SER B 181 -41.60 -19.86 7.61
N LYS B 182 -41.36 -18.76 8.30
CA LYS B 182 -41.89 -17.46 7.90
C LYS B 182 -40.86 -16.74 7.04
N TYR B 183 -39.59 -16.96 7.33
CA TYR B 183 -38.52 -16.34 6.59
C TYR B 183 -37.43 -17.37 6.31
N PRO B 184 -37.71 -18.33 5.43
CA PRO B 184 -36.81 -19.41 5.03
C PRO B 184 -35.41 -18.98 4.59
N PHE B 185 -35.28 -17.73 4.19
CA PHE B 185 -34.01 -17.19 3.70
C PHE B 185 -33.07 -16.71 4.80
N ILE B 186 -33.56 -16.68 6.03
CA ILE B 186 -32.74 -16.25 7.13
C ILE B 186 -31.67 -17.27 7.50
N TYR B 187 -30.48 -16.77 7.82
CA TYR B 187 -29.38 -17.62 8.27
C TYR B 187 -29.46 -17.56 9.79
N LEU B 188 -30.03 -18.60 10.38
CA LEU B 188 -30.17 -18.66 11.83
C LEU B 188 -29.02 -19.43 12.51
N PHE B 189 -28.22 -18.72 13.30
CA PHE B 189 -27.10 -19.32 14.02
C PHE B 189 -27.46 -19.47 15.50
N THR B 190 -27.15 -20.63 16.06
CA THR B 190 -27.44 -20.87 17.46
C THR B 190 -26.47 -21.91 17.99
N VAL B 191 -26.18 -21.85 19.29
CA VAL B 191 -25.27 -22.84 19.85
C VAL B 191 -26.02 -24.12 20.19
N ALA B 192 -27.29 -23.98 20.55
CA ALA B 192 -28.09 -25.14 20.90
C ALA B 192 -29.57 -24.89 20.71
N ILE B 193 -30.30 -25.96 20.40
CA ILE B 193 -31.75 -25.86 20.24
C ILE B 193 -32.38 -26.71 21.32
N ASP B 194 -33.03 -26.08 22.31
CA ASP B 194 -33.66 -26.83 23.37
C ASP B 194 -35.08 -27.24 22.97
N PRO B 195 -35.54 -28.38 23.48
CA PRO B 195 -36.86 -28.97 23.23
C PRO B 195 -38.13 -28.23 23.59
N GLU B 196 -38.26 -27.76 24.82
CA GLU B 196 -39.51 -27.13 25.20
C GLU B 196 -39.49 -25.80 25.94
N LEU B 197 -40.69 -25.23 26.07
CA LEU B 197 -40.89 -23.97 26.77
C LEU B 197 -41.86 -24.29 27.90
N ASN B 198 -41.84 -23.50 28.98
CA ASN B 198 -42.77 -23.75 30.06
C ASN B 198 -43.95 -22.79 29.92
N ASN B 199 -44.84 -22.79 30.90
CA ASN B 199 -46.03 -21.93 30.85
C ASN B 199 -45.74 -20.44 30.88
N LYS B 200 -44.56 -20.06 31.36
CA LYS B 200 -44.20 -18.66 31.43
C LYS B 200 -43.45 -18.24 30.17
N GLY B 201 -43.12 -19.22 29.34
CA GLY B 201 -42.44 -18.92 28.10
C GLY B 201 -40.93 -19.00 28.21
N TYR B 202 -40.43 -19.88 29.08
CA TYR B 202 -38.99 -20.04 29.22
C TYR B 202 -38.46 -21.31 28.60
N ILE B 203 -37.27 -21.21 28.02
CA ILE B 203 -36.63 -22.34 27.36
C ILE B 203 -36.13 -23.38 28.37
N LEU B 204 -36.46 -24.63 28.12
CA LEU B 204 -36.05 -25.74 28.98
C LEU B 204 -35.15 -26.68 28.19
N PRO B 205 -33.95 -27.01 28.72
CA PRO B 205 -33.36 -26.58 29.99
C PRO B 205 -33.10 -25.08 30.01
N GLY B 206 -32.63 -24.55 28.89
CA GLY B 206 -32.34 -23.13 28.80
C GLY B 206 -31.27 -22.73 29.78
N LEU B 207 -31.35 -21.49 30.24
CA LEU B 207 -30.37 -20.97 31.19
C LEU B 207 -30.96 -19.88 32.06
N GLY B 208 -32.27 -19.85 32.17
CA GLY B 208 -32.93 -18.83 32.98
C GLY B 208 -33.23 -17.56 32.19
N ASP B 209 -33.46 -16.46 32.90
CA ASP B 209 -33.74 -15.19 32.26
C ASP B 209 -32.44 -14.48 31.96
N ALA B 210 -32.15 -14.32 30.68
CA ALA B 210 -30.91 -13.67 30.23
C ALA B 210 -30.66 -12.36 30.96
N GLY B 211 -31.68 -11.52 31.03
CA GLY B 211 -31.54 -10.23 31.69
C GLY B 211 -31.08 -10.36 33.13
N ASP B 212 -31.73 -11.27 33.85
CA ASP B 212 -31.40 -11.52 35.24
C ASP B 212 -30.02 -12.16 35.38
N ARG B 213 -29.70 -13.11 34.51
CA ARG B 213 -28.41 -13.78 34.56
C ARG B 213 -27.26 -12.81 34.25
N ALA B 214 -27.57 -11.71 33.57
CA ALA B 214 -26.55 -10.74 33.19
C ALA B 214 -26.48 -9.51 34.07
N PHE B 215 -27.62 -9.07 34.59
CA PHE B 215 -27.64 -7.86 35.42
C PHE B 215 -28.22 -8.05 36.81
N GLY B 216 -28.75 -9.23 37.09
CA GLY B 216 -29.30 -9.48 38.40
C GLY B 216 -28.23 -9.76 39.46
N PRO C 2 12.78 15.66 31.48
CA PRO C 2 11.53 15.66 32.28
C PRO C 2 11.35 14.30 32.97
N LEU C 3 11.06 14.34 34.27
CA LEU C 3 10.84 13.12 35.03
C LEU C 3 9.39 13.05 35.47
N TYR C 4 8.72 11.96 35.14
CA TYR C 4 7.33 11.81 35.51
C TYR C 4 7.15 10.55 36.35
N VAL C 5 6.78 10.74 37.61
CA VAL C 5 6.54 9.63 38.51
C VAL C 5 5.03 9.53 38.71
N ILE C 6 4.41 8.58 38.01
CA ILE C 6 2.96 8.43 38.11
C ILE C 6 2.60 7.57 39.30
N ASP C 7 2.38 8.25 40.42
CA ASP C 7 2.04 7.59 41.67
C ASP C 7 0.60 7.84 42.11
N LYS C 8 -0.35 7.63 41.22
CA LYS C 8 -1.74 7.82 41.59
C LYS C 8 -2.17 6.49 42.20
N PRO C 9 -3.24 6.50 43.02
CA PRO C 9 -3.73 5.28 43.66
C PRO C 9 -3.71 4.05 42.79
N ILE C 10 -4.40 4.13 41.65
CA ILE C 10 -4.49 2.99 40.76
C ILE C 10 -3.15 2.47 40.26
N THR C 11 -2.18 3.34 39.97
CA THR C 11 -0.91 2.83 39.48
C THR C 11 -0.09 2.22 40.64
N LEU C 12 -0.30 2.74 41.85
CA LEU C 12 0.41 2.20 42.99
C LEU C 12 -0.22 0.86 43.30
N HIS C 13 -1.54 0.81 43.22
CA HIS C 13 -2.25 -0.42 43.48
C HIS C 13 -1.70 -1.54 42.59
N ILE C 14 -1.59 -1.26 41.29
CA ILE C 14 -1.08 -2.26 40.37
C ILE C 14 0.37 -2.56 40.67
N LEU C 15 1.14 -1.52 40.96
CA LEU C 15 2.55 -1.73 41.27
C LEU C 15 2.70 -2.66 42.47
N THR C 16 1.80 -2.50 43.45
CA THR C 16 1.85 -3.34 44.64
C THR C 16 1.71 -4.79 44.22
N GLN C 17 0.75 -5.07 43.33
CA GLN C 17 0.53 -6.44 42.86
C GLN C 17 1.76 -6.96 42.15
N LEU C 18 2.41 -6.10 41.38
CA LEU C 18 3.61 -6.50 40.67
C LEU C 18 4.74 -6.81 41.63
N ARG C 19 4.88 -6.00 42.69
CA ARG C 19 5.92 -6.18 43.69
C ARG C 19 5.69 -7.47 44.47
N ASP C 20 4.43 -7.68 44.85
CA ASP C 20 4.05 -8.87 45.61
C ASP C 20 4.63 -10.11 44.96
N LYS C 21 5.48 -10.83 45.71
CA LYS C 21 6.15 -12.04 45.20
C LYS C 21 5.16 -13.15 44.92
N TYR C 22 4.03 -13.06 45.59
CA TYR C 22 3.02 -14.08 45.45
C TYR C 22 2.13 -13.91 44.24
N THR C 23 2.55 -13.11 43.26
CA THR C 23 1.73 -12.93 42.07
C THR C 23 2.23 -13.82 40.91
N ASP C 24 1.37 -14.73 40.45
CA ASP C 24 1.74 -15.64 39.35
C ASP C 24 2.04 -14.89 38.06
N GLN C 25 2.73 -15.56 37.16
CA GLN C 25 3.11 -14.93 35.90
C GLN C 25 1.91 -14.40 35.09
N ILE C 26 0.79 -15.12 35.11
CA ILE C 26 -0.35 -14.66 34.34
C ILE C 26 -0.80 -13.30 34.81
N ASN C 27 -1.10 -13.17 36.10
CA ASN C 27 -1.54 -11.89 36.64
C ASN C 27 -0.41 -10.87 36.62
N PHE C 28 0.83 -11.34 36.66
CA PHE C 28 1.92 -10.40 36.61
C PHE C 28 1.82 -9.70 35.26
N ARG C 29 1.76 -10.50 34.18
CA ARG C 29 1.67 -9.96 32.82
C ARG C 29 0.44 -9.09 32.61
N LYS C 30 -0.72 -9.58 33.03
CA LYS C 30 -1.94 -8.82 32.88
C LYS C 30 -1.78 -7.43 33.51
N ASN C 31 -1.19 -7.37 34.69
CA ASN C 31 -1.00 -6.09 35.38
C ASN C 31 -0.06 -5.21 34.60
N LEU C 32 0.94 -5.81 34.00
CA LEU C 32 1.93 -5.08 33.22
C LEU C 32 1.28 -4.43 31.98
N VAL C 33 0.32 -5.13 31.39
CA VAL C 33 -0.38 -4.60 30.23
C VAL C 33 -1.25 -3.44 30.71
N ARG C 34 -1.99 -3.69 31.79
CA ARG C 34 -2.88 -2.68 32.35
C ARG C 34 -2.11 -1.39 32.64
N LEU C 35 -0.92 -1.52 33.20
CA LEU C 35 -0.12 -0.34 33.50
C LEU C 35 0.27 0.33 32.19
N GLY C 36 0.73 -0.47 31.23
CA GLY C 36 1.13 0.09 29.95
C GLY C 36 0.06 1.03 29.40
N ARG C 37 -1.19 0.58 29.44
CA ARG C 37 -2.27 1.40 28.95
C ARG C 37 -2.28 2.72 29.75
N ILE C 38 -2.40 2.60 31.06
CA ILE C 38 -2.43 3.79 31.92
C ILE C 38 -1.27 4.75 31.64
N LEU C 39 -0.05 4.24 31.69
CA LEU C 39 1.11 5.08 31.43
C LEU C 39 0.96 5.72 30.05
N GLY C 40 0.32 4.99 29.13
CA GLY C 40 0.10 5.55 27.79
C GLY C 40 -0.77 6.77 27.91
N TYR C 41 -1.91 6.59 28.59
CA TYR C 41 -2.83 7.68 28.81
C TYR C 41 -2.07 8.88 29.36
N GLU C 42 -1.26 8.64 30.40
CA GLU C 42 -0.47 9.68 31.03
C GLU C 42 0.42 10.40 30.05
N ILE C 43 1.15 9.64 29.23
CA ILE C 43 2.03 10.24 28.25
C ILE C 43 1.19 11.08 27.28
N SER C 44 0.03 10.55 26.89
CA SER C 44 -0.85 11.26 25.98
C SER C 44 -1.03 12.69 26.38
N ASN C 45 -1.32 12.93 27.66
CA ASN C 45 -1.52 14.29 28.10
C ASN C 45 -0.30 15.18 28.11
N THR C 46 0.87 14.63 27.83
CA THR C 46 2.08 15.47 27.78
C THR C 46 2.37 15.75 26.31
N LEU C 47 1.72 15.01 25.44
CA LEU C 47 1.92 15.15 24.02
C LEU C 47 1.60 16.55 23.52
N ASP C 48 2.31 16.93 22.47
CA ASP C 48 2.12 18.21 21.84
C ASP C 48 0.78 18.18 21.12
N TYR C 49 0.01 19.24 21.27
CA TYR C 49 -1.28 19.24 20.56
C TYR C 49 -1.64 20.59 20.00
N GLU C 50 -2.70 20.61 19.20
CA GLU C 50 -3.17 21.81 18.55
C GLU C 50 -4.60 22.14 18.86
N ILE C 51 -4.90 23.44 18.94
CA ILE C 51 -6.25 23.88 19.20
C ILE C 51 -6.96 23.97 17.85
N VAL C 52 -8.19 23.50 17.80
CA VAL C 52 -8.92 23.51 16.56
C VAL C 52 -10.32 23.98 16.83
N GLU C 53 -11.12 24.05 15.77
CA GLU C 53 -12.51 24.43 15.90
C GLU C 53 -13.31 23.35 15.21
N VAL C 54 -14.60 23.29 15.50
CA VAL C 54 -15.42 22.26 14.90
C VAL C 54 -16.91 22.62 14.96
N GLU C 55 -17.71 21.94 14.14
CA GLU C 55 -19.13 22.21 14.09
C GLU C 55 -19.95 21.03 14.61
N THR C 56 -20.63 21.23 15.74
CA THR C 56 -21.42 20.16 16.30
C THR C 56 -22.71 20.03 15.52
N PRO C 57 -23.41 18.89 15.68
CA PRO C 57 -24.67 18.66 14.98
C PRO C 57 -25.66 19.79 15.19
N LEU C 58 -25.47 20.56 16.24
CA LEU C 58 -26.39 21.66 16.50
C LEU C 58 -26.06 22.87 15.66
N GLY C 59 -25.22 22.66 14.65
CA GLY C 59 -24.83 23.74 13.77
C GLY C 59 -24.08 24.89 14.41
N VAL C 60 -23.41 24.62 15.53
CA VAL C 60 -22.63 25.67 16.17
C VAL C 60 -21.19 25.23 16.15
N LYS C 61 -20.28 26.19 16.21
CA LYS C 61 -18.88 25.87 16.21
C LYS C 61 -18.32 26.12 17.60
N THR C 62 -17.40 25.27 18.01
CA THR C 62 -16.79 25.37 19.31
C THR C 62 -15.36 24.93 19.15
N LYS C 63 -14.48 25.40 20.03
CA LYS C 63 -13.09 25.01 19.92
C LYS C 63 -12.85 23.65 20.58
N GLY C 64 -11.84 22.96 20.08
CA GLY C 64 -11.52 21.65 20.59
C GLY C 64 -10.04 21.39 20.48
N VAL C 65 -9.63 20.19 20.86
CA VAL C 65 -8.24 19.83 20.81
C VAL C 65 -8.06 18.70 19.84
N ASP C 66 -6.86 18.63 19.28
CA ASP C 66 -6.52 17.57 18.36
C ASP C 66 -5.05 17.23 18.56
N ILE C 67 -4.78 16.07 19.16
CA ILE C 67 -3.40 15.66 19.39
C ILE C 67 -2.96 14.95 18.13
N THR C 68 -2.61 15.72 17.12
CA THR C 68 -2.19 15.16 15.85
C THR C 68 -0.99 14.25 16.05
N ASP C 69 -0.16 14.58 17.04
CA ASP C 69 1.03 13.77 17.30
C ASP C 69 0.70 12.30 17.54
N LEU C 70 -0.57 11.99 17.81
CA LEU C 70 -0.99 10.60 18.02
C LEU C 70 -0.74 9.74 16.78
N ASN C 71 -0.33 10.38 15.69
CA ASN C 71 -0.06 9.68 14.45
C ASN C 71 1.45 9.61 14.28
N ASN C 72 2.17 10.27 15.17
CA ASN C 72 3.62 10.27 15.07
C ASN C 72 4.26 9.61 16.27
N ILE C 73 3.86 8.37 16.52
CA ILE C 73 4.39 7.62 17.63
C ILE C 73 5.00 6.31 17.19
N VAL C 74 6.20 6.06 17.71
CA VAL C 74 6.91 4.82 17.41
C VAL C 74 7.27 4.20 18.75
N ILE C 75 6.74 3.01 19.01
CA ILE C 75 7.04 2.33 20.26
C ILE C 75 8.12 1.29 20.02
N ILE C 76 9.16 1.33 20.83
CA ILE C 76 10.24 0.37 20.67
C ILE C 76 10.15 -0.72 21.72
N ASN C 77 10.04 -1.95 21.23
CA ASN C 77 9.92 -3.13 22.09
C ASN C 77 11.28 -3.77 22.35
N ILE C 78 11.73 -3.73 23.60
CA ILE C 78 13.00 -4.33 23.97
C ILE C 78 12.88 -5.85 24.02
N LEU C 79 11.62 -6.32 23.97
CA LEU C 79 11.30 -7.74 24.01
C LEU C 79 11.38 -8.31 25.42
N ARG C 80 11.16 -9.62 25.51
CA ARG C 80 11.17 -10.29 26.80
C ARG C 80 10.13 -9.66 27.72
N ALA C 81 10.51 -9.29 28.93
CA ALA C 81 9.54 -8.71 29.86
C ALA C 81 8.82 -7.47 29.37
N ALA C 82 9.43 -6.75 28.43
CA ALA C 82 8.83 -5.52 27.91
C ALA C 82 7.54 -5.76 27.14
N VAL C 83 7.45 -6.92 26.50
CA VAL C 83 6.30 -7.29 25.70
C VAL C 83 4.95 -6.91 26.30
N PRO C 84 4.63 -7.42 27.51
CA PRO C 84 3.33 -7.09 28.12
C PRO C 84 3.14 -5.58 28.32
N LEU C 85 4.24 -4.89 28.66
CA LEU C 85 4.19 -3.45 28.89
C LEU C 85 3.91 -2.73 27.57
N VAL C 86 4.62 -3.17 26.52
CA VAL C 86 4.43 -2.60 25.19
C VAL C 86 3.01 -2.86 24.71
N GLU C 87 2.48 -4.03 25.02
CA GLU C 87 1.13 -4.38 24.63
C GLU C 87 0.18 -3.33 25.19
N GLY C 88 0.42 -2.94 26.43
CA GLY C 88 -0.44 -1.95 27.05
C GLY C 88 -0.30 -0.61 26.35
N LEU C 89 0.94 -0.23 26.06
CA LEU C 89 1.20 1.01 25.39
C LEU C 89 0.52 1.04 24.03
N LEU C 90 0.65 -0.06 23.27
CA LEU C 90 0.02 -0.12 21.96
C LEU C 90 -1.49 0.09 22.06
N LYS C 91 -2.13 -0.49 23.08
CA LYS C 91 -3.56 -0.32 23.22
C LYS C 91 -3.88 1.15 23.45
N ALA C 92 -2.91 1.88 24.01
CA ALA C 92 -3.08 3.28 24.30
C ALA C 92 -2.92 4.13 23.05
N PHE C 93 -1.98 3.72 22.19
CA PHE C 93 -1.70 4.43 20.95
C PHE C 93 -2.03 3.56 19.73
N PRO C 94 -3.32 3.43 19.42
CA PRO C 94 -3.81 2.63 18.29
C PRO C 94 -3.07 2.82 16.99
N LYS C 95 -2.67 4.06 16.72
CA LYS C 95 -1.97 4.38 15.48
C LYS C 95 -0.45 4.38 15.59
N ALA C 96 0.09 3.74 16.61
CA ALA C 96 1.53 3.75 16.76
C ALA C 96 2.24 2.68 15.97
N ARG C 97 3.41 3.01 15.46
CA ARG C 97 4.18 2.03 14.74
C ARG C 97 5.05 1.38 15.80
N GLN C 98 5.57 0.20 15.49
CA GLN C 98 6.40 -0.49 16.44
C GLN C 98 7.63 -1.10 15.82
N GLY C 99 8.74 -0.93 16.52
CA GLY C 99 10.00 -1.50 16.06
C GLY C 99 10.49 -2.29 17.26
N VAL C 100 11.48 -3.15 17.07
CA VAL C 100 11.98 -3.90 18.19
C VAL C 100 13.50 -3.91 18.18
N ILE C 101 14.06 -3.71 19.36
CA ILE C 101 15.51 -3.73 19.51
C ILE C 101 15.74 -4.66 20.67
N GLY C 102 15.88 -5.95 20.34
CA GLY C 102 16.11 -6.95 21.37
C GLY C 102 17.49 -6.78 21.98
N ALA C 103 17.52 -6.27 23.20
CA ALA C 103 18.76 -6.05 23.91
C ALA C 103 18.69 -6.80 25.22
N SER C 104 19.81 -7.39 25.62
CA SER C 104 19.87 -8.13 26.87
C SER C 104 21.18 -7.90 27.60
N ARG C 105 21.10 -7.37 28.81
CA ARG C 105 22.30 -7.15 29.60
C ARG C 105 22.73 -8.52 30.09
N VAL C 106 24.01 -8.65 30.40
CA VAL C 106 24.54 -9.92 30.90
C VAL C 106 24.41 -9.96 32.42
N GLU C 107 23.62 -10.91 32.92
CA GLU C 107 23.44 -11.04 34.36
C GLU C 107 24.74 -11.55 34.98
N VAL C 108 25.27 -10.77 35.92
CA VAL C 108 26.52 -11.13 36.60
C VAL C 108 26.46 -10.78 38.08
N ASP C 109 27.18 -11.55 38.89
CA ASP C 109 27.23 -11.31 40.33
C ASP C 109 28.58 -10.70 40.72
N GLY C 110 28.59 -9.41 41.04
CA GLY C 110 29.82 -8.75 41.40
C GLY C 110 29.97 -8.54 42.89
N LYS C 111 31.15 -8.07 43.30
CA LYS C 111 31.43 -7.80 44.71
C LYS C 111 30.62 -6.62 45.21
N GLU C 112 30.63 -5.53 44.46
CA GLU C 112 29.90 -4.32 44.85
C GLU C 112 28.62 -4.18 44.03
N VAL C 113 27.92 -3.08 44.27
CA VAL C 113 26.70 -2.77 43.56
C VAL C 113 27.17 -2.31 42.18
N PRO C 114 26.68 -2.95 41.10
CA PRO C 114 27.06 -2.60 39.73
C PRO C 114 26.72 -1.15 39.35
N LYS C 115 27.48 -0.61 38.42
CA LYS C 115 27.25 0.75 37.94
C LYS C 115 26.91 0.65 36.46
N ASP C 116 27.22 -0.51 35.89
CA ASP C 116 26.93 -0.77 34.50
C ASP C 116 27.03 -2.26 34.23
N MET C 117 26.20 -2.75 33.32
CA MET C 117 26.20 -4.16 32.95
C MET C 117 26.52 -4.15 31.45
N ASP C 118 26.76 -5.32 30.90
CA ASP C 118 27.05 -5.41 29.49
C ASP C 118 25.77 -5.77 28.75
N VAL C 119 25.37 -4.92 27.81
CA VAL C 119 24.15 -5.18 27.03
C VAL C 119 24.46 -5.36 25.56
N TYR C 120 23.79 -6.33 24.94
CA TYR C 120 23.98 -6.62 23.53
C TYR C 120 22.66 -6.62 22.76
N ILE C 121 22.70 -6.08 21.54
CA ILE C 121 21.52 -6.04 20.71
C ILE C 121 21.53 -7.30 19.84
N TYR C 122 20.61 -8.22 20.11
CA TYR C 122 20.56 -9.45 19.32
C TYR C 122 19.67 -9.32 18.09
N TYR C 123 18.65 -8.46 18.13
CA TYR C 123 17.78 -8.27 16.99
C TYR C 123 17.32 -6.82 16.90
N LYS C 124 17.38 -6.25 15.70
CA LYS C 124 16.95 -4.89 15.50
C LYS C 124 16.15 -4.74 14.22
N LYS C 125 14.95 -4.19 14.34
CA LYS C 125 14.10 -3.96 13.19
C LYS C 125 13.16 -2.86 13.60
N ILE C 126 13.43 -1.66 13.12
CA ILE C 126 12.63 -0.50 13.46
C ILE C 126 12.06 0.22 12.23
N PRO C 127 10.92 0.91 12.39
CA PRO C 127 10.30 1.63 11.30
C PRO C 127 11.12 2.86 11.04
N ASP C 128 10.56 3.76 10.25
CA ASP C 128 11.26 4.98 9.94
C ASP C 128 10.96 5.94 11.05
N ILE C 129 12.00 6.42 11.70
CA ILE C 129 11.80 7.40 12.74
C ILE C 129 12.07 8.76 12.09
N ARG C 130 10.99 9.46 11.78
CA ARG C 130 11.06 10.77 11.15
C ARG C 130 11.56 11.84 12.11
N ALA C 131 12.81 12.25 11.89
CA ALA C 131 13.46 13.27 12.73
C ALA C 131 12.57 14.50 12.93
N LYS C 132 12.66 15.10 14.11
CA LYS C 132 11.87 16.27 14.44
C LYS C 132 10.36 16.04 14.39
N VAL C 133 9.93 14.85 13.98
CA VAL C 133 8.49 14.62 13.89
C VAL C 133 7.94 13.52 14.80
N ASP C 134 8.66 12.39 14.86
CA ASP C 134 8.21 11.27 15.67
C ASP C 134 8.52 11.29 17.16
N ASN C 135 7.52 10.88 17.93
CA ASN C 135 7.63 10.77 19.38
C ASN C 135 7.95 9.29 19.67
N VAL C 136 9.19 9.01 20.03
CA VAL C 136 9.59 7.64 20.30
C VAL C 136 9.39 7.23 21.75
N ILE C 137 8.79 6.07 21.97
CA ILE C 137 8.57 5.56 23.32
C ILE C 137 9.27 4.23 23.53
N ILE C 138 10.25 4.21 24.41
CA ILE C 138 10.99 2.98 24.71
C ILE C 138 10.50 2.44 26.04
N ALA C 139 10.08 1.18 26.06
CA ALA C 139 9.57 0.57 27.29
C ALA C 139 10.45 -0.54 27.84
N ASP C 140 10.56 -0.57 29.17
CA ASP C 140 11.34 -1.57 29.89
C ASP C 140 10.85 -1.50 31.33
N PRO C 141 10.23 -2.59 31.80
CA PRO C 141 9.70 -2.69 33.16
C PRO C 141 10.64 -2.22 34.26
N MET C 142 11.91 -2.62 34.15
CA MET C 142 12.89 -2.26 35.15
C MET C 142 14.09 -1.56 34.59
N ILE C 143 14.52 -0.52 35.29
CA ILE C 143 15.72 0.21 34.90
C ILE C 143 16.60 0.19 36.14
N ALA C 144 17.64 -0.65 36.13
CA ALA C 144 18.53 -0.76 37.27
C ALA C 144 19.79 0.05 37.07
N THR C 145 20.70 -0.43 36.25
CA THR C 145 21.93 0.31 35.99
C THR C 145 21.75 1.20 34.78
N ALA C 146 20.55 1.14 34.21
CA ALA C 146 20.19 1.93 33.02
C ALA C 146 21.03 1.50 31.81
N SER C 147 21.88 0.49 32.00
CA SER C 147 22.74 0.02 30.93
C SER C 147 21.94 -0.44 29.72
N THR C 148 20.83 -1.11 29.98
CA THR C 148 19.99 -1.60 28.89
C THR C 148 19.37 -0.43 28.14
N MET C 149 18.69 0.46 28.86
CA MET C 149 18.08 1.64 28.24
C MET C 149 19.10 2.43 27.46
N LEU C 150 20.26 2.64 28.05
CA LEU C 150 21.29 3.40 27.39
C LEU C 150 21.71 2.76 26.08
N LYS C 151 21.82 1.44 26.05
CA LYS C 151 22.24 0.78 24.82
C LYS C 151 21.24 1.03 23.72
N VAL C 152 19.95 0.96 24.07
CA VAL C 152 18.91 1.18 23.10
C VAL C 152 18.94 2.64 22.64
N LEU C 153 18.93 3.56 23.62
CA LEU C 153 18.97 4.99 23.33
C LEU C 153 20.19 5.33 22.49
N GLU C 154 21.29 4.63 22.74
CA GLU C 154 22.53 4.88 22.03
C GLU C 154 22.29 5.02 20.54
N GLU C 155 21.18 4.47 20.06
CA GLU C 155 20.91 4.60 18.65
C GLU C 155 19.51 5.06 18.28
N VAL C 156 18.68 5.32 19.27
CA VAL C 156 17.35 5.84 18.98
C VAL C 156 17.61 7.33 18.77
N VAL C 157 18.56 7.85 19.52
CA VAL C 157 18.94 9.24 19.46
C VAL C 157 19.46 9.59 18.08
N LYS C 158 20.17 8.65 17.45
CA LYS C 158 20.70 8.86 16.11
C LYS C 158 19.62 9.43 15.18
N ALA C 159 18.42 8.83 15.24
CA ALA C 159 17.31 9.25 14.39
C ALA C 159 16.77 10.65 14.70
N ASN C 160 17.24 11.24 15.79
CA ASN C 160 16.81 12.57 16.19
C ASN C 160 15.29 12.73 16.16
N PRO C 161 14.57 12.02 17.04
CA PRO C 161 13.11 12.15 17.04
C PRO C 161 12.68 13.47 17.63
N LYS C 162 11.39 13.75 17.50
CA LYS C 162 10.83 14.97 18.06
C LYS C 162 11.00 14.87 19.57
N ARG C 163 10.64 13.71 20.12
CA ARG C 163 10.74 13.46 21.54
C ARG C 163 11.11 12.01 21.78
N ILE C 164 11.58 11.72 22.98
CA ILE C 164 11.92 10.35 23.37
C ILE C 164 11.39 10.13 24.77
N TYR C 165 10.42 9.26 24.90
CA TYR C 165 9.85 8.92 26.19
C TYR C 165 10.37 7.56 26.65
N ILE C 166 10.61 7.42 27.94
CA ILE C 166 11.05 6.15 28.47
C ILE C 166 9.97 5.76 29.46
N VAL C 167 9.57 4.49 29.42
CA VAL C 167 8.52 4.03 30.32
C VAL C 167 8.96 2.79 31.07
N SER C 168 8.83 2.82 32.38
CA SER C 168 9.19 1.68 33.21
C SER C 168 8.27 1.64 34.41
N ILE C 169 8.25 0.50 35.10
CA ILE C 169 7.41 0.35 36.28
C ILE C 169 8.20 0.86 37.47
N ILE C 170 9.45 0.42 37.56
CA ILE C 170 10.33 0.83 38.63
C ILE C 170 11.69 1.15 38.05
N SER C 171 12.27 2.24 38.52
CA SER C 171 13.59 2.64 38.07
C SER C 171 14.38 2.96 39.33
N SER C 172 15.66 2.61 39.33
CA SER C 172 16.50 2.89 40.48
C SER C 172 16.91 4.34 40.44
N GLU C 173 17.12 4.92 41.60
CA GLU C 173 17.55 6.31 41.69
C GLU C 173 18.82 6.45 40.84
N TYR C 174 19.65 5.42 40.86
CA TYR C 174 20.88 5.46 40.09
C TYR C 174 20.62 5.54 38.59
N GLY C 175 19.75 4.65 38.12
CA GLY C 175 19.42 4.62 36.71
C GLY C 175 18.83 5.93 36.23
N VAL C 176 17.80 6.39 36.93
CA VAL C 176 17.13 7.62 36.57
C VAL C 176 18.13 8.75 36.41
N ASN C 177 19.06 8.85 37.35
CA ASN C 177 20.00 9.92 37.24
C ASN C 177 20.96 9.71 36.10
N LYS C 178 21.40 8.46 35.92
CA LYS C 178 22.34 8.16 34.85
C LYS C 178 21.77 8.51 33.48
N ILE C 179 20.48 8.26 33.30
CA ILE C 179 19.83 8.56 32.02
C ILE C 179 19.58 10.05 31.79
N LEU C 180 18.84 10.69 32.70
CA LEU C 180 18.51 12.10 32.58
C LEU C 180 19.71 13.05 32.57
N SER C 181 20.87 12.58 33.02
CA SER C 181 22.02 13.46 33.03
C SER C 181 22.74 13.34 31.69
N LYS C 182 22.48 12.25 30.99
CA LYS C 182 23.09 12.01 29.69
C LYS C 182 22.17 12.52 28.60
N TYR C 183 20.87 12.41 28.84
CA TYR C 183 19.88 12.86 27.88
C TYR C 183 18.77 13.60 28.63
N PRO C 184 19.07 14.82 29.11
CA PRO C 184 18.16 15.69 29.86
C PRO C 184 16.82 15.96 29.18
N PHE C 185 16.76 15.76 27.87
CA PHE C 185 15.55 16.03 27.11
C PHE C 185 14.55 14.89 27.12
N ILE C 186 14.96 13.73 27.63
CA ILE C 186 14.07 12.59 27.68
C ILE C 186 12.93 12.75 28.68
N TYR C 187 11.75 12.28 28.31
CA TYR C 187 10.60 12.30 29.19
C TYR C 187 10.58 10.91 29.80
N LEU C 188 11.04 10.81 31.04
CA LEU C 188 11.08 9.55 31.71
C LEU C 188 9.88 9.34 32.61
N PHE C 189 9.05 8.34 32.27
CA PHE C 189 7.87 8.00 33.06
C PHE C 189 8.13 6.73 33.85
N THR C 190 7.73 6.72 35.12
CA THR C 190 7.92 5.56 35.97
C THR C 190 6.88 5.59 37.08
N VAL C 191 6.50 4.41 37.57
CA VAL C 191 5.51 4.38 38.64
C VAL C 191 6.19 4.59 39.98
N ALA C 192 7.44 4.15 40.10
CA ALA C 192 8.17 4.32 41.34
C ALA C 192 9.67 4.31 41.14
N ILE C 193 10.36 5.03 42.01
CA ILE C 193 11.81 5.06 41.93
C ILE C 193 12.34 4.43 43.21
N ASP C 194 12.95 3.26 43.10
CA ASP C 194 13.48 2.59 44.29
C ASP C 194 14.90 3.06 44.57
N PRO C 195 15.29 3.08 45.85
CA PRO C 195 16.60 3.51 46.36
C PRO C 195 17.87 2.80 45.94
N GLU C 196 17.92 1.49 46.06
CA GLU C 196 19.18 0.83 45.73
C GLU C 196 19.14 -0.43 44.86
N LEU C 197 20.35 -0.85 44.48
CA LEU C 197 20.56 -2.04 43.67
C LEU C 197 21.45 -2.94 44.52
N ASN C 198 21.39 -4.25 44.28
CA ASN C 198 22.24 -5.17 45.03
C ASN C 198 23.46 -5.51 44.17
N ASN C 199 24.28 -6.44 44.65
CA ASN C 199 25.48 -6.82 43.94
C ASN C 199 25.26 -7.49 42.59
N LYS C 200 24.07 -8.04 42.40
CA LYS C 200 23.76 -8.69 41.15
C LYS C 200 23.12 -7.71 40.18
N GLY C 201 22.81 -6.51 40.66
CA GLY C 201 22.21 -5.50 39.83
C GLY C 201 20.69 -5.50 39.85
N TYR C 202 20.11 -5.86 40.99
CA TYR C 202 18.66 -5.87 41.09
C TYR C 202 18.13 -4.73 41.94
N ILE C 203 16.98 -4.21 41.54
CA ILE C 203 16.34 -3.09 42.21
C ILE C 203 15.72 -3.53 43.53
N LEU C 204 16.03 -2.77 44.57
CA LEU C 204 15.51 -3.04 45.92
C LEU C 204 14.64 -1.86 46.37
N PRO C 205 13.41 -2.15 46.82
CA PRO C 205 12.75 -3.45 46.94
C PRO C 205 12.53 -4.10 45.58
N GLY C 206 12.17 -3.30 44.59
CA GLY C 206 11.93 -3.82 43.26
C GLY C 206 10.80 -4.85 43.25
N LEU C 207 10.91 -5.81 42.34
CA LEU C 207 9.88 -6.85 42.22
C LEU C 207 10.46 -8.15 41.65
N GLY C 208 11.78 -8.31 41.76
CA GLY C 208 12.39 -9.51 41.25
C GLY C 208 12.80 -9.36 39.80
N ASP C 209 13.03 -10.48 39.12
CA ASP C 209 13.42 -10.47 37.71
C ASP C 209 12.16 -10.45 36.86
N ALA C 210 11.98 -9.36 36.13
CA ALA C 210 10.79 -9.19 35.28
C ALA C 210 10.53 -10.40 34.41
N GLY C 211 11.58 -10.89 33.75
CA GLY C 211 11.45 -12.04 32.87
C GLY C 211 10.89 -13.26 33.58
N ASP C 212 11.45 -13.54 34.75
CA ASP C 212 11.01 -14.67 35.55
C ASP C 212 9.60 -14.44 36.11
N ARG C 213 9.30 -13.23 36.57
CA ARG C 213 7.97 -12.94 37.11
C ARG C 213 6.90 -13.05 36.03
N ALA C 214 7.29 -12.91 34.77
CA ALA C 214 6.35 -12.95 33.66
C ALA C 214 6.26 -14.28 32.93
N PHE C 215 7.39 -14.98 32.81
CA PHE C 215 7.40 -16.25 32.10
C PHE C 215 7.87 -17.46 32.91
N GLY C 216 8.32 -17.22 34.13
CA GLY C 216 8.78 -18.31 34.96
C GLY C 216 7.62 -19.06 35.58
N PRO D 2 -11.43 -4.44 -45.83
CA PRO D 2 -10.31 -5.35 -45.44
C PRO D 2 -10.34 -5.67 -43.94
N LEU D 3 -10.27 -6.95 -43.60
CA LEU D 3 -10.27 -7.39 -42.20
C LEU D 3 -8.90 -7.94 -41.84
N TYR D 4 -8.29 -7.40 -40.80
CA TYR D 4 -7.00 -7.88 -40.37
C TYR D 4 -7.05 -8.36 -38.93
N VAL D 5 -6.87 -9.65 -38.75
CA VAL D 5 -6.88 -10.24 -37.43
C VAL D 5 -5.43 -10.57 -37.09
N ILE D 6 -4.81 -9.73 -36.27
CA ILE D 6 -3.40 -9.94 -35.90
C ILE D 6 -3.31 -10.89 -34.71
N ASP D 7 -3.17 -12.16 -35.03
CA ASP D 7 -3.10 -13.22 -34.04
C ASP D 7 -1.72 -13.88 -33.98
N LYS D 8 -0.68 -13.07 -33.90
CA LYS D 8 0.64 -13.63 -33.80
C LYS D 8 0.85 -13.91 -32.31
N PRO D 9 1.81 -14.80 -31.97
CA PRO D 9 2.07 -15.15 -30.57
C PRO D 9 2.05 -13.98 -29.60
N ILE D 10 2.91 -13.01 -29.88
CA ILE D 10 3.01 -11.84 -29.02
C ILE D 10 1.70 -11.06 -28.80
N THR D 11 0.89 -10.90 -29.84
CA THR D 11 -0.36 -10.16 -29.65
C THR D 11 -1.37 -11.01 -28.90
N LEU D 12 -1.29 -12.32 -29.07
CA LEU D 12 -2.22 -13.19 -28.35
C LEU D 12 -1.76 -13.22 -26.91
N HIS D 13 -0.45 -13.26 -26.71
CA HIS D 13 0.09 -13.26 -25.36
C HIS D 13 -0.44 -12.04 -24.58
N ILE D 14 -0.32 -10.86 -25.19
CA ILE D 14 -0.78 -9.64 -24.55
C ILE D 14 -2.29 -9.69 -24.37
N LEU D 15 -3.00 -10.16 -25.40
CA LEU D 15 -4.46 -10.25 -25.31
C LEU D 15 -4.85 -11.13 -24.14
N THR D 16 -4.10 -12.20 -23.91
CA THR D 16 -4.41 -13.11 -22.81
C THR D 16 -4.34 -12.33 -21.51
N GLN D 17 -3.29 -11.54 -21.33
CA GLN D 17 -3.15 -10.73 -20.13
C GLN D 17 -4.31 -9.78 -19.97
N LEU D 18 -4.76 -9.21 -21.09
CA LEU D 18 -5.87 -8.27 -21.03
C LEU D 18 -7.15 -8.98 -20.62
N ARG D 19 -7.36 -10.19 -21.16
CA ARG D 19 -8.55 -10.97 -20.85
C ARG D 19 -8.58 -11.39 -19.39
N ASP D 20 -7.40 -11.76 -18.87
CA ASP D 20 -7.25 -12.21 -17.48
C ASP D 20 -7.78 -11.24 -16.46
N LYS D 21 -8.97 -11.53 -15.93
CA LYS D 21 -9.58 -10.67 -14.93
C LYS D 21 -8.68 -10.33 -13.76
N TYR D 22 -7.63 -11.11 -13.56
CA TYR D 22 -6.73 -10.84 -12.46
C TYR D 22 -5.65 -9.82 -12.81
N THR D 23 -5.84 -9.06 -13.88
CA THR D 23 -4.84 -8.07 -14.25
C THR D 23 -5.25 -6.67 -13.77
N ASP D 24 -4.43 -6.07 -12.91
CA ASP D 24 -4.73 -4.74 -12.37
C ASP D 24 -4.76 -3.68 -13.45
N GLN D 25 -5.38 -2.54 -13.13
CA GLN D 25 -5.51 -1.46 -14.10
C GLN D 25 -4.18 -0.97 -14.65
N ILE D 26 -3.14 -0.92 -13.81
CA ILE D 26 -1.87 -0.44 -14.30
C ILE D 26 -1.34 -1.32 -15.43
N ASN D 27 -1.27 -2.62 -15.19
CA ASN D 27 -0.76 -3.53 -16.21
C ASN D 27 -1.76 -3.66 -17.33
N PHE D 28 -3.03 -3.41 -17.05
CA PHE D 28 -4.02 -3.49 -18.10
C PHE D 28 -3.66 -2.40 -19.12
N ARG D 29 -3.52 -1.18 -18.64
CA ARG D 29 -3.18 -0.04 -19.49
C ARG D 29 -1.84 -0.21 -20.21
N LYS D 30 -0.81 -0.61 -19.47
CA LYS D 30 0.48 -0.81 -20.08
C LYS D 30 0.38 -1.77 -21.27
N ASN D 31 -0.38 -2.86 -21.09
CA ASN D 31 -0.52 -3.83 -22.16
C ASN D 31 -1.25 -3.23 -23.35
N LEU D 32 -2.21 -2.37 -23.04
CA LEU D 32 -3.00 -1.70 -24.07
C LEU D 32 -2.11 -0.78 -24.92
N VAL D 33 -1.16 -0.13 -24.27
CA VAL D 33 -0.25 0.75 -24.99
C VAL D 33 0.66 -0.11 -25.86
N ARG D 34 1.19 -1.16 -25.26
CA ARG D 34 2.08 -2.07 -25.97
C ARG D 34 1.42 -2.62 -27.21
N LEU D 35 0.15 -3.01 -27.10
CA LEU D 35 -0.58 -3.51 -28.26
C LEU D 35 -0.71 -2.40 -29.30
N GLY D 36 -1.11 -1.20 -28.85
CA GLY D 36 -1.24 -0.09 -29.77
C GLY D 36 0.00 0.05 -30.64
N ARG D 37 1.17 0.00 -30.02
CA ARG D 37 2.43 0.11 -30.74
C ARG D 37 2.55 -0.99 -31.81
N ILE D 38 2.24 -2.22 -31.41
CA ILE D 38 2.32 -3.36 -32.33
C ILE D 38 1.31 -3.24 -33.48
N LEU D 39 0.05 -3.00 -33.14
CA LEU D 39 -0.95 -2.86 -34.16
C LEU D 39 -0.54 -1.72 -35.11
N GLY D 40 0.12 -0.70 -34.57
CA GLY D 40 0.58 0.38 -35.41
C GLY D 40 1.56 -0.18 -36.43
N TYR D 41 2.55 -0.91 -35.94
CA TYR D 41 3.56 -1.52 -36.79
C TYR D 41 2.83 -2.29 -37.89
N GLU D 42 1.86 -3.10 -37.49
CA GLU D 42 1.09 -3.90 -38.44
C GLU D 42 0.41 -3.06 -39.51
N ILE D 43 -0.26 -2.00 -39.08
CA ILE D 43 -0.91 -1.12 -40.02
C ILE D 43 0.13 -0.52 -40.97
N SER D 44 1.28 -0.12 -40.42
CA SER D 44 2.34 0.45 -41.21
C SER D 44 2.61 -0.36 -42.47
N ASN D 45 2.71 -1.67 -42.32
CA ASN D 45 3.00 -2.48 -43.48
C ASN D 45 1.89 -2.58 -44.51
N THR D 46 0.70 -2.06 -44.19
CA THR D 46 -0.38 -2.08 -45.16
C THR D 46 -0.44 -0.73 -45.84
N LEU D 47 0.26 0.25 -45.26
CA LEU D 47 0.27 1.58 -45.81
C LEU D 47 0.80 1.64 -47.23
N ASP D 48 0.30 2.63 -47.95
CA ASP D 48 0.71 2.86 -49.32
C ASP D 48 2.13 3.40 -49.29
N TYR D 49 2.97 2.90 -50.18
CA TYR D 49 4.33 3.42 -50.19
C TYR D 49 4.90 3.55 -51.59
N GLU D 50 6.04 4.21 -51.69
CA GLU D 50 6.70 4.45 -52.98
C GLU D 50 8.06 3.80 -53.00
N ILE D 51 8.53 3.44 -54.18
CA ILE D 51 9.86 2.88 -54.32
C ILE D 51 10.77 4.06 -54.65
N VAL D 52 11.95 4.09 -54.05
CA VAL D 52 12.83 5.20 -54.29
C VAL D 52 14.21 4.64 -54.50
N GLU D 53 15.15 5.52 -54.78
CA GLU D 53 16.50 5.07 -54.94
C GLU D 53 17.20 5.84 -53.84
N VAL D 54 18.32 5.33 -53.37
CA VAL D 54 19.01 6.02 -52.31
C VAL D 54 20.49 5.71 -52.47
N GLU D 55 21.33 6.67 -52.13
CA GLU D 55 22.77 6.47 -52.25
C GLU D 55 23.36 6.22 -50.87
N THR D 56 24.27 5.27 -50.77
CA THR D 56 24.87 4.94 -49.49
C THR D 56 26.23 5.58 -49.40
N PRO D 57 26.78 5.67 -48.18
CA PRO D 57 28.09 6.27 -47.96
C PRO D 57 29.16 5.65 -48.87
N LEU D 58 28.89 4.44 -49.37
CA LEU D 58 29.87 3.80 -50.23
C LEU D 58 29.78 4.30 -51.66
N GLY D 59 29.08 5.42 -51.83
CA GLY D 59 28.94 6.02 -53.15
C GLY D 59 28.21 5.19 -54.16
N VAL D 60 27.36 4.28 -53.72
CA VAL D 60 26.61 3.46 -54.65
C VAL D 60 25.15 3.76 -54.42
N LYS D 61 24.34 3.53 -55.45
CA LYS D 61 22.92 3.78 -55.33
C LYS D 61 22.21 2.46 -55.29
N THR D 62 21.17 2.39 -54.48
CA THR D 62 20.40 1.19 -54.33
C THR D 62 18.96 1.62 -54.14
N LYS D 63 18.02 0.75 -54.48
CA LYS D 63 16.63 1.11 -54.32
C LYS D 63 16.17 0.88 -52.89
N GLY D 64 15.16 1.65 -52.48
CA GLY D 64 14.64 1.54 -51.15
C GLY D 64 13.17 1.90 -51.11
N VAL D 65 12.60 1.90 -49.91
CA VAL D 65 11.19 2.21 -49.74
C VAL D 65 11.04 3.46 -48.93
N ASP D 66 9.94 4.17 -49.17
CA ASP D 66 9.64 5.38 -48.44
C ASP D 66 8.13 5.45 -48.28
N ILE D 67 7.66 5.21 -47.05
CA ILE D 67 6.23 5.27 -46.80
C ILE D 67 5.91 6.70 -46.48
N THR D 68 5.80 7.50 -47.54
CA THR D 68 5.51 8.92 -47.39
C THR D 68 4.21 9.10 -46.63
N ASP D 69 3.28 8.17 -46.79
CA ASP D 69 2.01 8.27 -46.10
C ASP D 69 2.16 8.40 -44.57
N LEU D 70 3.35 8.10 -44.05
CA LEU D 70 3.58 8.22 -42.61
C LEU D 70 3.43 9.67 -42.13
N ASN D 71 3.26 10.58 -43.09
CA ASN D 71 3.08 11.99 -42.77
C ASN D 71 1.61 12.34 -42.94
N ASN D 72 0.83 11.39 -43.43
CA ASN D 72 -0.57 11.65 -43.65
C ASN D 72 -1.42 10.75 -42.81
N ILE D 73 -1.20 10.83 -41.50
CA ILE D 73 -1.94 10.02 -40.56
C ILE D 73 -2.63 10.87 -39.51
N VAL D 74 -3.90 10.56 -39.26
CA VAL D 74 -4.66 11.27 -38.26
C VAL D 74 -5.29 10.21 -37.38
N ILE D 75 -4.94 10.23 -36.09
CA ILE D 75 -5.47 9.25 -35.16
C ILE D 75 -6.59 9.89 -34.37
N ILE D 76 -7.73 9.21 -34.33
CA ILE D 76 -8.84 9.74 -33.59
C ILE D 76 -9.02 9.02 -32.27
N ASN D 77 -8.97 9.82 -31.22
CA ASN D 77 -9.09 9.31 -29.86
C ASN D 77 -10.53 9.38 -29.36
N ILE D 78 -11.15 8.23 -29.14
CA ILE D 78 -12.51 8.18 -28.64
C ILE D 78 -12.53 8.53 -27.15
N LEU D 79 -11.33 8.57 -26.56
CA LEU D 79 -11.15 8.87 -25.14
C LEU D 79 -11.48 7.69 -24.23
N ARG D 80 -11.44 7.93 -22.93
CA ARG D 80 -11.70 6.88 -21.95
C ARG D 80 -10.72 5.71 -22.18
N ALA D 81 -11.24 4.49 -22.26
CA ALA D 81 -10.37 3.34 -22.45
C ALA D 81 -9.47 3.41 -23.69
N ALA D 82 -9.86 4.18 -24.70
CA ALA D 82 -9.08 4.27 -25.93
C ALA D 82 -7.74 4.94 -25.74
N VAL D 83 -7.67 5.83 -24.75
CA VAL D 83 -6.44 6.57 -24.46
C VAL D 83 -5.15 5.74 -24.49
N PRO D 84 -5.06 4.68 -23.66
CA PRO D 84 -3.84 3.85 -23.64
C PRO D 84 -3.54 3.23 -25.02
N LEU D 85 -4.59 2.84 -25.73
CA LEU D 85 -4.44 2.23 -27.06
C LEU D 85 -3.91 3.28 -28.05
N VAL D 86 -4.48 4.48 -27.98
CA VAL D 86 -4.08 5.56 -28.85
C VAL D 86 -2.63 5.91 -28.55
N GLU D 87 -2.28 5.90 -27.27
CA GLU D 87 -0.92 6.20 -26.86
C GLU D 87 0.05 5.28 -27.58
N GLY D 88 -0.32 4.01 -27.66
CA GLY D 88 0.52 3.05 -28.34
C GLY D 88 0.61 3.37 -29.82
N LEU D 89 -0.54 3.69 -30.40
CA LEU D 89 -0.58 4.04 -31.81
C LEU D 89 0.29 5.26 -32.10
N LEU D 90 0.18 6.29 -31.27
CA LEU D 90 0.98 7.48 -31.47
C LEU D 90 2.47 7.16 -31.44
N LYS D 91 2.89 6.26 -30.56
CA LYS D 91 4.31 5.91 -30.49
C LYS D 91 4.74 5.27 -31.80
N ALA D 92 3.77 4.65 -32.46
CA ALA D 92 4.02 3.97 -33.73
C ALA D 92 4.13 4.96 -34.87
N PHE D 93 3.28 5.99 -34.82
CA PHE D 93 3.24 7.02 -35.85
C PHE D 93 3.65 8.38 -35.27
N PRO D 94 4.96 8.57 -35.06
CA PRO D 94 5.54 9.79 -34.50
C PRO D 94 5.00 11.07 -35.13
N LYS D 95 4.79 11.06 -36.45
CA LYS D 95 4.31 12.23 -37.17
C LYS D 95 2.79 12.29 -37.35
N ALA D 96 2.04 11.56 -36.55
CA ALA D 96 0.59 11.56 -36.69
C ALA D 96 -0.08 12.68 -35.96
N ARG D 97 -1.13 13.21 -36.56
CA ARG D 97 -1.87 14.27 -35.90
C ARG D 97 -2.95 13.55 -35.14
N GLN D 98 -3.53 14.21 -34.15
CA GLN D 98 -4.55 13.58 -33.37
C GLN D 98 -5.74 14.47 -33.11
N GLY D 99 -6.91 13.88 -33.23
CA GLY D 99 -8.13 14.62 -32.97
C GLY D 99 -8.86 13.74 -32.00
N VAL D 100 -9.90 14.27 -31.33
CA VAL D 100 -10.62 13.46 -30.40
C VAL D 100 -12.11 13.64 -30.58
N ILE D 101 -12.82 12.53 -30.55
CA ILE D 101 -14.25 12.56 -30.68
C ILE D 101 -14.75 11.72 -29.52
N GLY D 102 -14.96 12.40 -28.40
CA GLY D 102 -15.44 11.73 -27.21
C GLY D 102 -16.87 11.24 -27.41
N ALA D 103 -17.01 9.94 -27.58
CA ALA D 103 -18.32 9.34 -27.77
C ALA D 103 -18.51 8.27 -26.69
N SER D 104 -19.74 8.16 -26.19
CA SER D 104 -20.04 7.19 -25.15
C SER D 104 -21.42 6.59 -25.35
N ARG D 105 -21.47 5.29 -25.54
CA ARG D 105 -22.74 4.61 -25.72
C ARG D 105 -23.38 4.57 -24.33
N VAL D 106 -24.71 4.44 -24.29
CA VAL D 106 -25.40 4.37 -23.03
C VAL D 106 -25.50 2.92 -22.58
N GLU D 107 -24.90 2.61 -21.44
CA GLU D 107 -24.93 1.24 -20.92
C GLU D 107 -26.34 0.93 -20.44
N VAL D 108 -26.93 -0.12 -21.02
CA VAL D 108 -28.29 -0.52 -20.65
C VAL D 108 -28.41 -2.04 -20.61
N ASP D 109 -29.32 -2.53 -19.76
CA ASP D 109 -29.55 -3.96 -19.63
C ASP D 109 -30.88 -4.34 -20.30
N GLY D 110 -30.80 -5.00 -21.44
CA GLY D 110 -32.01 -5.39 -22.15
C GLY D 110 -32.36 -6.85 -21.99
N LYS D 111 -33.53 -7.23 -22.50
CA LYS D 111 -33.97 -8.62 -22.42
C LYS D 111 -33.14 -9.52 -23.31
N GLU D 112 -32.93 -9.09 -24.55
CA GLU D 112 -32.15 -9.87 -25.51
C GLU D 112 -30.77 -9.28 -25.69
N VAL D 113 -30.00 -9.88 -26.60
CA VAL D 113 -28.66 -9.42 -26.92
C VAL D 113 -28.87 -8.18 -27.77
N PRO D 114 -28.30 -7.03 -27.37
CA PRO D 114 -28.44 -5.77 -28.12
C PRO D 114 -27.91 -5.85 -29.54
N LYS D 115 -28.48 -5.01 -30.41
CA LYS D 115 -28.05 -4.96 -31.80
C LYS D 115 -27.50 -3.55 -32.04
N ASP D 116 -27.85 -2.66 -31.11
CA ASP D 116 -27.39 -1.28 -31.18
C ASP D 116 -27.60 -0.62 -29.83
N MET D 117 -26.70 0.29 -29.48
CA MET D 117 -26.77 1.04 -28.25
C MET D 117 -26.85 2.48 -28.67
N ASP D 118 -27.12 3.37 -27.73
CA ASP D 118 -27.18 4.75 -28.11
C ASP D 118 -25.84 5.38 -27.75
N VAL D 119 -25.26 6.07 -28.73
CA VAL D 119 -23.99 6.72 -28.50
C VAL D 119 -24.10 8.21 -28.74
N TYR D 120 -23.43 8.98 -27.88
CA TYR D 120 -23.45 10.43 -27.96
C TYR D 120 -22.05 11.02 -28.03
N ILE D 121 -21.88 12.07 -28.84
CA ILE D 121 -20.59 12.72 -28.95
C ILE D 121 -20.59 13.89 -27.97
N TYR D 122 -19.82 13.79 -26.90
CA TYR D 122 -19.76 14.86 -25.93
C TYR D 122 -18.69 15.91 -26.24
N TYR D 123 -17.62 15.50 -26.93
CA TYR D 123 -16.58 16.45 -27.28
C TYR D 123 -15.98 16.09 -28.62
N LYS D 124 -15.79 17.09 -29.48
CA LYS D 124 -15.22 16.86 -30.79
C LYS D 124 -14.24 17.96 -31.15
N LYS D 125 -13.02 17.57 -31.49
CA LYS D 125 -12.00 18.52 -31.90
C LYS D 125 -11.03 17.72 -32.73
N ILE D 126 -11.10 17.89 -34.04
CA ILE D 126 -10.24 17.15 -34.95
C ILE D 126 -9.45 18.05 -35.87
N PRO D 127 -8.29 17.58 -36.33
CA PRO D 127 -7.44 18.36 -37.24
C PRO D 127 -8.12 18.39 -38.60
N ASP D 128 -7.48 18.91 -39.63
CA ASP D 128 -8.15 18.91 -40.92
C ASP D 128 -7.77 17.72 -41.74
N ILE D 129 -8.73 16.85 -41.88
CA ILE D 129 -8.58 15.61 -42.61
C ILE D 129 -8.61 15.86 -44.09
N ARG D 130 -7.43 15.86 -44.70
CA ARG D 130 -7.27 16.10 -46.12
C ARG D 130 -7.81 14.95 -46.96
N ALA D 131 -8.98 15.18 -47.58
CA ALA D 131 -9.63 14.18 -48.42
C ALA D 131 -8.67 13.56 -49.41
N LYS D 132 -8.86 12.27 -49.69
CA LYS D 132 -8.01 11.55 -50.64
C LYS D 132 -6.54 11.49 -50.24
N VAL D 133 -6.17 12.15 -49.15
CA VAL D 133 -4.77 12.14 -48.75
C VAL D 133 -4.47 11.52 -47.39
N ASP D 134 -5.27 11.84 -46.39
CA ASP D 134 -5.06 11.33 -45.05
C ASP D 134 -5.58 9.94 -44.73
N ASN D 135 -4.75 9.20 -44.01
CA ASN D 135 -5.09 7.85 -43.55
C ASN D 135 -5.59 8.03 -42.11
N VAL D 136 -6.89 7.88 -41.92
CA VAL D 136 -7.44 8.05 -40.59
C VAL D 136 -7.51 6.74 -39.80
N ILE D 137 -7.06 6.77 -38.54
CA ILE D 137 -7.09 5.60 -37.68
C ILE D 137 -7.94 5.85 -36.45
N ILE D 138 -9.04 5.12 -36.33
CA ILE D 138 -9.92 5.26 -35.18
C ILE D 138 -9.68 4.07 -34.24
N ALA D 139 -9.40 4.35 -32.98
CA ALA D 139 -9.13 3.28 -32.02
C ALA D 139 -10.18 3.15 -30.94
N ASP D 140 -10.49 1.91 -30.59
CA ASP D 140 -11.46 1.57 -29.55
C ASP D 140 -11.16 0.12 -29.16
N PRO D 141 -10.74 -0.10 -27.92
CA PRO D 141 -10.41 -1.43 -27.41
C PRO D 141 -11.46 -2.50 -27.70
N MET D 142 -12.72 -2.14 -27.51
CA MET D 142 -13.79 -3.09 -27.73
C MET D 142 -14.83 -2.61 -28.72
N ILE D 143 -15.27 -3.51 -29.58
CA ILE D 143 -16.31 -3.21 -30.54
C ILE D 143 -17.36 -4.28 -30.31
N ALA D 144 -18.45 -3.92 -29.65
CA ALA D 144 -19.51 -4.87 -29.38
C ALA D 144 -20.65 -4.79 -30.37
N THR D 145 -21.48 -3.75 -30.25
CA THR D 145 -22.59 -3.58 -31.19
C THR D 145 -22.14 -2.69 -32.33
N ALA D 146 -20.88 -2.26 -32.25
CA ALA D 146 -20.28 -1.37 -33.25
C ALA D 146 -20.97 0.00 -33.26
N SER D 147 -21.94 0.19 -32.38
CA SER D 147 -22.67 1.44 -32.31
C SER D 147 -21.75 2.63 -32.08
N THR D 148 -20.77 2.43 -31.21
CA THR D 148 -19.83 3.50 -30.91
C THR D 148 -18.99 3.83 -32.15
N MET D 149 -18.35 2.83 -32.72
CA MET D 149 -17.53 3.04 -33.92
C MET D 149 -18.35 3.70 -35.02
N LEU D 150 -19.56 3.20 -35.22
CA LEU D 150 -20.41 3.74 -36.26
C LEU D 150 -20.69 5.21 -36.05
N LYS D 151 -20.96 5.61 -34.81
CA LYS D 151 -21.24 7.01 -34.54
C LYS D 151 -20.06 7.89 -34.92
N VAL D 152 -18.86 7.41 -34.60
CA VAL D 152 -17.66 8.17 -34.93
C VAL D 152 -17.48 8.21 -36.45
N LEU D 153 -17.53 7.04 -37.07
CA LEU D 153 -17.38 6.94 -38.52
C LEU D 153 -18.43 7.78 -39.22
N GLU D 154 -19.61 7.84 -38.63
CA GLU D 154 -20.72 8.60 -39.21
C GLU D 154 -20.25 9.96 -39.70
N GLU D 155 -19.14 10.44 -39.16
CA GLU D 155 -18.66 11.72 -39.60
C GLU D 155 -17.19 11.78 -39.94
N VAL D 156 -16.49 10.67 -39.83
CA VAL D 156 -15.09 10.68 -40.22
C VAL D 156 -15.15 10.51 -41.73
N VAL D 157 -16.17 9.75 -42.16
CA VAL D 157 -16.40 9.47 -43.57
C VAL D 157 -16.68 10.75 -44.34
N LYS D 158 -17.37 11.68 -43.69
CA LYS D 158 -17.68 12.97 -44.31
C LYS D 158 -16.42 13.57 -44.94
N ALA D 159 -15.31 13.57 -44.20
CA ALA D 159 -14.06 14.13 -44.67
C ALA D 159 -13.44 13.40 -45.87
N ASN D 160 -14.00 12.25 -46.21
CA ASN D 160 -13.49 11.46 -47.32
C ASN D 160 -11.97 11.28 -47.28
N PRO D 161 -11.45 10.54 -46.28
CA PRO D 161 -10.01 10.35 -46.19
C PRO D 161 -9.53 9.38 -47.25
N LYS D 162 -8.22 9.29 -47.40
CA LYS D 162 -7.64 8.34 -48.35
C LYS D 162 -8.03 6.95 -47.88
N ARG D 163 -7.85 6.68 -46.58
CA ARG D 163 -8.21 5.39 -45.99
C ARG D 163 -8.73 5.60 -44.59
N ILE D 164 -9.42 4.60 -44.07
CA ILE D 164 -9.94 4.64 -42.71
C ILE D 164 -9.65 3.29 -42.07
N TYR D 165 -8.79 3.31 -41.06
CA TYR D 165 -8.44 2.10 -40.33
C TYR D 165 -9.15 2.09 -38.98
N ILE D 166 -9.60 0.92 -38.57
CA ILE D 166 -10.22 0.81 -37.26
C ILE D 166 -9.32 -0.15 -36.49
N VAL D 167 -9.05 0.18 -35.23
CA VAL D 167 -8.20 -0.67 -34.41
C VAL D 167 -8.83 -1.00 -33.09
N SER D 168 -8.90 -2.28 -32.76
CA SER D 168 -9.50 -2.72 -31.51
C SER D 168 -8.76 -3.96 -31.04
N ILE D 169 -8.96 -4.31 -29.77
CA ILE D 169 -8.31 -5.50 -29.21
C ILE D 169 -9.23 -6.69 -29.50
N ILE D 170 -10.51 -6.51 -29.23
CA ILE D 170 -11.48 -7.55 -29.46
C ILE D 170 -12.71 -6.92 -30.09
N SER D 171 -13.25 -7.60 -31.10
CA SER D 171 -14.45 -7.13 -31.78
C SER D 171 -15.37 -8.33 -31.87
N SER D 172 -16.66 -8.09 -31.70
CA SER D 172 -17.63 -9.18 -31.78
C SER D 172 -17.89 -9.49 -33.24
N GLU D 173 -18.21 -10.74 -33.52
CA GLU D 173 -18.51 -11.15 -34.88
C GLU D 173 -19.60 -10.23 -35.41
N TYR D 174 -20.54 -9.88 -34.54
CA TYR D 174 -21.65 -9.00 -34.93
C TYR D 174 -21.16 -7.63 -35.36
N GLY D 175 -20.32 -7.03 -34.51
CA GLY D 175 -19.80 -5.72 -34.81
C GLY D 175 -19.01 -5.68 -36.10
N VAL D 176 -18.06 -6.60 -36.23
CA VAL D 176 -17.23 -6.66 -37.41
C VAL D 176 -18.07 -6.70 -38.67
N ASN D 177 -19.06 -7.56 -38.70
CA ASN D 177 -19.89 -7.62 -39.88
C ASN D 177 -20.69 -6.32 -40.05
N LYS D 178 -21.27 -5.79 -38.95
CA LYS D 178 -22.05 -4.57 -39.04
C LYS D 178 -21.26 -3.41 -39.65
N ILE D 179 -19.99 -3.32 -39.30
CA ILE D 179 -19.13 -2.26 -39.81
C ILE D 179 -18.71 -2.47 -41.26
N LEU D 180 -18.06 -3.59 -41.54
CA LEU D 180 -17.58 -3.89 -42.88
C LEU D 180 -18.66 -4.02 -43.94
N SER D 181 -19.91 -4.19 -43.54
CA SER D 181 -20.97 -4.32 -44.54
C SER D 181 -21.49 -2.92 -44.87
N LYS D 182 -21.25 -1.97 -43.97
CA LYS D 182 -21.69 -0.60 -44.16
C LYS D 182 -20.56 0.21 -44.81
N TYR D 183 -19.33 -0.13 -44.47
CA TYR D 183 -18.16 0.55 -45.01
C TYR D 183 -17.10 -0.49 -45.37
N PRO D 184 -17.36 -1.24 -46.45
CA PRO D 184 -16.49 -2.30 -46.97
C PRO D 184 -15.04 -1.89 -47.22
N PHE D 185 -14.82 -0.59 -47.36
CA PHE D 185 -13.48 -0.07 -47.65
C PHE D 185 -12.61 0.14 -46.42
N ILE D 186 -13.20 -0.01 -45.24
CA ILE D 186 -12.45 0.16 -44.01
C ILE D 186 -11.47 -0.97 -43.76
N TYR D 187 -10.29 -0.61 -43.27
CA TYR D 187 -9.27 -1.59 -42.91
C TYR D 187 -9.48 -1.81 -41.42
N LEU D 188 -10.13 -2.91 -41.07
CA LEU D 188 -10.39 -3.21 -39.68
C LEU D 188 -9.34 -4.16 -39.09
N PHE D 189 -8.58 -3.66 -38.12
CA PHE D 189 -7.56 -4.46 -37.42
C PHE D 189 -8.04 -4.83 -36.03
N THR D 190 -7.85 -6.09 -35.67
CA THR D 190 -8.27 -6.56 -34.36
C THR D 190 -7.39 -7.75 -33.95
N VAL D 191 -7.22 -7.95 -32.65
CA VAL D 191 -6.40 -9.07 -32.22
C VAL D 191 -7.23 -10.33 -32.18
N ALA D 192 -8.52 -10.17 -31.89
CA ALA D 192 -9.41 -11.31 -31.82
C ALA D 192 -10.86 -10.94 -32.06
N ILE D 193 -11.61 -11.88 -32.60
CA ILE D 193 -13.02 -11.68 -32.86
C ILE D 193 -13.79 -12.67 -32.00
N ASP D 194 -14.48 -12.19 -30.98
CA ASP D 194 -15.23 -13.08 -30.12
C ASP D 194 -16.62 -13.32 -30.68
N PRO D 195 -17.18 -14.51 -30.43
CA PRO D 195 -18.50 -14.96 -30.89
C PRO D 195 -19.77 -14.23 -30.47
N GLU D 196 -19.97 -13.97 -29.19
CA GLU D 196 -21.22 -13.33 -28.80
C GLU D 196 -21.20 -12.17 -27.83
N LEU D 197 -22.37 -11.55 -27.67
CA LEU D 197 -22.56 -10.42 -26.77
C LEU D 197 -23.63 -10.89 -25.80
N ASN D 198 -23.66 -10.30 -24.60
CA ASN D 198 -24.70 -10.67 -23.65
C ASN D 198 -25.81 -9.62 -23.69
N ASN D 199 -26.79 -9.75 -22.80
CA ASN D 199 -27.92 -8.83 -22.78
C ASN D 199 -27.56 -7.39 -22.47
N LYS D 200 -26.42 -7.19 -21.83
CA LYS D 200 -25.99 -5.84 -21.48
C LYS D 200 -25.13 -5.25 -22.58
N GLY D 201 -24.78 -6.09 -23.55
CA GLY D 201 -23.97 -5.63 -24.67
C GLY D 201 -22.49 -5.83 -24.47
N TYR D 202 -22.11 -6.88 -23.75
CA TYR D 202 -20.70 -7.14 -23.53
C TYR D 202 -20.19 -8.31 -24.33
N ILE D 203 -18.94 -8.19 -24.78
CA ILE D 203 -18.31 -9.21 -25.59
C ILE D 203 -17.94 -10.43 -24.77
N LEU D 204 -18.30 -11.61 -25.26
CA LEU D 204 -18.01 -12.87 -24.59
C LEU D 204 -17.11 -13.72 -25.47
N PRO D 205 -15.98 -14.21 -24.92
CA PRO D 205 -15.48 -14.06 -23.55
C PRO D 205 -15.13 -12.61 -23.24
N GLY D 206 -14.52 -11.93 -24.21
CA GLY D 206 -14.16 -10.55 -24.03
C GLY D 206 -13.16 -10.38 -22.90
N LEU D 207 -13.21 -9.22 -22.23
CA LEU D 207 -12.31 -8.93 -21.14
C LEU D 207 -12.91 -7.97 -20.12
N GLY D 208 -14.25 -7.88 -20.11
CA GLY D 208 -14.91 -7.00 -19.16
C GLY D 208 -15.07 -5.60 -19.73
N ASP D 209 -15.32 -4.63 -18.85
CA ASP D 209 -15.49 -3.24 -19.28
C ASP D 209 -14.13 -2.59 -19.34
N ALA D 210 -13.73 -2.21 -20.55
CA ALA D 210 -12.43 -1.58 -20.76
C ALA D 210 -12.18 -0.43 -19.80
N GLY D 211 -13.17 0.44 -19.64
CA GLY D 211 -13.01 1.58 -18.75
C GLY D 211 -12.68 1.17 -17.34
N ASP D 212 -13.44 0.19 -16.84
CA ASP D 212 -13.23 -0.33 -15.50
C ASP D 212 -11.88 -1.07 -15.39
N ARG D 213 -11.55 -1.90 -16.38
CA ARG D 213 -10.30 -2.62 -16.36
C ARG D 213 -9.08 -1.69 -16.39
N ALA D 214 -9.28 -0.46 -16.88
CA ALA D 214 -8.19 0.51 -17.02
C ALA D 214 -8.12 1.55 -15.93
N PHE D 215 -9.28 1.97 -15.43
CA PHE D 215 -9.32 3.00 -14.39
C PHE D 215 -10.02 2.61 -13.10
N GLY D 216 -10.61 1.42 -13.08
CA GLY D 216 -11.28 0.99 -11.87
C GLY D 216 -10.31 0.47 -10.82
N PRO E 2 -0.26 24.99 -0.19
CA PRO E 2 1.10 25.21 -0.75
C PRO E 2 1.02 25.53 -2.25
N LEU E 3 1.71 26.60 -2.64
CA LEU E 3 1.74 27.03 -4.04
C LEU E 3 3.13 26.83 -4.59
N TYR E 4 3.24 26.10 -5.69
CA TYR E 4 4.54 25.85 -6.30
C TYR E 4 4.55 26.33 -7.75
N VAL E 5 5.36 27.34 -8.00
CA VAL E 5 5.48 27.90 -9.33
C VAL E 5 6.83 27.45 -9.86
N ILE E 6 6.82 26.43 -10.71
CA ILE E 6 8.08 25.90 -11.26
C ILE E 6 8.48 26.72 -12.47
N ASP E 7 9.29 27.74 -12.22
CA ASP E 7 9.77 28.63 -13.25
C ASP E 7 11.25 28.49 -13.52
N LYS E 8 11.72 27.27 -13.71
CA LYS E 8 13.12 27.07 -14.00
C LYS E 8 13.26 27.25 -15.52
N PRO E 9 14.47 27.56 -16.00
CA PRO E 9 14.69 27.76 -17.42
C PRO E 9 13.95 26.77 -18.32
N ILE E 10 14.22 25.49 -18.12
CA ILE E 10 13.60 24.49 -18.95
C ILE E 10 12.08 24.50 -18.96
N THR E 11 11.44 24.74 -17.82
CA THR E 11 9.99 24.74 -17.83
C THR E 11 9.45 26.00 -18.49
N LEU E 12 10.20 27.09 -18.39
CA LEU E 12 9.76 28.32 -19.03
C LEU E 12 9.98 28.15 -20.52
N HIS E 13 11.09 27.53 -20.88
CA HIS E 13 11.37 27.29 -22.27
C HIS E 13 10.21 26.55 -22.92
N ILE E 14 9.78 25.47 -22.28
CA ILE E 14 8.68 24.67 -22.81
C ILE E 14 7.40 25.49 -22.81
N LEU E 15 7.18 26.22 -21.72
CA LEU E 15 5.98 27.03 -21.63
C LEU E 15 5.93 28.03 -22.78
N THR E 16 7.10 28.58 -23.13
CA THR E 16 7.16 29.54 -24.23
C THR E 16 6.64 28.87 -25.50
N GLN E 17 7.11 27.66 -25.78
CA GLN E 17 6.67 26.93 -26.96
C GLN E 17 5.16 26.71 -26.92
N LEU E 18 4.64 26.41 -25.74
CA LEU E 18 3.20 26.18 -25.62
C LEU E 18 2.43 27.46 -25.88
N ARG E 19 2.95 28.58 -25.37
CA ARG E 19 2.30 29.88 -25.56
C ARG E 19 2.28 30.30 -27.02
N ASP E 20 3.42 30.13 -27.69
CA ASP E 20 3.55 30.49 -29.09
C ASP E 20 2.40 29.91 -29.90
N LYS E 21 1.57 30.77 -30.46
CA LYS E 21 0.43 30.33 -31.27
C LYS E 21 0.90 29.60 -32.53
N TYR E 22 2.17 29.75 -32.90
CA TYR E 22 2.69 29.08 -34.09
C TYR E 22 3.13 27.66 -33.84
N THR E 23 2.71 27.06 -32.74
CA THR E 23 3.11 25.68 -32.45
C THR E 23 1.99 24.71 -32.83
N ASP E 24 2.27 23.81 -33.75
CA ASP E 24 1.27 22.82 -34.20
C ASP E 24 0.83 21.88 -33.09
N GLN E 25 -0.30 21.25 -33.28
CA GLN E 25 -0.83 20.36 -32.26
C GLN E 25 0.12 19.23 -31.85
N ILE E 26 0.87 18.70 -32.81
CA ILE E 26 1.77 17.61 -32.48
C ILE E 26 2.81 18.06 -31.46
N ASN E 27 3.53 19.14 -31.77
CA ASN E 27 4.53 19.64 -30.85
C ASN E 27 3.88 20.23 -29.60
N PHE E 28 2.64 20.66 -29.72
CA PHE E 28 1.99 21.22 -28.56
C PHE E 28 1.86 20.08 -27.56
N ARG E 29 1.30 18.96 -28.02
CA ARG E 29 1.11 17.78 -27.18
C ARG E 29 2.43 17.23 -26.64
N LYS E 30 3.41 17.07 -27.51
CA LYS E 30 4.70 16.56 -27.07
C LYS E 30 5.24 17.41 -25.91
N ASN E 31 5.14 18.72 -26.03
CA ASN E 31 5.63 19.61 -24.98
C ASN E 31 4.85 19.43 -23.70
N LEU E 32 3.56 19.17 -23.85
CA LEU E 32 2.70 18.99 -22.70
C LEU E 32 3.10 17.72 -21.94
N VAL E 33 3.50 16.69 -22.67
CA VAL E 33 3.91 15.44 -22.04
C VAL E 33 5.22 15.68 -21.32
N ARG E 34 6.14 16.34 -22.03
CA ARG E 34 7.46 16.63 -21.48
C ARG E 34 7.31 17.41 -20.17
N LEU E 35 6.43 18.40 -20.14
CA LEU E 35 6.22 19.16 -18.92
C LEU E 35 5.67 18.24 -17.84
N GLY E 36 4.67 17.44 -18.19
CA GLY E 36 4.09 16.51 -17.23
C GLY E 36 5.17 15.75 -16.50
N ARG E 37 6.15 15.23 -17.25
CA ARG E 37 7.25 14.50 -16.64
C ARG E 37 7.94 15.40 -15.62
N ILE E 38 8.44 16.52 -16.11
CA ILE E 38 9.15 17.46 -15.26
C ILE E 38 8.37 17.82 -14.00
N LEU E 39 7.13 18.26 -14.17
CA LEU E 39 6.32 18.62 -13.01
C LEU E 39 6.22 17.40 -12.08
N GLY E 40 6.21 16.21 -12.66
CA GLY E 40 6.14 15.01 -11.83
C GLY E 40 7.38 14.96 -10.97
N TYR E 41 8.54 15.09 -11.61
CA TYR E 41 9.81 15.09 -10.92
C TYR E 41 9.72 16.08 -9.76
N GLU E 42 9.28 17.30 -10.06
CA GLU E 42 9.15 18.36 -9.06
C GLU E 42 8.28 17.95 -7.88
N ILE E 43 7.13 17.37 -8.17
CA ILE E 43 6.23 16.92 -7.12
C ILE E 43 6.93 15.85 -6.30
N SER E 44 7.63 14.95 -6.98
CA SER E 44 8.35 13.88 -6.31
C SER E 44 9.14 14.41 -5.13
N ASN E 45 9.91 15.47 -5.35
CA ASN E 45 10.71 16.00 -4.27
C ASN E 45 9.93 16.62 -3.11
N THR E 46 8.62 16.75 -3.23
CA THR E 46 7.84 17.32 -2.14
C THR E 46 7.19 16.18 -1.41
N LEU E 47 7.23 15.01 -2.04
CA LEU E 47 6.62 13.82 -1.44
C LEU E 47 7.22 13.46 -0.10
N ASP E 48 6.38 12.84 0.72
CA ASP E 48 6.76 12.41 2.03
C ASP E 48 7.70 11.22 1.86
N TYR E 49 8.80 11.19 2.58
CA TYR E 49 9.69 10.06 2.45
C TYR E 49 10.29 9.61 3.77
N GLU E 50 10.95 8.46 3.74
CA GLU E 50 11.56 7.95 4.94
C GLU E 50 13.04 7.74 4.76
N ILE E 51 13.76 7.77 5.87
CA ILE E 51 15.20 7.54 5.84
C ILE E 51 15.40 6.07 6.11
N VAL E 52 16.31 5.46 5.36
CA VAL E 52 16.56 4.04 5.52
C VAL E 52 18.06 3.81 5.48
N GLU E 53 18.45 2.55 5.59
CA GLU E 53 19.86 2.16 5.54
C GLU E 53 19.96 0.97 4.61
N VAL E 54 21.10 0.88 3.94
CA VAL E 54 21.32 -0.20 3.00
C VAL E 54 22.79 -0.64 2.89
N GLU E 55 22.98 -1.91 2.54
CA GLU E 55 24.33 -2.42 2.40
C GLU E 55 24.73 -2.48 0.93
N THR E 56 25.78 -1.76 0.61
CA THR E 56 26.28 -1.73 -0.75
C THR E 56 27.10 -2.98 -0.99
N PRO E 57 27.38 -3.29 -2.26
CA PRO E 57 28.16 -4.47 -2.61
C PRO E 57 29.51 -4.50 -1.87
N LEU E 58 29.97 -3.34 -1.40
CA LEU E 58 31.23 -3.32 -0.70
C LEU E 58 31.08 -3.76 0.74
N GLY E 59 29.93 -4.35 1.04
CA GLY E 59 29.69 -4.84 2.39
C GLY E 59 29.63 -3.78 3.47
N VAL E 60 29.31 -2.54 3.09
CA VAL E 60 29.20 -1.49 4.08
C VAL E 60 27.77 -1.00 4.06
N LYS E 61 27.33 -0.43 5.17
CA LYS E 61 25.99 0.09 5.24
C LYS E 61 26.05 1.59 5.24
N THR E 62 25.08 2.21 4.56
CA THR E 62 25.01 3.65 4.46
C THR E 62 23.55 4.00 4.47
N LYS E 63 23.25 5.22 4.88
CA LYS E 63 21.84 5.64 4.90
C LYS E 63 21.39 6.10 3.54
N GLY E 64 20.10 5.95 3.30
CA GLY E 64 19.53 6.33 2.03
C GLY E 64 18.10 6.79 2.21
N VAL E 65 17.45 7.12 1.10
CA VAL E 65 16.08 7.59 1.13
C VAL E 65 15.21 6.61 0.38
N ASP E 66 13.94 6.56 0.78
CA ASP E 66 12.99 5.70 0.13
C ASP E 66 11.64 6.40 0.17
N ILE E 67 11.21 6.88 -1.00
CA ILE E 67 9.94 7.58 -1.07
C ILE E 67 8.88 6.52 -1.27
N THR E 68 8.52 5.86 -0.19
CA THR E 68 7.54 4.81 -0.25
C THR E 68 6.24 5.34 -0.84
N ASP E 69 5.93 6.60 -0.59
CA ASP E 69 4.70 7.18 -1.11
C ASP E 69 4.56 7.03 -2.63
N LEU E 70 5.66 6.69 -3.31
CA LEU E 70 5.62 6.51 -4.76
C LEU E 70 4.70 5.37 -5.15
N ASN E 71 4.20 4.65 -4.15
CA ASN E 71 3.28 3.54 -4.40
C ASN E 71 1.88 3.97 -4.03
N ASN E 72 1.77 5.17 -3.48
CA ASN E 72 0.46 5.68 -3.06
C ASN E 72 0.08 6.92 -3.84
N ILE E 73 0.08 6.77 -5.16
CA ILE E 73 -0.26 7.88 -6.03
C ILE E 73 -1.40 7.52 -6.95
N VAL E 74 -2.36 8.43 -7.05
CA VAL E 74 -3.51 8.25 -7.91
C VAL E 74 -3.60 9.51 -8.74
N ILE E 75 -3.47 9.35 -10.06
CA ILE E 75 -3.55 10.49 -10.96
C ILE E 75 -4.93 10.55 -11.58
N ILE E 76 -5.56 11.70 -11.50
CA ILE E 76 -6.88 11.85 -12.07
C ILE E 76 -6.84 12.60 -13.38
N ASN E 77 -7.32 11.91 -14.40
CA ASN E 77 -7.34 12.46 -15.75
C ASN E 77 -8.67 13.14 -16.06
N ILE E 78 -8.63 14.45 -16.25
CA ILE E 78 -9.84 15.21 -16.58
C ILE E 78 -10.23 14.95 -18.05
N LEU E 79 -9.31 14.35 -18.78
CA LEU E 79 -9.52 14.04 -20.20
C LEU E 79 -9.29 15.24 -21.10
N ARG E 80 -9.53 15.04 -22.40
CA ARG E 80 -9.34 16.10 -23.37
C ARG E 80 -7.90 16.61 -23.30
N ALA E 81 -7.71 17.92 -23.20
CA ALA E 81 -6.35 18.47 -23.17
C ALA E 81 -5.45 17.93 -22.04
N ALA E 82 -6.06 17.42 -20.97
CA ALA E 82 -5.27 16.91 -19.85
C ALA E 82 -4.48 15.63 -20.19
N VAL E 83 -5.01 14.86 -21.12
CA VAL E 83 -4.40 13.62 -21.54
C VAL E 83 -2.88 13.68 -21.71
N PRO E 84 -2.37 14.56 -22.59
CA PRO E 84 -0.91 14.64 -22.79
C PRO E 84 -0.16 14.98 -21.51
N LEU E 85 -0.78 15.82 -20.67
CA LEU E 85 -0.16 16.23 -19.41
C LEU E 85 -0.12 15.05 -18.46
N VAL E 86 -1.22 14.33 -18.39
CA VAL E 86 -1.31 13.15 -17.55
C VAL E 86 -0.30 12.10 -18.02
N GLU E 87 -0.15 11.98 -19.32
CA GLU E 87 0.79 11.03 -19.89
C GLU E 87 2.18 11.31 -19.34
N GLY E 88 2.53 12.60 -19.26
CA GLY E 88 3.82 12.97 -18.74
C GLY E 88 3.92 12.60 -17.27
N LEU E 89 2.86 12.88 -16.52
CA LEU E 89 2.83 12.58 -15.11
C LEU E 89 2.98 11.08 -14.89
N LEU E 90 2.25 10.28 -15.65
CA LEU E 90 2.35 8.83 -15.52
C LEU E 90 3.78 8.34 -15.73
N LYS E 91 4.48 8.92 -16.70
CA LYS E 91 5.86 8.51 -16.97
C LYS E 91 6.72 8.82 -15.76
N ALA E 92 6.31 9.83 -15.00
CA ALA E 92 7.04 10.23 -13.80
C ALA E 92 6.75 9.28 -12.62
N PHE E 93 5.51 8.84 -12.53
CA PHE E 93 5.09 7.94 -11.46
C PHE E 93 4.67 6.58 -12.03
N PRO E 94 5.65 5.76 -12.40
CA PRO E 94 5.45 4.42 -12.96
C PRO E 94 4.43 3.57 -12.23
N LYS E 95 4.41 3.67 -10.90
CA LYS E 95 3.49 2.87 -10.08
C LYS E 95 2.19 3.58 -9.71
N ALA E 96 1.84 4.63 -10.43
CA ALA E 96 0.62 5.37 -10.09
C ALA E 96 -0.63 4.78 -10.71
N ARG E 97 -1.71 4.81 -9.95
CA ARG E 97 -2.96 4.31 -10.47
C ARG E 97 -3.61 5.51 -11.13
N GLN E 98 -4.57 5.26 -12.00
CA GLN E 98 -5.21 6.37 -12.67
C GLN E 98 -6.70 6.21 -12.75
N GLY E 99 -7.40 7.30 -12.49
CA GLY E 99 -8.84 7.31 -12.57
C GLY E 99 -9.16 8.47 -13.48
N VAL E 100 -10.38 8.54 -13.98
CA VAL E 100 -10.72 9.65 -14.87
C VAL E 100 -12.05 10.24 -14.48
N ILE E 101 -12.08 11.57 -14.46
CA ILE E 101 -13.30 12.28 -14.15
C ILE E 101 -13.44 13.28 -15.29
N GLY E 102 -14.13 12.84 -16.34
CA GLY E 102 -14.34 13.70 -17.48
C GLY E 102 -15.30 14.83 -17.13
N ALA E 103 -14.73 16.03 -17.00
CA ALA E 103 -15.50 17.21 -16.66
C ALA E 103 -15.27 18.25 -17.74
N SER E 104 -16.33 18.96 -18.10
CA SER E 104 -16.22 20.00 -19.13
C SER E 104 -17.06 21.22 -18.78
N ARG E 105 -16.40 22.36 -18.64
CA ARG E 105 -17.11 23.59 -18.33
C ARG E 105 -17.81 24.00 -19.62
N VAL E 106 -18.87 24.79 -19.48
CA VAL E 106 -19.60 25.24 -20.66
C VAL E 106 -18.99 26.55 -21.15
N GLU E 107 -18.47 26.54 -22.37
CA GLU E 107 -17.88 27.74 -22.94
C GLU E 107 -18.98 28.74 -23.25
N VAL E 108 -18.88 29.93 -22.64
CA VAL E 108 -19.87 30.98 -22.85
C VAL E 108 -19.20 32.35 -22.93
N ASP E 109 -19.83 33.25 -23.69
CA ASP E 109 -19.31 34.62 -23.86
C ASP E 109 -20.16 35.60 -23.05
N GLY E 110 -19.61 36.08 -21.93
CA GLY E 110 -20.34 37.02 -21.09
C GLY E 110 -19.92 38.47 -21.27
N LYS E 111 -20.65 39.37 -20.64
CA LYS E 111 -20.34 40.80 -20.71
C LYS E 111 -19.05 41.11 -19.97
N GLU E 112 -18.94 40.60 -18.75
CA GLU E 112 -17.75 40.84 -17.94
C GLU E 112 -16.85 39.62 -17.91
N VAL E 113 -15.77 39.72 -17.14
CA VAL E 113 -14.83 38.64 -16.96
C VAL E 113 -15.55 37.65 -16.03
N PRO E 114 -15.69 36.38 -16.47
CA PRO E 114 -16.36 35.35 -15.66
C PRO E 114 -15.69 35.10 -14.32
N LYS E 115 -16.48 34.65 -13.35
CA LYS E 115 -15.97 34.33 -12.02
C LYS E 115 -16.19 32.85 -11.80
N ASP E 116 -17.05 32.28 -12.63
CA ASP E 116 -17.35 30.86 -12.57
C ASP E 116 -18.04 30.44 -13.86
N MET E 117 -17.80 29.21 -14.27
CA MET E 117 -18.41 28.64 -15.47
C MET E 117 -19.17 27.43 -14.95
N ASP E 118 -20.04 26.84 -15.75
CA ASP E 118 -20.71 25.65 -15.24
C ASP E 118 -20.03 24.42 -15.83
N VAL E 119 -19.60 23.54 -14.94
CA VAL E 119 -18.90 22.33 -15.31
C VAL E 119 -19.73 21.09 -14.98
N TYR E 120 -19.68 20.10 -15.86
CA TYR E 120 -20.42 18.89 -15.60
C TYR E 120 -19.50 17.69 -15.79
N ILE E 121 -19.77 16.64 -15.01
CA ILE E 121 -18.99 15.42 -15.06
C ILE E 121 -19.72 14.44 -15.99
N TYR E 122 -19.14 14.18 -17.16
CA TYR E 122 -19.78 13.25 -18.08
C TYR E 122 -19.37 11.80 -17.84
N TYR E 123 -18.17 11.58 -17.33
CA TYR E 123 -17.71 10.21 -17.07
C TYR E 123 -16.85 10.18 -15.83
N LYS E 124 -17.09 9.21 -14.97
CA LYS E 124 -16.31 9.07 -13.75
C LYS E 124 -15.98 7.61 -13.46
N LYS E 125 -14.70 7.32 -13.30
CA LYS E 125 -14.26 5.97 -12.99
C LYS E 125 -12.91 6.14 -12.34
N ILE E 126 -12.90 5.97 -11.02
CA ILE E 126 -11.67 6.15 -10.26
C ILE E 126 -11.34 4.94 -9.40
N PRO E 127 -10.06 4.73 -9.11
CA PRO E 127 -9.62 3.60 -8.29
C PRO E 127 -10.00 3.88 -6.86
N ASP E 128 -9.44 3.08 -5.96
CA ASP E 128 -9.70 3.18 -4.53
C ASP E 128 -8.76 4.23 -3.92
N ILE E 129 -9.31 5.38 -3.55
CA ILE E 129 -8.47 6.40 -2.94
C ILE E 129 -8.46 6.16 -1.45
N ARG E 130 -7.37 5.53 -1.00
CA ARG E 130 -7.17 5.20 0.40
C ARG E 130 -6.94 6.43 1.27
N ALA E 131 -7.96 6.81 2.04
CA ALA E 131 -7.90 7.97 2.91
C ALA E 131 -6.63 7.99 3.76
N LYS E 132 -6.11 9.19 4.01
CA LYS E 132 -4.91 9.35 4.81
C LYS E 132 -3.68 8.66 4.22
N VAL E 133 -3.85 7.93 3.12
CA VAL E 133 -2.70 7.24 2.54
C VAL E 133 -2.29 7.67 1.14
N ASP E 134 -3.28 7.85 0.26
CA ASP E 134 -3.00 8.21 -1.12
C ASP E 134 -2.77 9.68 -1.42
N ASN E 135 -1.79 9.91 -2.28
CA ASN E 135 -1.45 11.24 -2.74
C ASN E 135 -2.14 11.39 -4.11
N VAL E 136 -3.21 12.17 -4.16
CA VAL E 136 -3.94 12.37 -5.41
C VAL E 136 -3.42 13.55 -6.22
N ILE E 137 -3.21 13.33 -7.51
CA ILE E 137 -2.75 14.39 -8.39
C ILE E 137 -3.75 14.65 -9.49
N ILE E 138 -4.33 15.85 -9.51
CA ILE E 138 -5.30 16.21 -10.53
C ILE E 138 -4.61 17.13 -11.54
N ALA E 139 -4.67 16.77 -12.82
CA ALA E 139 -4.03 17.59 -13.86
C ALA E 139 -5.01 18.27 -14.82
N ASP E 140 -4.68 19.50 -15.16
CA ASP E 140 -5.47 20.31 -16.09
C ASP E 140 -4.53 21.41 -16.55
N PRO E 141 -4.21 21.43 -17.85
CA PRO E 141 -3.32 22.42 -18.45
C PRO E 141 -3.63 23.86 -18.07
N MET E 142 -4.91 24.21 -18.09
CA MET E 142 -5.31 25.58 -17.77
C MET E 142 -6.32 25.67 -16.66
N ILE E 143 -6.11 26.63 -15.78
CA ILE E 143 -7.04 26.87 -14.69
C ILE E 143 -7.40 28.34 -14.82
N ALA E 144 -8.60 28.63 -15.32
CA ALA E 144 -9.06 29.99 -15.51
C ALA E 144 -9.96 30.46 -14.36
N THR E 145 -11.19 30.00 -14.34
CA THR E 145 -12.09 30.39 -13.27
C THR E 145 -12.02 29.35 -12.15
N ALA E 146 -11.18 28.34 -12.37
CA ALA E 146 -11.00 27.25 -11.42
C ALA E 146 -12.28 26.42 -11.26
N SER E 147 -13.31 26.79 -12.01
CA SER E 147 -14.59 26.07 -11.93
C SER E 147 -14.44 24.59 -12.25
N THR E 148 -13.61 24.28 -13.24
CA THR E 148 -13.40 22.88 -13.61
C THR E 148 -12.69 22.14 -12.47
N MET E 149 -11.56 22.67 -12.02
CA MET E 149 -10.82 22.03 -10.93
C MET E 149 -11.70 21.85 -9.71
N LEU E 150 -12.44 22.89 -9.37
CA LEU E 150 -13.30 22.83 -8.21
C LEU E 150 -14.33 21.70 -8.32
N LYS E 151 -14.91 21.53 -9.51
CA LYS E 151 -15.91 20.48 -9.67
C LYS E 151 -15.30 19.12 -9.42
N VAL E 152 -14.08 18.92 -9.91
CA VAL E 152 -13.41 17.65 -9.71
C VAL E 152 -13.10 17.49 -8.22
N LEU E 153 -12.44 18.50 -7.65
CA LEU E 153 -12.09 18.48 -6.24
C LEU E 153 -13.31 18.27 -5.37
N GLU E 154 -14.44 18.82 -5.81
CA GLU E 154 -15.68 18.71 -5.06
C GLU E 154 -15.92 17.30 -4.58
N GLU E 155 -15.28 16.34 -5.23
CA GLU E 155 -15.47 14.97 -4.80
C GLU E 155 -14.22 14.15 -4.63
N VAL E 156 -13.06 14.75 -4.89
CA VAL E 156 -11.81 14.03 -4.68
C VAL E 156 -11.60 14.16 -3.17
N VAL E 157 -11.99 15.32 -2.65
CA VAL E 157 -11.87 15.64 -1.24
C VAL E 157 -12.68 14.64 -0.40
N LYS E 158 -13.82 14.22 -0.93
CA LYS E 158 -14.65 13.25 -0.22
C LYS E 158 -13.81 12.09 0.28
N ALA E 159 -12.96 11.55 -0.60
CA ALA E 159 -12.12 10.41 -0.26
C ALA E 159 -11.07 10.67 0.80
N ASN E 160 -10.91 11.93 1.17
CA ASN E 160 -9.93 12.34 2.18
C ASN E 160 -8.56 11.72 1.95
N PRO E 161 -7.88 12.11 0.87
CA PRO E 161 -6.56 11.55 0.58
C PRO E 161 -5.52 12.10 1.53
N LYS E 162 -4.34 11.51 1.51
CA LYS E 162 -3.25 11.98 2.34
C LYS E 162 -2.93 13.41 1.87
N ARG E 163 -2.83 13.59 0.56
CA ARG E 163 -2.53 14.88 -0.04
C ARG E 163 -3.27 15.02 -1.34
N ILE E 164 -3.39 16.24 -1.82
CA ILE E 164 -4.03 16.51 -3.11
C ILE E 164 -3.19 17.54 -3.84
N TYR E 165 -2.58 17.12 -4.94
CA TYR E 165 -1.77 18.00 -5.75
C TYR E 165 -2.54 18.41 -7.00
N ILE E 166 -2.38 19.65 -7.41
CA ILE E 166 -3.02 20.11 -8.62
C ILE E 166 -1.88 20.50 -9.55
N VAL E 167 -1.97 20.12 -10.80
CA VAL E 167 -0.92 20.44 -11.76
C VAL E 167 -1.47 21.09 -13.01
N SER E 168 -0.90 22.24 -13.36
CA SER E 168 -1.34 22.95 -14.55
C SER E 168 -0.16 23.65 -15.16
N ILE E 169 -0.31 24.11 -16.41
CA ILE E 169 0.77 24.80 -17.08
C ILE E 169 0.65 26.29 -16.73
N ILE E 170 -0.57 26.79 -16.82
CA ILE E 170 -0.85 28.18 -16.51
C ILE E 170 -2.12 28.25 -15.71
N SER E 171 -2.11 29.06 -14.68
CA SER E 171 -3.29 29.25 -13.85
C SER E 171 -3.45 30.76 -13.69
N SER E 172 -4.69 31.22 -13.68
CA SER E 172 -4.94 32.64 -13.53
C SER E 172 -4.81 33.00 -12.07
N GLU E 173 -4.41 34.23 -11.80
CA GLU E 173 -4.28 34.70 -10.43
C GLU E 173 -5.62 34.45 -9.72
N TYR E 174 -6.71 34.65 -10.46
CA TYR E 174 -8.04 34.45 -9.90
C TYR E 174 -8.27 33.01 -9.48
N GLY E 175 -7.97 32.09 -10.40
CA GLY E 175 -8.17 30.67 -10.12
C GLY E 175 -7.35 30.20 -8.93
N VAL E 176 -6.05 30.51 -8.97
CA VAL E 176 -5.15 30.11 -7.91
C VAL E 176 -5.70 30.55 -6.56
N ASN E 177 -6.18 31.78 -6.51
CA ASN E 177 -6.70 32.33 -5.28
C ASN E 177 -8.00 31.66 -4.88
N LYS E 178 -8.85 31.36 -5.87
CA LYS E 178 -10.13 30.73 -5.58
C LYS E 178 -9.95 29.31 -5.04
N ILE E 179 -8.96 28.59 -5.56
CA ILE E 179 -8.71 27.22 -5.11
C ILE E 179 -8.07 27.15 -3.72
N LEU E 180 -6.90 27.77 -3.58
CA LEU E 180 -6.17 27.74 -2.31
C LEU E 180 -6.89 28.37 -1.12
N SER E 181 -7.92 29.18 -1.38
CA SER E 181 -8.62 29.78 -0.26
C SER E 181 -9.74 28.83 0.19
N LYS E 182 -10.13 27.93 -0.70
CA LYS E 182 -11.17 26.96 -0.41
C LYS E 182 -10.54 25.68 0.13
N TYR E 183 -9.36 25.35 -0.38
CA TYR E 183 -8.65 24.16 0.04
C TYR E 183 -7.18 24.50 0.23
N PRO E 184 -6.86 25.24 1.30
CA PRO E 184 -5.52 25.70 1.66
C PRO E 184 -4.47 24.60 1.75
N PHE E 185 -4.90 23.36 1.92
CA PHE E 185 -4.00 22.23 2.05
C PHE E 185 -3.51 21.66 0.74
N ILE E 186 -4.11 22.10 -0.36
CA ILE E 186 -3.73 21.62 -1.66
C ILE E 186 -2.34 22.09 -2.09
N TYR E 187 -1.59 21.19 -2.72
CA TYR E 187 -0.27 21.53 -3.25
C TYR E 187 -0.53 21.86 -4.70
N LEU E 188 -0.56 23.15 -5.02
CA LEU E 188 -0.81 23.58 -6.38
C LEU E 188 0.47 23.87 -7.13
N PHE E 189 0.73 23.08 -8.17
CA PHE E 189 1.92 23.26 -9.00
C PHE E 189 1.53 23.89 -10.34
N THR E 190 2.31 24.87 -10.79
CA THR E 190 2.02 25.53 -12.05
C THR E 190 3.30 26.13 -12.60
N VAL E 191 3.41 26.23 -13.91
CA VAL E 191 4.62 26.80 -14.48
C VAL E 191 4.54 28.32 -14.47
N ALA E 192 3.33 28.85 -14.59
CA ALA E 192 3.15 30.29 -14.61
C ALA E 192 1.77 30.70 -14.17
N ILE E 193 1.68 31.88 -13.56
CA ILE E 193 0.39 32.40 -13.12
C ILE E 193 0.12 33.67 -13.93
N ASP E 194 -0.85 33.62 -14.84
CA ASP E 194 -1.15 34.81 -15.63
C ASP E 194 -2.15 35.72 -14.90
N PRO E 195 -2.05 37.03 -15.14
CA PRO E 195 -2.86 38.08 -14.55
C PRO E 195 -4.35 38.10 -14.76
N GLU E 196 -4.82 38.04 -15.99
CA GLU E 196 -6.26 38.14 -16.20
C GLU E 196 -6.96 37.17 -17.13
N LEU E 197 -8.29 37.22 -17.08
CA LEU E 197 -9.15 36.38 -17.91
C LEU E 197 -9.96 37.36 -18.77
N ASN E 198 -10.43 36.92 -19.93
CA ASN E 198 -11.24 37.80 -20.76
C ASN E 198 -12.72 37.47 -20.53
N ASN E 199 -13.60 38.08 -21.30
CA ASN E 199 -15.03 37.87 -21.14
C ASN E 199 -15.52 36.47 -21.43
N LYS E 200 -14.73 35.73 -22.21
CA LYS E 200 -15.10 34.36 -22.55
C LYS E 200 -14.51 33.37 -21.54
N GLY E 201 -13.66 33.87 -20.65
CA GLY E 201 -13.07 33.03 -19.63
C GLY E 201 -11.73 32.45 -20.04
N TYR E 202 -10.96 33.18 -20.83
CA TYR E 202 -9.66 32.69 -21.25
C TYR E 202 -8.52 33.43 -20.55
N ILE E 203 -7.46 32.68 -20.26
CA ILE E 203 -6.30 33.20 -19.58
C ILE E 203 -5.47 34.07 -20.50
N LEU E 204 -5.12 35.26 -20.01
CA LEU E 204 -4.31 36.22 -20.76
C LEU E 204 -2.99 36.46 -20.03
N PRO E 205 -1.86 36.32 -20.73
CA PRO E 205 -1.69 35.98 -22.14
C PRO E 205 -2.17 34.57 -22.44
N GLY E 206 -1.89 33.65 -21.51
CA GLY E 206 -2.31 32.28 -21.68
C GLY E 206 -1.69 31.65 -22.92
N LEU E 207 -2.41 30.71 -23.53
CA LEU E 207 -1.92 30.03 -24.74
C LEU E 207 -3.05 29.55 -25.64
N GLY E 208 -4.23 30.16 -25.49
CA GLY E 208 -5.36 29.77 -26.30
C GLY E 208 -6.15 28.64 -25.64
N ASP E 209 -6.96 27.94 -26.44
CA ASP E 209 -7.75 26.84 -25.95
C ASP E 209 -6.92 25.57 -26.02
N ALA E 210 -6.63 24.99 -24.86
CA ALA E 210 -5.81 23.77 -24.77
C ALA E 210 -6.29 22.69 -25.72
N GLY E 211 -7.61 22.44 -25.72
CA GLY E 211 -8.17 21.41 -26.59
C GLY E 211 -7.87 21.65 -28.05
N ASP E 212 -8.06 22.89 -28.49
CA ASP E 212 -7.80 23.25 -29.86
C ASP E 212 -6.31 23.21 -30.16
N ARG E 213 -5.48 23.71 -29.25
CA ARG E 213 -4.03 23.71 -29.47
C ARG E 213 -3.47 22.29 -29.55
N ALA E 214 -4.19 21.34 -28.97
CA ALA E 214 -3.76 19.95 -28.96
C ALA E 214 -4.37 19.06 -30.01
N PHE E 215 -5.64 19.28 -30.33
CA PHE E 215 -6.32 18.45 -31.32
C PHE E 215 -6.88 19.18 -32.52
N GLY E 216 -6.78 20.50 -32.53
CA GLY E 216 -7.28 21.27 -33.65
C GLY E 216 -6.33 21.27 -34.83
N PRO F 2 -0.75 -34.97 13.53
CA PRO F 2 -1.98 -34.37 12.97
C PRO F 2 -1.69 -33.04 12.27
N LEU F 3 -2.19 -32.89 11.04
CA LEU F 3 -2.00 -31.67 10.28
C LEU F 3 -3.32 -30.96 10.13
N TYR F 4 -3.37 -29.69 10.53
CA TYR F 4 -4.59 -28.92 10.42
C TYR F 4 -4.35 -27.67 9.59
N VAL F 5 -4.99 -27.62 8.42
CA VAL F 5 -4.87 -26.48 7.54
C VAL F 5 -6.19 -25.73 7.63
N ILE F 6 -6.20 -24.64 8.39
CA ILE F 6 -7.41 -23.84 8.55
C ILE F 6 -7.57 -22.86 7.40
N ASP F 7 -8.28 -23.30 6.38
CA ASP F 7 -8.51 -22.51 5.18
C ASP F 7 -9.96 -22.07 5.04
N LYS F 8 -10.54 -21.53 6.10
CA LYS F 8 -11.91 -21.07 6.01
C LYS F 8 -11.82 -19.66 5.42
N PRO F 9 -12.93 -19.16 4.82
CA PRO F 9 -12.93 -17.83 4.22
C PRO F 9 -12.20 -16.76 5.04
N ILE F 10 -12.63 -16.59 6.26
CA ILE F 10 -12.04 -15.57 7.11
C ILE F 10 -10.53 -15.69 7.32
N THR F 11 -10.02 -16.91 7.48
CA THR F 11 -8.57 -17.05 7.69
C THR F 11 -7.83 -16.81 6.39
N LEU F 12 -8.47 -17.13 5.27
CA LEU F 12 -7.81 -16.92 3.99
C LEU F 12 -7.85 -15.42 3.72
N HIS F 13 -8.95 -14.80 4.07
CA HIS F 13 -9.09 -13.36 3.89
C HIS F 13 -7.95 -12.64 4.61
N ILE F 14 -7.74 -13.00 5.87
CA ILE F 14 -6.67 -12.38 6.65
C ILE F 14 -5.32 -12.74 6.07
N LEU F 15 -5.15 -14.00 5.70
CA LEU F 15 -3.89 -14.43 5.11
C LEU F 15 -3.59 -13.60 3.86
N THR F 16 -4.62 -13.30 3.08
CA THR F 16 -4.43 -12.51 1.86
C THR F 16 -3.83 -11.17 2.23
N GLN F 17 -4.38 -10.53 3.26
CA GLN F 17 -3.89 -9.23 3.71
C GLN F 17 -2.44 -9.34 4.14
N LEU F 18 -2.10 -10.44 4.82
CA LEU F 18 -0.73 -10.65 5.28
C LEU F 18 0.21 -10.82 4.11
N ARG F 19 -0.24 -11.56 3.09
CA ARG F 19 0.58 -11.80 1.90
C ARG F 19 0.82 -10.49 1.12
N ASP F 20 -0.25 -9.69 0.97
CA ASP F 20 -0.18 -8.42 0.23
C ASP F 20 0.98 -7.57 0.68
N LYS F 21 1.95 -7.41 -0.21
CA LYS F 21 3.13 -6.62 0.10
C LYS F 21 2.82 -5.18 0.41
N TYR F 22 1.60 -4.75 0.11
CA TYR F 22 1.21 -3.37 0.37
C TYR F 22 0.58 -3.18 1.75
N THR F 23 0.77 -4.12 2.67
CA THR F 23 0.18 -3.98 4.00
C THR F 23 1.22 -3.45 4.99
N ASP F 24 0.96 -2.28 5.58
CA ASP F 24 1.89 -1.68 6.54
C ASP F 24 2.06 -2.54 7.78
N GLN F 25 3.14 -2.29 8.52
CA GLN F 25 3.43 -3.07 9.72
C GLN F 25 2.30 -3.06 10.75
N ILE F 26 1.65 -1.92 10.91
CA ILE F 26 0.58 -1.86 11.88
C ILE F 26 -0.53 -2.85 11.58
N ASN F 27 -1.05 -2.81 10.35
CA ASN F 27 -2.11 -3.73 9.97
C ASN F 27 -1.58 -5.14 9.82
N PHE F 28 -0.29 -5.25 9.54
CA PHE F 28 0.27 -6.57 9.42
C PHE F 28 0.13 -7.23 10.79
N ARG F 29 0.62 -6.54 11.83
CA ARG F 29 0.55 -7.04 13.20
C ARG F 29 -0.88 -7.29 13.69
N LYS F 30 -1.75 -6.32 13.47
CA LYS F 30 -3.15 -6.47 13.88
C LYS F 30 -3.73 -7.74 13.28
N ASN F 31 -3.44 -8.01 12.01
CA ASN F 31 -3.96 -9.20 11.36
C ASN F 31 -3.41 -10.46 11.98
N LEU F 32 -2.13 -10.39 12.37
CA LEU F 32 -1.45 -11.51 12.98
C LEU F 32 -2.09 -11.86 14.33
N VAL F 33 -2.50 -10.83 15.06
CA VAL F 33 -3.13 -11.05 16.35
C VAL F 33 -4.48 -11.67 16.11
N ARG F 34 -5.22 -11.10 15.17
CA ARG F 34 -6.55 -11.58 14.83
C ARG F 34 -6.49 -13.06 14.46
N LEU F 35 -5.51 -13.43 13.65
CA LEU F 35 -5.38 -14.83 13.27
C LEU F 35 -5.09 -15.67 14.51
N GLY F 36 -4.15 -15.22 15.33
CA GLY F 36 -3.83 -15.95 16.54
C GLY F 36 -5.08 -16.33 17.33
N ARG F 37 -6.01 -15.39 17.47
CA ARG F 37 -7.23 -15.64 18.21
C ARG F 37 -8.04 -16.74 17.52
N ILE F 38 -8.18 -16.62 16.22
CA ILE F 38 -8.93 -17.60 15.44
C ILE F 38 -8.30 -18.98 15.53
N LEU F 39 -7.01 -19.07 15.23
CA LEU F 39 -6.32 -20.35 15.31
C LEU F 39 -6.47 -20.91 16.73
N GLY F 40 -6.53 -20.02 17.72
CA GLY F 40 -6.71 -20.48 19.07
C GLY F 40 -8.05 -21.18 19.17
N TYR F 41 -9.09 -20.50 18.71
CA TYR F 41 -10.43 -21.04 18.72
C TYR F 41 -10.39 -22.43 18.09
N GLU F 42 -9.76 -22.51 16.91
CA GLU F 42 -9.65 -23.78 16.19
C GLU F 42 -9.01 -24.87 17.02
N ILE F 43 -7.88 -24.54 17.65
CA ILE F 43 -7.19 -25.51 18.48
C ILE F 43 -8.11 -25.93 19.62
N SER F 44 -8.82 -24.98 20.20
CA SER F 44 -9.74 -25.27 21.29
C SER F 44 -10.61 -26.47 20.98
N ASN F 45 -11.19 -26.48 19.80
CA ASN F 45 -12.06 -27.58 19.45
C ASN F 45 -11.38 -28.93 19.27
N THR F 46 -10.05 -28.96 19.29
CA THR F 46 -9.36 -30.24 19.15
C THR F 46 -8.95 -30.69 20.54
N LEU F 47 -9.03 -29.77 21.49
CA LEU F 47 -8.66 -30.07 22.85
C LEU F 47 -9.45 -31.21 23.45
N ASP F 48 -8.81 -31.88 24.39
CA ASP F 48 -9.43 -32.98 25.09
C ASP F 48 -10.45 -32.40 26.05
N TYR F 49 -11.63 -33.00 26.12
CA TYR F 49 -12.61 -32.47 27.04
C TYR F 49 -13.43 -33.56 27.71
N GLU F 50 -14.21 -33.14 28.70
CA GLU F 50 -15.05 -34.06 29.46
C GLU F 50 -16.51 -33.72 29.30
N ILE F 51 -17.36 -34.72 29.53
CA ILE F 51 -18.78 -34.48 29.48
C ILE F 51 -19.18 -34.32 30.92
N VAL F 52 -20.04 -33.34 31.18
CA VAL F 52 -20.47 -33.10 32.54
C VAL F 52 -21.96 -32.86 32.55
N GLU F 53 -22.47 -32.55 33.73
CA GLU F 53 -23.88 -32.27 33.92
C GLU F 53 -23.89 -30.90 34.59
N VAL F 54 -25.02 -30.19 34.44
CA VAL F 54 -25.14 -28.87 35.02
C VAL F 54 -26.63 -28.59 35.26
N GLU F 55 -26.92 -27.89 36.36
CA GLU F 55 -28.30 -27.56 36.72
C GLU F 55 -28.62 -26.12 36.35
N THR F 56 -29.56 -25.94 35.42
CA THR F 56 -29.92 -24.60 34.99
C THR F 56 -30.85 -23.95 35.99
N PRO F 57 -31.00 -22.62 35.92
CA PRO F 57 -31.87 -21.89 36.83
C PRO F 57 -33.27 -22.44 36.85
N LEU F 58 -33.63 -23.18 35.82
CA LEU F 58 -34.97 -23.74 35.80
C LEU F 58 -35.07 -25.02 36.63
N GLY F 59 -34.03 -25.27 37.43
CA GLY F 59 -34.03 -26.43 38.28
C GLY F 59 -33.99 -27.76 37.55
N VAL F 60 -33.48 -27.77 36.33
CA VAL F 60 -33.38 -29.01 35.60
C VAL F 60 -31.92 -29.25 35.33
N LYS F 61 -31.56 -30.51 35.14
CA LYS F 61 -30.18 -30.84 34.88
C LYS F 61 -30.06 -31.23 33.42
N THR F 62 -28.95 -30.86 32.81
CA THR F 62 -28.72 -31.17 31.42
C THR F 62 -27.24 -31.42 31.30
N LYS F 63 -26.84 -32.19 30.29
CA LYS F 63 -25.42 -32.45 30.11
C LYS F 63 -24.74 -31.32 29.37
N GLY F 64 -23.45 -31.16 29.65
CA GLY F 64 -22.68 -30.11 29.02
C GLY F 64 -21.24 -30.54 28.83
N VAL F 65 -20.43 -29.63 28.31
CA VAL F 65 -19.04 -29.91 28.08
C VAL F 65 -18.19 -29.02 28.95
N ASP F 66 -17.02 -29.50 29.28
CA ASP F 66 -16.07 -28.74 30.10
C ASP F 66 -14.68 -29.10 29.62
N ILE F 67 -14.04 -28.15 28.91
CA ILE F 67 -12.70 -28.39 28.42
C ILE F 67 -11.76 -27.99 29.55
N THR F 68 -11.61 -28.88 30.51
CA THR F 68 -10.76 -28.64 31.65
C THR F 68 -9.33 -28.36 31.18
N ASP F 69 -8.93 -28.97 30.08
CA ASP F 69 -7.59 -28.74 29.56
C ASP F 69 -7.27 -27.26 29.31
N LEU F 70 -8.29 -26.41 29.31
CA LEU F 70 -8.10 -24.97 29.11
C LEU F 70 -7.26 -24.37 30.23
N ASN F 71 -7.00 -25.16 31.26
CA ASN F 71 -6.19 -24.72 32.40
C ASN F 71 -4.81 -25.31 32.27
N ASN F 72 -4.62 -26.19 31.29
CA ASN F 72 -3.33 -26.84 31.11
C ASN F 72 -2.72 -26.48 29.79
N ILE F 73 -2.55 -25.17 29.58
CA ILE F 73 -1.98 -24.68 28.35
C ILE F 73 -0.77 -23.83 28.61
N VAL F 74 0.29 -24.07 27.85
CA VAL F 74 1.50 -23.30 27.97
C VAL F 74 1.85 -22.85 26.57
N ILE F 75 1.88 -21.54 26.36
CA ILE F 75 2.21 -21.01 25.05
C ILE F 75 3.66 -20.57 25.04
N ILE F 76 4.39 -21.01 24.04
CA ILE F 76 5.78 -20.63 23.96
C ILE F 76 5.99 -19.57 22.89
N ASN F 77 6.53 -18.44 23.33
CA ASN F 77 6.79 -17.30 22.49
C ASN F 77 8.22 -17.31 21.94
N ILE F 78 8.35 -17.49 20.64
CA ILE F 78 9.67 -17.49 20.00
C ILE F 78 10.21 -16.07 19.91
N LEU F 79 9.33 -15.11 20.18
CA LEU F 79 9.67 -13.69 20.14
C LEU F 79 9.72 -13.13 18.73
N ARG F 80 10.10 -11.86 18.61
CA ARG F 80 10.17 -11.20 17.31
C ARG F 80 8.80 -11.26 16.63
N ALA F 81 8.74 -11.70 15.39
CA ALA F 81 7.47 -11.76 14.69
C ALA F 81 6.37 -12.60 15.36
N ALA F 82 6.77 -13.54 16.22
CA ALA F 82 5.78 -14.40 16.88
C ALA F 82 4.91 -13.66 17.88
N VAL F 83 5.46 -12.58 18.43
CA VAL F 83 4.77 -11.80 19.43
C VAL F 83 3.29 -11.51 19.12
N PRO F 84 3.00 -10.87 17.97
CA PRO F 84 1.60 -10.56 17.62
C PRO F 84 0.74 -11.81 17.53
N LEU F 85 1.33 -12.89 17.01
CA LEU F 85 0.61 -14.16 16.87
C LEU F 85 0.30 -14.73 18.25
N VAL F 86 1.31 -14.69 19.13
CA VAL F 86 1.15 -15.20 20.48
C VAL F 86 0.10 -14.38 21.21
N GLU F 87 0.11 -13.08 20.96
CA GLU F 87 -0.86 -12.18 21.59
C GLU F 87 -2.26 -12.66 21.26
N GLY F 88 -2.45 -13.07 20.01
CA GLY F 88 -3.75 -13.55 19.60
C GLY F 88 -4.09 -14.83 20.32
N LEU F 89 -3.11 -15.73 20.38
CA LEU F 89 -3.30 -17.01 21.06
C LEU F 89 -3.65 -16.80 22.53
N LEU F 90 -2.92 -15.90 23.20
CA LEU F 90 -3.21 -15.62 24.61
C LEU F 90 -4.64 -15.14 24.79
N LYS F 91 -5.14 -14.30 23.89
CA LYS F 91 -6.51 -13.81 24.02
C LYS F 91 -7.49 -14.98 23.91
N ALA F 92 -7.06 -16.02 23.20
CA ALA F 92 -7.89 -17.22 23.02
C ALA F 92 -7.86 -18.10 24.27
N PHE F 93 -6.69 -18.18 24.89
CA PHE F 93 -6.53 -19.00 26.08
C PHE F 93 -6.20 -18.14 27.30
N PRO F 94 -7.22 -17.46 27.85
CA PRO F 94 -7.10 -16.57 29.01
C PRO F 94 -6.29 -17.13 30.17
N LYS F 95 -6.43 -18.43 30.42
CA LYS F 95 -5.72 -19.08 31.52
C LYS F 95 -4.41 -19.76 31.13
N ALA F 96 -3.85 -19.38 29.99
CA ALA F 96 -2.62 -20.01 29.56
C ALA F 96 -1.38 -19.38 30.16
N ARG F 97 -0.39 -20.22 30.45
CA ARG F 97 0.85 -19.71 30.98
C ARG F 97 1.71 -19.47 29.76
N GLN F 98 2.73 -18.65 29.92
CA GLN F 98 3.58 -18.37 28.79
C GLN F 98 5.05 -18.39 29.13
N GLY F 99 5.83 -19.00 28.26
CA GLY F 99 7.26 -19.06 28.45
C GLY F 99 7.81 -18.53 27.16
N VAL F 100 9.10 -18.20 27.11
CA VAL F 100 9.66 -17.69 25.88
C VAL F 100 10.99 -18.35 25.60
N ILE F 101 11.18 -18.73 24.35
CA ILE F 101 12.42 -19.34 23.93
C ILE F 101 12.84 -18.55 22.71
N GLY F 102 13.58 -17.47 22.95
CA GLY F 102 14.05 -16.64 21.87
C GLY F 102 15.04 -17.38 21.02
N ALA F 103 14.60 -17.79 19.84
CA ALA F 103 15.47 -18.50 18.91
C ALA F 103 15.50 -17.72 17.59
N SER F 104 16.68 -17.68 16.96
CA SER F 104 16.83 -16.97 15.70
C SER F 104 17.75 -17.71 14.75
N ARG F 105 17.22 -18.10 13.60
CA ARG F 105 18.03 -18.79 12.62
C ARG F 105 18.92 -17.75 12.00
N VAL F 106 20.04 -18.18 11.43
CA VAL F 106 20.97 -17.25 10.81
C VAL F 106 20.59 -17.08 9.34
N GLU F 107 20.23 -15.86 8.95
CA GLU F 107 19.86 -15.60 7.58
C GLU F 107 21.10 -15.69 6.70
N VAL F 108 21.05 -16.57 5.71
CA VAL F 108 22.17 -16.76 4.79
C VAL F 108 21.69 -16.99 3.36
N ASP F 109 22.51 -16.59 2.40
CA ASP F 109 22.18 -16.75 0.98
C ASP F 109 23.03 -17.88 0.38
N GLY F 110 22.40 -19.03 0.12
CA GLY F 110 23.12 -20.15 -0.44
C GLY F 110 22.88 -20.34 -1.93
N LYS F 111 23.63 -21.26 -2.53
CA LYS F 111 23.50 -21.55 -3.95
C LYS F 111 22.18 -22.24 -4.24
N GLU F 112 21.85 -23.24 -3.45
CA GLU F 112 20.60 -23.97 -3.65
C GLU F 112 19.57 -23.59 -2.59
N VAL F 113 18.43 -24.26 -2.66
CA VAL F 113 17.35 -24.03 -1.72
C VAL F 113 17.81 -24.72 -0.44
N PRO F 114 17.87 -23.97 0.68
CA PRO F 114 18.29 -24.52 1.97
C PRO F 114 17.43 -25.68 2.46
N LYS F 115 18.03 -26.56 3.26
CA LYS F 115 17.32 -27.69 3.84
C LYS F 115 17.34 -27.51 5.34
N ASP F 116 18.23 -26.63 5.79
CA ASP F 116 18.35 -26.34 7.21
C ASP F 116 19.15 -25.06 7.38
N MET F 117 18.82 -24.31 8.42
CA MET F 117 19.51 -23.06 8.74
C MET F 117 20.05 -23.27 10.14
N ASP F 118 20.91 -22.37 10.59
CA ASP F 118 21.47 -22.47 11.94
C ASP F 118 20.65 -21.62 12.89
N VAL F 119 20.05 -22.24 13.89
CA VAL F 119 19.24 -21.52 14.87
C VAL F 119 19.87 -21.55 16.26
N TYR F 120 19.84 -20.39 16.93
CA TYR F 120 20.43 -20.24 18.26
C TYR F 120 19.40 -19.74 19.27
N ILE F 121 19.43 -20.29 20.48
CA ILE F 121 18.50 -19.85 21.52
C ILE F 121 19.22 -18.78 22.33
N TYR F 122 18.78 -17.54 22.20
CA TYR F 122 19.41 -16.45 22.94
C TYR F 122 18.80 -16.23 24.31
N TYR F 123 17.53 -16.55 24.49
CA TYR F 123 16.91 -16.38 25.80
C TYR F 123 15.89 -17.48 26.02
N LYS F 124 15.89 -18.06 27.22
CA LYS F 124 14.94 -19.10 27.55
C LYS F 124 14.42 -18.95 28.97
N LYS F 125 13.11 -18.92 29.10
CA LYS F 125 12.49 -18.80 30.41
C LYS F 125 11.09 -19.35 30.22
N ILE F 126 10.89 -20.56 30.71
CA ILE F 126 9.60 -21.22 30.56
C ILE F 126 9.03 -21.68 31.89
N PRO F 127 7.70 -21.78 31.98
CA PRO F 127 7.03 -22.22 33.21
C PRO F 127 7.22 -23.71 33.36
N ASP F 128 6.38 -24.29 34.20
CA ASP F 128 6.43 -25.71 34.47
C ASP F 128 5.62 -26.52 33.53
N ILE F 129 6.31 -27.22 32.66
CA ILE F 129 5.54 -28.01 31.74
C ILE F 129 5.29 -29.37 32.37
N ARG F 130 4.10 -29.52 32.94
CA ARG F 130 3.69 -30.75 33.59
C ARG F 130 3.49 -31.89 32.60
N ALA F 131 4.46 -32.82 32.59
CA ALA F 131 4.41 -33.98 31.70
C ALA F 131 3.05 -34.69 31.72
N LYS F 132 2.64 -35.20 30.56
CA LYS F 132 1.36 -35.89 30.44
C LYS F 132 0.15 -35.02 30.77
N VAL F 133 0.38 -33.78 31.20
CA VAL F 133 -0.76 -32.94 31.54
C VAL F 133 -0.92 -31.68 30.70
N ASP F 134 0.18 -30.97 30.45
CA ASP F 134 0.13 -29.72 29.70
C ASP F 134 0.12 -29.81 28.19
N ASN F 135 -0.72 -28.97 27.60
CA ASN F 135 -0.85 -28.85 26.15
C ASN F 135 0.03 -27.67 25.76
N VAL F 136 1.17 -27.95 25.14
CA VAL F 136 2.07 -26.88 24.75
C VAL F 136 1.82 -26.37 23.34
N ILE F 137 1.76 -25.04 23.20
CA ILE F 137 1.53 -24.43 21.89
C ILE F 137 2.70 -23.56 21.49
N ILE F 138 3.40 -23.92 20.43
CA ILE F 138 4.54 -23.13 19.96
C ILE F 138 4.10 -22.36 18.72
N ALA F 139 4.26 -21.04 18.73
CA ALA F 139 3.87 -20.20 17.61
C ALA F 139 5.02 -19.57 16.85
N ASP F 140 4.88 -19.55 15.53
CA ASP F 140 5.88 -18.96 14.63
C ASP F 140 5.14 -18.73 13.32
N PRO F 141 5.02 -17.45 12.92
CA PRO F 141 4.32 -17.07 11.69
C PRO F 141 4.74 -17.88 10.46
N MET F 142 6.04 -18.07 10.30
CA MET F 142 6.56 -18.79 9.15
C MET F 142 7.41 -19.99 9.50
N ILE F 143 7.21 -21.07 8.78
CA ILE F 143 8.00 -22.26 8.96
C ILE F 143 8.56 -22.59 7.58
N ALA F 144 9.84 -22.28 7.36
CA ALA F 144 10.46 -22.52 6.07
C ALA F 144 11.24 -23.83 6.05
N THR F 145 12.41 -23.83 6.68
CA THR F 145 13.22 -25.06 6.73
C THR F 145 12.88 -25.83 7.99
N ALA F 146 11.96 -25.28 8.77
CA ALA F 146 11.53 -25.88 10.02
C ALA F 146 12.67 -25.91 11.04
N SER F 147 13.84 -25.39 10.64
CA SER F 147 15.00 -25.38 11.53
C SER F 147 14.72 -24.66 12.85
N THR F 148 13.99 -23.55 12.78
CA THR F 148 13.67 -22.80 13.97
C THR F 148 12.75 -23.61 14.88
N MET F 149 11.63 -24.10 14.32
CA MET F 149 10.69 -24.89 15.11
C MET F 149 11.37 -26.09 15.72
N LEU F 150 12.20 -26.75 14.93
CA LEU F 150 12.88 -27.92 15.41
C LEU F 150 13.79 -27.60 16.60
N LYS F 151 14.49 -26.48 16.55
CA LYS F 151 15.38 -26.11 17.65
C LYS F 151 14.57 -25.93 18.94
N VAL F 152 13.42 -25.29 18.83
CA VAL F 152 12.58 -25.08 19.99
C VAL F 152 12.05 -26.43 20.49
N LEU F 153 11.48 -27.20 19.57
CA LEU F 153 10.92 -28.51 19.90
C LEU F 153 11.98 -29.40 20.51
N GLU F 154 13.21 -29.23 20.03
CA GLU F 154 14.33 -30.03 20.51
C GLU F 154 14.35 -30.11 22.01
N GLU F 155 13.69 -29.17 22.68
CA GLU F 155 13.66 -29.22 24.11
C GLU F 155 12.30 -29.04 24.75
N VAL F 156 11.26 -28.86 23.95
CA VAL F 156 9.93 -28.75 24.51
C VAL F 156 9.53 -30.20 24.74
N VAL F 157 10.00 -31.05 23.84
CA VAL F 157 9.73 -32.47 23.88
C VAL F 157 10.29 -33.09 25.16
N LYS F 158 11.45 -32.60 25.60
CA LYS F 158 12.06 -33.08 26.83
C LYS F 158 11.04 -33.15 27.96
N ALA F 159 10.25 -32.08 28.11
CA ALA F 159 9.25 -32.01 29.17
C ALA F 159 8.11 -33.01 29.03
N ASN F 160 8.05 -33.69 27.88
CA ASN F 160 7.00 -34.68 27.63
C ASN F 160 5.61 -34.15 27.96
N PRO F 161 5.12 -33.16 27.20
CA PRO F 161 3.79 -32.62 27.47
C PRO F 161 2.71 -33.57 27.02
N LYS F 162 1.48 -33.30 27.43
CA LYS F 162 0.35 -34.11 27.02
C LYS F 162 0.25 -34.01 25.51
N ARG F 163 0.35 -32.79 24.99
CA ARG F 163 0.30 -32.56 23.55
C ARG F 163 1.22 -31.41 23.18
N ILE F 164 1.53 -31.31 21.90
CA ILE F 164 2.36 -30.22 21.41
C ILE F 164 1.75 -29.71 20.12
N TYR F 165 1.24 -28.48 20.15
CA TYR F 165 0.65 -27.87 18.98
C TYR F 165 1.61 -26.85 18.37
N ILE F 166 1.66 -26.80 17.06
CA ILE F 166 2.49 -25.82 16.41
C ILE F 166 1.54 -24.92 15.63
N VAL F 167 1.74 -23.62 15.68
CA VAL F 167 0.87 -22.71 14.98
C VAL F 167 1.64 -21.75 14.10
N SER F 168 1.26 -21.67 12.83
CA SER F 168 1.94 -20.78 11.90
C SER F 168 0.93 -20.27 10.89
N ILE F 169 1.30 -19.21 10.16
CA ILE F 169 0.40 -18.66 9.17
C ILE F 169 0.63 -19.43 7.87
N ILE F 170 1.91 -19.58 7.55
CA ILE F 170 2.30 -20.28 6.34
C ILE F 170 3.48 -21.19 6.67
N SER F 171 3.43 -22.40 6.15
CA SER F 171 4.49 -23.37 6.36
C SER F 171 4.80 -23.93 4.99
N SER F 172 6.07 -24.17 4.73
CA SER F 172 6.48 -24.73 3.44
C SER F 172 6.20 -26.23 3.47
N GLU F 173 5.91 -26.79 2.30
CA GLU F 173 5.64 -28.21 2.19
C GLU F 173 6.84 -28.95 2.81
N TYR F 174 8.04 -28.41 2.57
CA TYR F 174 9.26 -29.00 3.11
C TYR F 174 9.26 -29.04 4.64
N GLY F 175 8.98 -27.88 5.23
CA GLY F 175 8.97 -27.78 6.67
C GLY F 175 7.96 -28.70 7.31
N VAL F 176 6.73 -28.64 6.82
CA VAL F 176 5.66 -29.46 7.36
C VAL F 176 6.07 -30.91 7.37
N ASN F 177 6.62 -31.35 6.24
CA ASN F 177 7.07 -32.71 6.12
C ASN F 177 8.18 -33.01 7.14
N LYS F 178 9.18 -32.14 7.20
CA LYS F 178 10.32 -32.33 8.11
C LYS F 178 9.91 -32.44 9.56
N ILE F 179 8.92 -31.66 9.97
CA ILE F 179 8.46 -31.68 11.35
C ILE F 179 7.63 -32.93 11.68
N LEU F 180 6.53 -33.13 10.95
CA LEU F 180 5.65 -34.25 11.21
C LEU F 180 6.27 -35.63 11.03
N SER F 181 7.41 -35.71 10.33
CA SER F 181 8.04 -37.00 10.16
C SER F 181 8.97 -37.28 11.33
N LYS F 182 9.36 -36.21 12.02
CA LYS F 182 10.24 -36.32 13.18
C LYS F 182 9.40 -36.42 14.46
N TYR F 183 8.26 -35.74 14.46
CA TYR F 183 7.36 -35.74 15.60
C TYR F 183 5.94 -35.88 15.11
N PRO F 184 5.59 -37.07 14.62
CA PRO F 184 4.26 -37.42 14.09
C PRO F 184 3.09 -37.10 15.02
N PHE F 185 3.37 -36.98 16.31
CA PHE F 185 2.33 -36.72 17.30
C PHE F 185 1.95 -35.24 17.44
N ILE F 186 2.74 -34.37 16.82
CA ILE F 186 2.46 -32.95 16.88
C ILE F 186 1.20 -32.55 16.11
N TYR F 187 0.44 -31.64 16.70
CA TYR F 187 -0.76 -31.11 16.04
C TYR F 187 -0.28 -29.83 15.39
N LEU F 188 -0.03 -29.89 14.08
CA LEU F 188 0.43 -28.73 13.35
C LEU F 188 -0.71 -27.96 12.67
N PHE F 189 -0.93 -26.72 13.12
CA PHE F 189 -1.97 -25.86 12.56
C PHE F 189 -1.33 -24.78 11.69
N THR F 190 -1.92 -24.57 10.52
CA THR F 190 -1.41 -23.56 9.60
C THR F 190 -2.54 -23.07 8.70
N VAL F 191 -2.45 -21.83 8.24
CA VAL F 191 -3.50 -21.32 7.37
C VAL F 191 -3.25 -21.75 5.94
N ALA F 192 -1.99 -21.90 5.58
CA ALA F 192 -1.64 -22.31 4.23
C ALA F 192 -0.28 -22.97 4.15
N ILE F 193 -0.13 -23.88 3.19
CA ILE F 193 1.15 -24.56 3.00
C ILE F 193 1.64 -24.17 1.61
N ASP F 194 2.71 -23.39 1.55
CA ASP F 194 3.24 -22.99 0.26
C ASP F 194 4.22 -24.02 -0.26
N PRO F 195 4.31 -24.15 -1.59
CA PRO F 195 5.18 -25.08 -2.31
C PRO F 195 6.68 -25.04 -2.17
N GLU F 196 7.30 -23.88 -2.36
CA GLU F 196 8.74 -23.84 -2.30
C GLU F 196 9.44 -22.75 -1.50
N LEU F 197 10.75 -22.93 -1.35
CA LEU F 197 11.62 -21.98 -0.65
C LEU F 197 12.63 -21.50 -1.68
N ASN F 198 13.20 -20.32 -1.49
CA ASN F 198 14.21 -19.85 -2.44
C ASN F 198 15.60 -20.11 -1.84
N ASN F 199 16.63 -19.64 -2.51
CA ASN F 199 17.99 -19.86 -2.05
C ASN F 199 18.33 -19.22 -0.71
N LYS F 200 17.57 -18.21 -0.31
CA LYS F 200 17.83 -17.54 0.95
C LYS F 200 17.01 -18.19 2.05
N GLY F 201 16.13 -19.10 1.68
CA GLY F 201 15.31 -19.80 2.66
C GLY F 201 13.98 -19.12 2.92
N TYR F 202 13.40 -18.49 1.91
CA TYR F 202 12.11 -17.83 2.08
C TYR F 202 10.99 -18.60 1.40
N ILE F 203 9.83 -18.58 2.04
CA ILE F 203 8.64 -19.26 1.54
C ILE F 203 8.05 -18.53 0.33
N LEU F 204 7.78 -19.29 -0.72
CA LEU F 204 7.19 -18.76 -1.95
C LEU F 204 5.83 -19.40 -2.17
N PRO F 205 4.79 -18.59 -2.39
CA PRO F 205 4.76 -17.12 -2.45
C PRO F 205 5.11 -16.50 -1.10
N GLY F 206 4.61 -17.11 -0.03
CA GLY F 206 4.88 -16.59 1.29
C GLY F 206 4.37 -15.17 1.48
N LEU F 207 5.05 -14.40 2.31
CA LEU F 207 4.64 -13.03 2.58
C LEU F 207 5.81 -12.14 2.96
N GLY F 208 7.02 -12.57 2.61
CA GLY F 208 8.20 -11.79 2.94
C GLY F 208 8.75 -12.17 4.30
N ASP F 209 9.58 -11.29 4.87
CA ASP F 209 10.18 -11.54 6.19
C ASP F 209 9.23 -11.04 7.26
N ALA F 210 8.71 -11.96 8.06
CA ALA F 210 7.77 -11.64 9.10
C ALA F 210 8.24 -10.48 9.97
N GLY F 211 9.49 -10.53 10.38
CA GLY F 211 10.03 -9.48 11.22
C GLY F 211 9.95 -8.11 10.58
N ASP F 212 10.35 -8.06 9.32
CA ASP F 212 10.31 -6.82 8.57
C ASP F 212 8.88 -6.36 8.31
N ARG F 213 8.00 -7.30 7.95
CA ARG F 213 6.60 -6.97 7.69
C ARG F 213 5.89 -6.44 8.94
N ALA F 214 6.43 -6.78 10.10
CA ALA F 214 5.82 -6.37 11.36
C ALA F 214 6.47 -5.18 12.04
N PHE F 215 7.78 -5.04 11.91
CA PHE F 215 8.48 -3.95 12.56
C PHE F 215 9.27 -3.06 11.64
N GLY F 216 9.33 -3.41 10.36
CA GLY F 216 10.08 -2.59 9.42
C GLY F 216 9.28 -1.37 8.98
N PRO G 2 -19.08 16.55 44.95
CA PRO G 2 -17.78 16.73 44.25
C PRO G 2 -17.96 16.79 42.74
N LEU G 3 -17.37 17.80 42.10
CA LEU G 3 -17.47 17.95 40.66
C LEU G 3 -16.11 17.73 40.06
N TYR G 4 -16.03 16.84 39.09
CA TYR G 4 -14.77 16.55 38.43
C TYR G 4 -14.89 16.76 36.94
N VAL G 5 -14.17 17.75 36.44
CA VAL G 5 -14.17 18.05 35.03
C VAL G 5 -12.85 17.59 34.47
N ILE G 6 -12.84 16.44 33.81
CA ILE G 6 -11.60 15.90 33.26
C ILE G 6 -11.32 16.50 31.90
N ASP G 7 -10.55 17.59 31.91
CA ASP G 7 -10.21 18.30 30.69
C ASP G 7 -8.74 18.19 30.35
N LYS G 8 -8.23 16.97 30.34
CA LYS G 8 -6.83 16.81 29.98
C LYS G 8 -6.80 16.73 28.46
N PRO G 9 -5.65 17.00 27.83
CA PRO G 9 -5.53 16.95 26.38
C PRO G 9 -6.27 15.79 25.73
N ILE G 10 -5.91 14.59 26.13
CA ILE G 10 -6.52 13.42 25.54
C ILE G 10 -8.04 13.34 25.65
N THR G 11 -8.61 13.74 26.77
CA THR G 11 -10.07 13.67 26.87
C THR G 11 -10.72 14.77 26.04
N LEU G 12 -10.03 15.90 25.89
CA LEU G 12 -10.59 16.97 25.10
C LEU G 12 -10.47 16.55 23.65
N HIS G 13 -9.35 15.92 23.32
CA HIS G 13 -9.14 15.46 21.96
C HIS G 13 -10.29 14.55 21.53
N ILE G 14 -10.60 13.57 22.37
CA ILE G 14 -11.68 12.65 22.07
C ILE G 14 -13.01 13.38 22.04
N LEU G 15 -13.21 14.28 22.99
CA LEU G 15 -14.46 15.04 23.05
C LEU G 15 -14.63 15.81 21.75
N THR G 16 -13.54 16.34 21.21
CA THR G 16 -13.61 17.10 19.98
C THR G 16 -14.17 16.20 18.88
N GLN G 17 -13.65 14.99 18.80
CA GLN G 17 -14.12 14.04 17.79
C GLN G 17 -15.60 13.76 17.98
N LEU G 18 -16.03 13.65 19.24
CA LEU G 18 -17.42 13.37 19.50
C LEU G 18 -18.30 14.53 19.09
N ARG G 19 -17.81 15.75 19.33
CA ARG G 19 -18.57 16.96 18.99
C ARG G 19 -18.70 17.12 17.48
N ASP G 20 -17.61 16.90 16.75
CA ASP G 20 -17.61 17.06 15.28
C ASP G 20 -18.75 16.27 14.61
N LYS G 21 -19.72 16.97 14.03
CA LYS G 21 -20.84 16.30 13.38
C LYS G 21 -20.42 15.38 12.25
N TYR G 22 -19.18 15.51 11.80
CA TYR G 22 -18.71 14.67 10.71
C TYR G 22 -18.15 13.35 11.18
N THR G 23 -18.46 12.93 12.41
CA THR G 23 -17.96 11.65 12.90
C THR G 23 -19.03 10.57 12.78
N ASP G 24 -18.76 9.52 12.00
CA ASP G 24 -19.72 8.44 11.80
C ASP G 24 -20.02 7.70 13.10
N GLN G 25 -21.12 6.97 13.12
CA GLN G 25 -21.52 6.25 14.31
C GLN G 25 -20.48 5.27 14.83
N ILE G 26 -19.76 4.60 13.93
CA ILE G 26 -18.76 3.65 14.38
C ILE G 26 -17.69 4.32 15.22
N ASN G 27 -17.07 5.35 14.69
CA ASN G 27 -16.04 6.06 15.42
C ASN G 27 -16.63 6.83 16.57
N PHE G 28 -17.91 7.17 16.47
CA PHE G 28 -18.53 7.89 17.57
C PHE G 28 -18.50 6.95 18.77
N ARG G 29 -19.04 5.74 18.57
CA ARG G 29 -19.08 4.72 19.61
C ARG G 29 -17.69 4.34 20.14
N LYS G 30 -16.76 4.06 19.23
CA LYS G 30 -15.42 3.72 19.64
C LYS G 30 -14.85 4.77 20.58
N ASN G 31 -15.06 6.05 20.25
CA ASN G 31 -14.54 7.14 21.08
C ASN G 31 -15.21 7.16 22.43
N LEU G 32 -16.49 6.81 22.44
CA LEU G 32 -17.28 6.79 23.66
C LEU G 32 -16.74 5.70 24.61
N VAL G 33 -16.33 4.57 24.04
CA VAL G 33 -15.80 3.49 24.83
C VAL G 33 -14.45 3.92 25.40
N ARG G 34 -13.62 4.47 24.53
CA ARG G 34 -12.29 4.94 24.91
C ARG G 34 -12.39 5.92 26.06
N LEU G 35 -13.34 6.85 25.98
CA LEU G 35 -13.51 7.81 27.06
C LEU G 35 -13.92 7.08 28.34
N GLY G 36 -14.89 6.18 28.22
CA GLY G 36 -15.34 5.42 29.37
C GLY G 36 -14.17 4.83 30.13
N ARG G 37 -13.22 4.25 29.40
CA ARG G 37 -12.08 3.65 30.07
C ARG G 37 -11.33 4.71 30.84
N ILE G 38 -10.99 5.80 30.15
CA ILE G 38 -10.25 6.92 30.73
C ILE G 38 -10.95 7.47 31.97
N LEU G 39 -12.23 7.81 31.83
CA LEU G 39 -12.97 8.34 32.96
C LEU G 39 -12.94 7.31 34.09
N GLY G 40 -12.90 6.03 33.73
CA GLY G 40 -12.84 5.01 34.75
C GLY G 40 -11.54 5.17 35.51
N TYR G 41 -10.44 5.24 34.77
CA TYR G 41 -9.14 5.42 35.37
C TYR G 41 -9.21 6.61 36.33
N GLU G 42 -9.75 7.72 35.85
CA GLU G 42 -9.87 8.93 36.67
C GLU G 42 -10.63 8.69 37.96
N ILE G 43 -11.77 8.02 37.85
CA ILE G 43 -12.56 7.72 39.03
C ILE G 43 -11.73 6.85 39.98
N SER G 44 -11.03 5.88 39.42
CA SER G 44 -10.19 4.98 40.21
C SER G 44 -9.35 5.74 41.22
N ASN G 45 -8.69 6.79 40.76
CA ASN G 45 -7.85 7.55 41.67
C ASN G 45 -8.58 8.34 42.75
N THR G 46 -9.92 8.39 42.70
CA THR G 46 -10.65 9.10 43.73
C THR G 46 -11.17 8.06 44.70
N LEU G 47 -11.10 6.80 44.29
CA LEU G 47 -11.59 5.71 45.13
C LEU G 47 -10.88 5.62 46.47
N ASP G 48 -11.63 5.11 47.44
CA ASP G 48 -11.12 4.94 48.77
C ASP G 48 -10.13 3.78 48.74
N TYR G 49 -8.98 3.93 49.38
CA TYR G 49 -8.02 2.85 49.38
C TYR G 49 -7.33 2.67 50.74
N GLU G 50 -6.63 1.54 50.90
CA GLU G 50 -5.93 1.20 52.13
C GLU G 50 -4.45 0.96 51.91
N ILE G 51 -3.61 1.44 52.82
CA ILE G 51 -2.17 1.27 52.70
C ILE G 51 -1.85 -0.13 53.21
N VAL G 52 -0.95 -0.79 52.52
CA VAL G 52 -0.60 -2.15 52.91
C VAL G 52 0.89 -2.30 52.82
N GLU G 53 1.37 -3.50 53.15
CA GLU G 53 2.78 -3.80 53.07
C GLU G 53 2.87 -5.04 52.21
N VAL G 54 4.01 -5.27 51.57
CA VAL G 54 4.13 -6.44 50.75
C VAL G 54 5.60 -6.85 50.69
N GLU G 55 5.86 -8.14 50.44
CA GLU G 55 7.23 -8.64 50.37
C GLU G 55 7.61 -8.95 48.91
N THR G 56 8.61 -8.24 48.38
CA THR G 56 9.03 -8.45 47.00
C THR G 56 9.92 -9.67 46.91
N PRO G 57 10.13 -10.18 45.68
CA PRO G 57 10.96 -11.36 45.48
C PRO G 57 12.35 -11.19 46.10
N LEU G 58 12.76 -9.95 46.34
CA LEU G 58 14.06 -9.74 46.93
C LEU G 58 14.03 -9.92 48.44
N GLY G 59 12.95 -10.50 48.93
CA GLY G 59 12.83 -10.76 50.35
C GLY G 59 12.78 -9.53 51.21
N VAL G 60 12.36 -8.40 50.65
CA VAL G 60 12.25 -7.18 51.45
C VAL G 60 10.80 -6.78 51.45
N LYS G 61 10.40 -6.05 52.49
CA LYS G 61 9.03 -5.61 52.57
C LYS G 61 9.00 -4.13 52.28
N THR G 62 7.95 -3.70 51.60
CA THR G 62 7.79 -2.30 51.25
C THR G 62 6.30 -2.02 51.33
N LYS G 63 5.94 -0.76 51.54
CA LYS G 63 4.52 -0.43 51.60
C LYS G 63 3.95 -0.24 50.22
N GLY G 64 2.66 -0.50 50.10
CA GLY G 64 1.97 -0.36 48.83
C GLY G 64 0.53 0.04 49.03
N VAL G 65 -0.20 0.13 47.94
CA VAL G 65 -1.59 0.53 48.00
C VAL G 65 -2.44 -0.61 47.51
N ASP G 66 -3.67 -0.66 48.01
CA ASP G 66 -4.62 -1.68 47.61
C ASP G 66 -6.01 -1.02 47.60
N ILE G 67 -6.55 -0.79 46.41
CA ILE G 67 -7.88 -0.19 46.32
C ILE G 67 -8.86 -1.33 46.38
N THR G 68 -9.11 -1.80 47.60
CA THR G 68 -10.01 -2.89 47.80
C THR G 68 -11.38 -2.55 47.23
N ASP G 69 -11.74 -1.27 47.28
CA ASP G 69 -13.05 -0.84 46.76
C ASP G 69 -13.28 -1.26 45.32
N LEU G 70 -12.21 -1.66 44.62
CA LEU G 70 -12.33 -2.12 43.22
C LEU G 70 -13.21 -3.35 43.11
N ASN G 71 -13.60 -3.91 44.25
CA ASN G 71 -14.45 -5.09 44.28
C ASN G 71 -15.84 -4.68 44.66
N ASN G 72 -15.99 -3.41 45.02
CA ASN G 72 -17.31 -2.91 45.43
C ASN G 72 -17.82 -1.85 44.48
N ILE G 73 -17.91 -2.22 43.21
CA ILE G 73 -18.37 -1.31 42.21
C ILE G 73 -19.56 -1.85 41.45
N VAL G 74 -20.57 -1.03 41.29
CA VAL G 74 -21.75 -1.43 40.55
C VAL G 74 -21.99 -0.35 39.51
N ILE G 75 -21.93 -0.73 38.24
CA ILE G 75 -22.15 0.22 37.16
C ILE G 75 -23.57 0.10 36.66
N ILE G 76 -24.26 1.23 36.58
CA ILE G 76 -25.62 1.19 36.10
C ILE G 76 -25.72 1.69 34.68
N ASN G 77 -26.23 0.82 33.82
CA ASN G 77 -26.37 1.09 32.40
C ASN G 77 -27.76 1.64 32.08
N ILE G 78 -27.82 2.90 31.65
CA ILE G 78 -29.09 3.53 31.31
C ILE G 78 -29.57 2.99 29.95
N LEU G 79 -28.66 2.32 29.26
CA LEU G 79 -28.93 1.75 27.95
C LEU G 79 -28.86 2.78 26.82
N ARG G 80 -29.16 2.33 25.61
CA ARG G 80 -29.11 3.22 24.45
C ARG G 80 -27.71 3.80 24.32
N ALA G 81 -27.61 5.11 24.18
CA ALA G 81 -26.28 5.73 24.01
C ALA G 81 -25.29 5.43 25.14
N ALA G 82 -25.77 5.10 26.32
CA ALA G 82 -24.87 4.85 27.45
C ALA G 82 -24.02 3.58 27.27
N VAL G 83 -24.56 2.62 26.52
CA VAL G 83 -23.90 1.35 26.28
C VAL G 83 -22.41 1.46 25.99
N PRO G 84 -22.02 2.19 24.93
CA PRO G 84 -20.59 2.33 24.61
C PRO G 84 -19.77 2.94 25.77
N LEU G 85 -20.39 3.89 26.48
CA LEU G 85 -19.72 4.54 27.58
C LEU G 85 -19.53 3.53 28.72
N VAL G 86 -20.59 2.78 29.01
CA VAL G 86 -20.54 1.76 30.05
C VAL G 86 -19.50 0.70 29.71
N GLU G 87 -19.42 0.35 28.43
CA GLU G 87 -18.46 -0.64 27.96
C GLU G 87 -17.06 -0.17 28.35
N GLY G 88 -16.79 1.11 28.17
CA GLY G 88 -15.48 1.62 28.52
C GLY G 88 -15.26 1.54 30.03
N LEU G 89 -16.28 1.91 30.79
CA LEU G 89 -16.20 1.87 32.23
C LEU G 89 -15.94 0.43 32.69
N LEU G 90 -16.67 -0.53 32.14
CA LEU G 90 -16.48 -1.92 32.52
C LEU G 90 -15.04 -2.37 32.28
N LYS G 91 -14.44 -1.93 31.17
CA LYS G 91 -13.06 -2.31 30.88
C LYS G 91 -12.13 -1.76 31.95
N ALA G 92 -12.57 -0.67 32.55
CA ALA G 92 -11.78 -0.01 33.59
C ALA G 92 -11.93 -0.75 34.92
N PHE G 93 -13.12 -1.23 35.19
CA PHE G 93 -13.41 -1.95 36.43
C PHE G 93 -13.79 -3.40 36.15
N PRO G 94 -12.78 -4.23 35.85
CA PRO G 94 -12.93 -5.65 35.55
C PRO G 94 -13.84 -6.41 36.51
N LYS G 95 -13.77 -6.08 37.79
CA LYS G 95 -14.57 -6.75 38.80
C LYS G 95 -15.88 -6.05 39.13
N ALA G 96 -16.36 -5.17 38.26
CA ALA G 96 -17.59 -4.46 38.56
C ALA G 96 -18.84 -5.21 38.17
N ARG G 97 -19.87 -5.10 38.99
CA ARG G 97 -21.12 -5.74 38.67
C ARG G 97 -21.90 -4.70 37.87
N GLN G 98 -22.89 -5.16 37.12
CA GLN G 98 -23.65 -4.24 36.31
C GLN G 98 -25.14 -4.47 36.38
N GLY G 99 -25.87 -3.39 36.50
CA GLY G 99 -27.32 -3.47 36.54
C GLY G 99 -27.77 -2.52 35.45
N VAL G 100 -29.03 -2.60 35.05
CA VAL G 100 -29.49 -1.68 34.02
C VAL G 100 -30.83 -1.08 34.39
N ILE G 101 -30.95 0.21 34.19
CA ILE G 101 -32.19 0.90 34.47
C ILE G 101 -32.46 1.66 33.19
N GLY G 102 -33.18 1.02 32.29
CA GLY G 102 -33.52 1.64 31.04
C GLY G 102 -34.52 2.76 31.25
N ALA G 103 -34.04 3.99 31.14
CA ALA G 103 -34.85 5.18 31.32
C ALA G 103 -34.76 6.03 30.06
N SER G 104 -35.88 6.60 29.65
CA SER G 104 -35.92 7.44 28.46
C SER G 104 -36.82 8.67 28.66
N ARG G 105 -36.22 9.85 28.55
CA ARG G 105 -36.99 11.07 28.69
C ARG G 105 -37.80 11.19 27.41
N VAL G 106 -38.90 11.93 27.48
CA VAL G 106 -39.73 12.13 26.31
C VAL G 106 -39.25 13.37 25.55
N GLU G 107 -38.81 13.16 24.32
CA GLU G 107 -38.34 14.28 23.50
C GLU G 107 -39.52 15.15 23.11
N VAL G 108 -39.45 16.43 23.48
CA VAL G 108 -40.52 17.38 23.18
C VAL G 108 -39.95 18.75 22.81
N ASP G 109 -40.69 19.47 21.97
CA ASP G 109 -40.27 20.79 21.54
C ASP G 109 -41.13 21.86 22.22
N GLY G 110 -40.54 22.57 23.18
CA GLY G 110 -41.28 23.60 23.89
C GLY G 110 -40.96 25.01 23.44
N LYS G 111 -41.70 25.98 23.96
CA LYS G 111 -41.48 27.38 23.61
C LYS G 111 -40.17 27.89 24.19
N GLU G 112 -39.94 27.61 25.48
CA GLU G 112 -38.72 28.05 26.14
C GLU G 112 -37.74 26.90 26.31
N VAL G 113 -36.62 27.20 26.95
CA VAL G 113 -35.61 26.21 27.24
C VAL G 113 -36.19 25.37 28.38
N PRO G 114 -36.29 24.03 28.18
CA PRO G 114 -36.83 23.13 29.21
C PRO G 114 -36.06 23.16 30.53
N LYS G 115 -36.75 22.85 31.62
CA LYS G 115 -36.13 22.81 32.93
C LYS G 115 -36.24 21.38 33.43
N ASP G 116 -37.11 20.62 32.78
CA ASP G 116 -37.31 19.23 33.12
C ASP G 116 -38.06 18.55 31.98
N MET G 117 -37.76 17.27 31.77
CA MET G 117 -38.41 16.47 30.75
C MET G 117 -39.06 15.32 31.51
N ASP G 118 -39.90 14.56 30.83
CA ASP G 118 -40.56 13.40 31.46
C ASP G 118 -39.75 12.14 31.16
N VAL G 119 -39.27 11.48 32.21
CA VAL G 119 -38.49 10.26 32.03
C VAL G 119 -39.22 9.08 32.62
N TYR G 120 -39.23 7.96 31.91
CA TYR G 120 -39.88 6.76 32.42
C TYR G 120 -38.88 5.59 32.40
N ILE G 121 -38.99 4.69 33.38
CA ILE G 121 -38.12 3.53 33.46
C ILE G 121 -38.83 2.36 32.79
N TYR G 122 -38.33 1.93 31.65
CA TYR G 122 -38.96 0.82 30.94
C TYR G 122 -38.45 -0.55 31.38
N TYR G 123 -37.19 -0.61 31.84
CA TYR G 123 -36.63 -1.89 32.30
C TYR G 123 -35.69 -1.65 33.46
N LYS G 124 -35.81 -2.47 34.50
CA LYS G 124 -34.94 -2.35 35.65
C LYS G 124 -34.49 -3.71 36.16
N LYS G 125 -33.19 -3.90 36.27
CA LYS G 125 -32.64 -5.14 36.76
C LYS G 125 -31.27 -4.78 37.28
N ILE G 126 -31.16 -4.70 38.61
CA ILE G 126 -29.90 -4.33 39.23
C ILE G 126 -29.44 -5.37 40.27
N PRO G 127 -28.12 -5.45 40.48
CA PRO G 127 -27.56 -6.39 41.45
C PRO G 127 -27.88 -5.89 42.84
N ASP G 128 -27.26 -6.51 43.82
CA ASP G 128 -27.47 -6.12 45.20
C ASP G 128 -26.53 -4.96 45.53
N ILE G 129 -27.08 -3.78 45.77
CA ILE G 129 -26.26 -2.64 46.13
C ILE G 129 -26.11 -2.60 47.63
N ARG G 130 -24.96 -3.07 48.09
CA ARG G 130 -24.65 -3.14 49.52
C ARG G 130 -24.44 -1.76 50.13
N ALA G 131 -25.44 -1.31 50.89
CA ALA G 131 -25.39 -0.02 51.55
C ALA G 131 -24.06 0.21 52.28
N LYS G 132 -23.61 1.47 52.30
CA LYS G 132 -22.37 1.84 52.95
C LYS G 132 -21.14 1.11 52.38
N VAL G 133 -21.34 0.19 51.45
CA VAL G 133 -20.20 -0.54 50.91
C VAL G 133 -19.91 -0.35 49.43
N ASP G 134 -20.97 -0.38 48.61
CA ASP G 134 -20.80 -0.26 47.17
C ASP G 134 -20.68 1.15 46.60
N ASN G 135 -19.78 1.27 45.63
CA ASN G 135 -19.55 2.53 44.91
C ASN G 135 -20.34 2.39 43.60
N VAL G 136 -21.45 3.11 43.52
CA VAL G 136 -22.28 3.04 42.33
C VAL G 136 -21.91 4.08 41.27
N ILE G 137 -21.77 3.64 40.03
CA ILE G 137 -21.43 4.53 38.93
C ILE G 137 -22.53 4.54 37.87
N ILE G 138 -23.18 5.68 37.72
CA ILE G 138 -24.24 5.82 36.72
C ILE G 138 -23.68 6.58 35.52
N ALA G 139 -23.80 6.00 34.32
CA ALA G 139 -23.28 6.64 33.12
C ALA G 139 -24.36 7.09 32.14
N ASP G 140 -24.12 8.26 31.57
CA ASP G 140 -25.02 8.86 30.58
C ASP G 140 -24.19 9.91 29.84
N PRO G 141 -23.97 9.71 28.54
CA PRO G 141 -23.18 10.62 27.72
C PRO G 141 -23.56 12.08 27.86
N MET G 142 -24.87 12.34 27.89
CA MET G 142 -25.34 13.72 27.98
C MET G 142 -26.28 13.95 29.14
N ILE G 143 -26.05 15.06 29.84
CA ILE G 143 -26.92 15.45 30.94
C ILE G 143 -27.38 16.86 30.58
N ALA G 144 -28.63 16.98 30.13
CA ALA G 144 -29.20 18.27 29.74
C ALA G 144 -30.02 18.88 30.84
N THR G 145 -31.23 18.39 31.04
CA THR G 145 -32.09 18.90 32.10
C THR G 145 -31.88 18.09 33.37
N ALA G 146 -30.99 17.11 33.28
CA ALA G 146 -30.67 16.21 34.39
C ALA G 146 -31.89 15.36 34.78
N SER G 147 -32.98 15.52 34.04
CA SER G 147 -34.20 14.79 34.35
C SER G 147 -33.99 13.28 34.29
N THR G 148 -33.21 12.83 33.32
CA THR G 148 -32.94 11.41 33.18
C THR G 148 -32.11 10.92 34.37
N MET G 149 -30.98 11.59 34.64
CA MET G 149 -30.13 11.20 35.76
C MET G 149 -30.91 11.19 37.06
N LEU G 150 -31.70 12.23 37.26
CA LEU G 150 -32.47 12.33 38.47
C LEU G 150 -33.43 11.16 38.63
N LYS G 151 -34.08 10.74 37.55
CA LYS G 151 -35.02 9.62 37.64
C LYS G 151 -34.31 8.36 38.08
N VAL G 152 -33.11 8.14 37.55
CA VAL G 152 -32.34 6.96 37.91
C VAL G 152 -31.91 7.07 39.37
N LEU G 153 -31.30 8.21 39.72
CA LEU G 153 -30.85 8.47 41.08
C LEU G 153 -32.00 8.35 42.07
N GLU G 154 -33.17 8.76 41.63
CA GLU G 154 -34.35 8.73 42.49
C GLU G 154 -34.46 7.41 43.22
N GLU G 155 -33.82 6.38 42.70
CA GLU G 155 -33.89 5.10 43.37
C GLU G 155 -32.57 4.38 43.57
N VAL G 156 -31.47 4.98 43.12
CA VAL G 156 -30.18 4.37 43.35
C VAL G 156 -29.86 4.79 44.78
N VAL G 157 -30.31 6.00 45.13
CA VAL G 157 -30.11 6.57 46.45
C VAL G 157 -30.78 5.71 47.52
N LYS G 158 -31.93 5.14 47.17
CA LYS G 158 -32.65 4.28 48.09
C LYS G 158 -31.71 3.24 48.72
N ALA G 159 -30.88 2.62 47.89
CA ALA G 159 -29.94 1.60 48.34
C ALA G 159 -28.86 2.11 49.27
N ASN G 160 -28.75 3.42 49.40
CA ASN G 160 -27.74 4.04 50.24
C ASN G 160 -26.34 3.47 50.01
N PRO G 161 -25.77 3.69 48.83
CA PRO G 161 -24.44 3.16 48.56
C PRO G 161 -23.38 3.93 49.31
N LYS G 162 -22.16 3.41 49.29
CA LYS G 162 -21.05 4.07 49.94
C LYS G 162 -20.84 5.39 49.20
N ARG G 163 -20.84 5.35 47.87
CA ARG G 163 -20.68 6.53 47.05
C ARG G 163 -21.51 6.37 45.80
N ILE G 164 -21.75 7.50 45.12
CA ILE G 164 -22.48 7.51 43.86
C ILE G 164 -21.75 8.42 42.89
N TYR G 165 -21.20 7.83 41.84
CA TYR G 165 -20.51 8.59 40.83
C TYR G 165 -21.39 8.74 39.59
N ILE G 166 -21.34 9.90 38.96
CA ILE G 166 -22.09 10.11 37.73
C ILE G 166 -21.03 10.39 36.67
N VAL G 167 -21.20 9.79 35.50
CA VAL G 167 -20.22 9.98 34.43
C VAL G 167 -20.90 10.38 33.15
N SER G 168 -20.43 11.46 32.54
CA SER G 168 -21.01 11.93 31.28
C SER G 168 -19.91 12.58 30.47
N ILE G 169 -20.17 12.77 29.18
CA ILE G 169 -19.19 13.39 28.31
C ILE G 169 -19.38 14.90 28.41
N ILE G 170 -20.63 15.32 28.32
CA ILE G 170 -20.98 16.73 28.41
C ILE G 170 -22.19 16.87 29.29
N SER G 171 -22.17 17.87 30.16
CA SER G 171 -23.30 18.14 31.05
C SER G 171 -23.55 19.64 30.94
N SER G 172 -24.82 20.03 30.96
CA SER G 172 -25.14 21.44 30.89
C SER G 172 -24.94 22.06 32.26
N GLU G 173 -24.60 23.34 32.27
CA GLU G 173 -24.40 24.04 33.51
C GLU G 173 -25.67 23.86 34.35
N TYR G 174 -26.82 23.87 33.68
CA TYR G 174 -28.09 23.70 34.36
C TYR G 174 -28.19 22.35 35.05
N GLY G 175 -27.89 21.30 34.30
CA GLY G 175 -27.98 19.96 34.83
C GLY G 175 -27.05 19.75 36.00
N VAL G 176 -25.80 20.12 35.82
CA VAL G 176 -24.82 19.97 36.87
C VAL G 176 -25.32 20.62 38.15
N ASN G 177 -25.91 21.81 38.02
CA ASN G 177 -26.42 22.55 39.19
C ASN G 177 -27.63 21.90 39.79
N LYS G 178 -28.44 21.32 38.94
CA LYS G 178 -29.65 20.69 39.42
C LYS G 178 -29.34 19.41 40.20
N ILE G 179 -28.34 18.68 39.75
CA ILE G 179 -27.97 17.43 40.39
C ILE G 179 -27.22 17.64 41.71
N LEU G 180 -26.10 18.35 41.65
CA LEU G 180 -25.30 18.60 42.83
C LEU G 180 -25.97 19.38 43.95
N SER G 181 -27.06 20.05 43.65
CA SER G 181 -27.73 20.81 44.70
C SER G 181 -28.75 19.91 45.38
N LYS G 182 -29.13 18.84 44.71
CA LYS G 182 -30.09 17.89 45.25
C LYS G 182 -29.35 16.75 45.94
N TYR G 183 -28.17 16.41 45.41
CA TYR G 183 -27.35 15.34 45.96
C TYR G 183 -25.90 15.80 45.98
N PRO G 184 -25.58 16.75 46.87
CA PRO G 184 -24.23 17.31 47.04
C PRO G 184 -23.10 16.29 47.23
N PHE G 185 -23.46 15.08 47.66
CA PHE G 185 -22.47 14.04 47.93
C PHE G 185 -22.03 13.27 46.69
N ILE G 186 -22.74 13.49 45.58
CA ILE G 186 -22.41 12.78 44.36
C ILE G 186 -21.08 13.24 43.75
N TYR G 187 -20.32 12.30 43.22
CA TYR G 187 -19.07 12.61 42.56
C TYR G 187 -19.44 12.66 41.09
N LEU G 188 -19.58 13.87 40.56
CA LEU G 188 -19.94 14.05 39.17
C LEU G 188 -18.74 14.26 38.29
N PHE G 189 -18.51 13.31 37.38
CA PHE G 189 -17.39 13.39 36.42
C PHE G 189 -17.91 13.74 35.04
N THR G 190 -17.23 14.68 34.38
CA THR G 190 -17.64 15.09 33.05
C THR G 190 -16.44 15.64 32.30
N VAL G 191 -16.43 15.50 30.98
CA VAL G 191 -15.30 16.02 30.22
C VAL G 191 -15.48 17.51 29.98
N ALA G 192 -16.73 17.95 29.86
CA ALA G 192 -16.99 19.36 29.62
C ALA G 192 -18.36 19.76 30.09
N ILE G 193 -18.49 21.02 30.49
CA ILE G 193 -19.78 21.56 30.91
C ILE G 193 -20.17 22.65 29.92
N ASP G 194 -21.20 22.40 29.12
CA ASP G 194 -21.62 23.40 28.16
C ASP G 194 -22.63 24.36 28.80
N PRO G 195 -22.63 25.63 28.33
CA PRO G 195 -23.48 26.71 28.80
C PRO G 195 -24.99 26.62 28.70
N GLU G 196 -25.53 26.29 27.54
CA GLU G 196 -26.98 26.29 27.43
C GLU G 196 -27.68 25.12 26.76
N LEU G 197 -29.01 25.13 26.88
CA LEU G 197 -29.87 24.13 26.27
C LEU G 197 -30.80 24.89 25.33
N ASN G 198 -31.31 24.23 24.31
CA ASN G 198 -32.23 24.90 23.40
C ASN G 198 -33.66 24.53 23.80
N ASN G 199 -34.63 24.97 23.01
CA ASN G 199 -36.04 24.70 23.32
C ASN G 199 -36.43 23.24 23.30
N LYS G 200 -35.65 22.42 22.62
CA LYS G 200 -35.96 21.00 22.54
C LYS G 200 -35.24 20.25 23.66
N GLY G 201 -34.38 20.95 24.38
CA GLY G 201 -33.67 20.34 25.48
C GLY G 201 -32.33 19.76 25.08
N TYR G 202 -31.66 20.37 24.11
CA TYR G 202 -30.36 19.89 23.68
C TYR G 202 -29.22 20.79 24.14
N ILE G 203 -28.11 20.16 24.47
CA ILE G 203 -26.93 20.86 24.96
C ILE G 203 -26.22 21.58 23.84
N LEU G 204 -25.90 22.85 24.09
CA LEU G 204 -25.22 23.71 23.13
C LEU G 204 -23.88 24.14 23.70
N PRO G 205 -22.78 23.94 22.95
CA PRO G 205 -22.68 23.36 21.61
C PRO G 205 -23.10 21.89 21.60
N GLY G 206 -22.72 21.17 22.64
CA GLY G 206 -23.05 19.76 22.73
C GLY G 206 -22.47 18.97 21.57
N LEU G 207 -23.16 17.90 21.19
CA LEU G 207 -22.71 17.05 20.10
C LEU G 207 -23.86 16.35 19.38
N GLY G 208 -25.06 16.90 19.54
CA GLY G 208 -26.21 16.30 18.90
C GLY G 208 -26.88 15.27 19.79
N ASP G 209 -27.70 14.42 19.18
CA ASP G 209 -28.41 13.37 19.93
C ASP G 209 -27.49 12.15 20.02
N ALA G 210 -27.09 11.82 21.24
CA ALA G 210 -26.20 10.69 21.47
C ALA G 210 -26.68 9.43 20.76
N GLY G 211 -27.95 9.12 20.92
CA GLY G 211 -28.50 7.93 20.29
C GLY G 211 -28.32 7.91 18.78
N ASP G 212 -28.62 9.03 18.15
CA ASP G 212 -28.49 9.18 16.71
C ASP G 212 -27.02 9.15 16.29
N ARG G 213 -26.16 9.85 17.04
CA ARG G 213 -24.73 9.88 16.73
C ARG G 213 -24.09 8.51 16.84
N ALA G 214 -24.71 7.63 17.64
CA ALA G 214 -24.18 6.29 17.85
C ALA G 214 -24.81 5.20 17.03
N PHE G 215 -26.11 5.30 16.77
CA PHE G 215 -26.80 4.26 16.01
C PHE G 215 -27.49 4.74 14.73
N GLY G 216 -27.48 6.05 14.49
CA GLY G 216 -28.12 6.57 13.30
C GLY G 216 -27.23 6.39 12.08
N PRO H 2 18.05 -21.28 -38.77
CA PRO H 2 16.88 -20.53 -39.30
C PRO H 2 17.28 -19.12 -39.73
N LEU H 3 16.89 -18.74 -40.94
CA LEU H 3 17.20 -17.41 -41.45
C LEU H 3 15.91 -16.62 -41.57
N TYR H 4 15.89 -15.44 -40.97
CA TYR H 4 14.71 -14.59 -41.04
C TYR H 4 15.05 -13.24 -41.61
N VAL H 5 14.54 -12.97 -42.80
CA VAL H 5 14.76 -11.70 -43.45
C VAL H 5 13.49 -10.90 -43.33
N ILE H 6 13.46 -9.96 -42.40
CA ILE H 6 12.26 -9.13 -42.18
C ILE H 6 12.23 -7.96 -43.15
N ASP H 7 11.59 -8.18 -44.30
CA ASP H 7 11.49 -7.19 -45.35
C ASP H 7 10.08 -6.66 -45.53
N LYS H 8 9.45 -6.27 -44.43
CA LYS H 8 8.11 -5.73 -44.54
C LYS H 8 8.29 -4.24 -44.87
N PRO H 9 7.27 -3.59 -45.43
CA PRO H 9 7.35 -2.17 -45.80
C PRO H 9 8.06 -1.31 -44.76
N ILE H 10 7.53 -1.31 -43.55
CA ILE H 10 8.10 -0.50 -42.50
C ILE H 10 9.58 -0.74 -42.21
N THR H 11 10.03 -1.99 -42.22
CA THR H 11 11.45 -2.24 -41.94
C THR H 11 12.31 -1.84 -43.12
N LEU H 12 11.76 -1.93 -44.33
CA LEU H 12 12.52 -1.52 -45.49
C LEU H 12 12.56 -0.01 -45.49
N HIS H 13 11.45 0.60 -45.11
CA HIS H 13 11.39 2.05 -45.05
C HIS H 13 12.50 2.57 -44.14
N ILE H 14 12.58 2.01 -42.94
CA ILE H 14 13.60 2.42 -41.99
C ILE H 14 14.98 2.10 -42.52
N LEU H 15 15.14 0.92 -43.12
CA LEU H 15 16.43 0.53 -43.66
C LEU H 15 16.86 1.54 -44.73
N THR H 16 15.91 2.03 -45.51
CA THR H 16 16.22 3.00 -46.55
C THR H 16 16.85 4.23 -45.92
N GLN H 17 16.24 4.71 -44.84
CA GLN H 17 16.75 5.88 -44.12
C GLN H 17 18.16 5.62 -43.61
N LEU H 18 18.39 4.41 -43.11
CA LEU H 18 19.71 4.07 -42.61
C LEU H 18 20.73 4.05 -43.73
N ARG H 19 20.34 3.51 -44.88
CA ARG H 19 21.25 3.44 -46.04
C ARG H 19 21.61 4.82 -46.57
N ASP H 20 20.61 5.69 -46.64
CA ASP H 20 20.77 7.05 -47.15
C ASP H 20 21.93 7.83 -46.54
N LYS H 21 23.01 8.00 -47.30
CA LYS H 21 24.16 8.70 -46.79
C LYS H 21 23.84 10.08 -46.21
N TYR H 22 22.66 10.61 -46.49
CA TYR H 22 22.31 11.94 -45.99
C TYR H 22 21.57 11.94 -44.67
N THR H 23 21.65 10.84 -43.92
CA THR H 23 20.98 10.79 -42.63
C THR H 23 21.96 11.08 -41.49
N ASP H 24 21.71 12.14 -40.72
CA ASP H 24 22.59 12.52 -39.62
C ASP H 24 22.63 11.45 -38.54
N GLN H 25 23.65 11.52 -37.70
CA GLN H 25 23.80 10.54 -36.64
C GLN H 25 22.58 10.43 -35.70
N ILE H 26 21.96 11.55 -35.39
CA ILE H 26 20.83 11.49 -34.49
C ILE H 26 19.72 10.63 -35.06
N ASN H 27 19.29 10.91 -36.29
CA ASN H 27 18.22 10.13 -36.90
C ASN H 27 18.71 8.74 -37.25
N PHE H 28 20.01 8.59 -37.44
CA PHE H 28 20.53 7.28 -37.76
C PHE H 28 20.26 6.41 -36.53
N ARG H 29 20.69 6.89 -35.36
CA ARG H 29 20.50 6.16 -34.11
C ARG H 29 19.02 5.92 -33.79
N LYS H 30 18.20 6.96 -33.89
CA LYS H 30 16.78 6.82 -33.61
C LYS H 30 16.19 5.69 -34.46
N ASN H 31 16.57 5.64 -35.73
CA ASN H 31 16.06 4.60 -36.62
C ASN H 31 16.51 3.22 -36.19
N LEU H 32 17.76 3.16 -35.72
CA LEU H 32 18.34 1.92 -35.26
C LEU H 32 17.57 1.38 -34.03
N VAL H 33 17.16 2.28 -33.15
CA VAL H 33 16.42 1.88 -31.99
C VAL H 33 15.07 1.39 -32.42
N ARG H 34 14.42 2.15 -33.30
CA ARG H 34 13.10 1.80 -33.81
C ARG H 34 13.13 0.41 -34.44
N LEU H 35 14.15 0.12 -35.23
CA LEU H 35 14.26 -1.20 -35.84
C LEU H 35 14.41 -2.25 -34.75
N GLY H 36 15.30 -1.99 -33.79
CA GLY H 36 15.49 -2.94 -32.71
C GLY H 36 14.17 -3.37 -32.10
N ARG H 37 13.29 -2.43 -31.85
CA ARG H 37 12.01 -2.77 -31.26
C ARG H 37 11.21 -3.66 -32.18
N ILE H 38 11.18 -3.31 -33.46
CA ILE H 38 10.46 -4.09 -34.43
C ILE H 38 11.02 -5.50 -34.54
N LEU H 39 12.33 -5.59 -34.76
CA LEU H 39 12.95 -6.90 -34.87
C LEU H 39 12.66 -7.70 -33.58
N GLY H 40 12.55 -6.99 -32.46
CA GLY H 40 12.25 -7.67 -31.22
C GLY H 40 10.87 -8.30 -31.35
N TYR H 41 9.90 -7.50 -31.76
CA TYR H 41 8.54 -7.97 -31.95
C TYR H 41 8.59 -9.22 -32.82
N GLU H 42 9.32 -9.13 -33.93
CA GLU H 42 9.44 -10.26 -34.85
C GLU H 42 9.96 -11.51 -34.19
N ILE H 43 11.04 -11.37 -33.43
CA ILE H 43 11.62 -12.50 -32.73
C ILE H 43 10.59 -13.07 -31.75
N SER H 44 9.88 -12.18 -31.06
CA SER H 44 8.87 -12.60 -30.12
C SER H 44 7.96 -13.68 -30.68
N ASN H 45 7.49 -13.48 -31.90
CA ASN H 45 6.60 -14.44 -32.49
C ASN H 45 7.25 -15.78 -32.86
N THR H 46 8.57 -15.88 -32.77
CA THR H 46 9.21 -17.15 -33.07
C THR H 46 9.49 -17.85 -31.74
N LEU H 47 9.36 -17.09 -30.65
CA LEU H 47 9.61 -17.65 -29.35
C LEU H 47 8.72 -18.82 -29.01
N ASP H 48 9.26 -19.68 -28.16
CA ASP H 48 8.55 -20.86 -27.71
C ASP H 48 7.47 -20.41 -26.75
N TYR H 49 6.28 -20.94 -26.87
CA TYR H 49 5.24 -20.53 -25.94
C TYR H 49 4.34 -21.69 -25.53
N GLU H 50 3.50 -21.45 -24.53
CA GLU H 50 2.60 -22.49 -24.05
C GLU H 50 1.16 -22.00 -24.11
N ILE H 51 0.25 -22.94 -24.28
CA ILE H 51 -1.17 -22.61 -24.34
C ILE H 51 -1.68 -22.66 -22.92
N VAL H 52 -2.52 -21.71 -22.56
CA VAL H 52 -3.05 -21.67 -21.21
C VAL H 52 -4.53 -21.37 -21.28
N GLU H 53 -5.16 -21.25 -20.12
CA GLU H 53 -6.58 -20.93 -20.08
C GLU H 53 -6.66 -19.76 -19.13
N VAL H 54 -7.64 -18.89 -19.34
CA VAL H 54 -7.76 -17.75 -18.46
C VAL H 54 -9.23 -17.44 -18.29
N GLU H 55 -9.56 -16.87 -17.14
CA GLU H 55 -10.94 -16.52 -16.86
C GLU H 55 -11.07 -15.02 -17.04
N THR H 56 -12.10 -14.63 -17.77
CA THR H 56 -12.32 -13.23 -18.01
C THR H 56 -13.30 -12.72 -16.97
N PRO H 57 -13.39 -11.38 -16.83
CA PRO H 57 -14.29 -10.77 -15.86
C PRO H 57 -15.72 -11.25 -16.03
N LEU H 58 -16.04 -11.79 -17.20
CA LEU H 58 -17.39 -12.28 -17.43
C LEU H 58 -17.60 -13.66 -16.85
N GLY H 59 -16.66 -14.09 -16.03
CA GLY H 59 -16.76 -15.39 -15.40
C GLY H 59 -16.70 -16.57 -16.35
N VAL H 60 -16.10 -16.39 -17.51
CA VAL H 60 -15.99 -17.49 -18.44
C VAL H 60 -14.52 -17.76 -18.65
N LYS H 61 -14.21 -18.99 -19.02
CA LYS H 61 -12.83 -19.34 -19.24
C LYS H 61 -12.62 -19.49 -20.73
N THR H 62 -11.45 -19.08 -21.18
CA THR H 62 -11.10 -19.15 -22.59
C THR H 62 -9.62 -19.45 -22.66
N LYS H 63 -9.17 -20.04 -23.75
CA LYS H 63 -7.76 -20.36 -23.87
C LYS H 63 -6.98 -19.16 -24.35
N GLY H 64 -5.71 -19.12 -23.97
CA GLY H 64 -4.86 -18.01 -24.35
C GLY H 64 -3.44 -18.47 -24.50
N VAL H 65 -2.54 -17.53 -24.76
CA VAL H 65 -1.14 -17.84 -24.93
C VAL H 65 -0.33 -17.15 -23.86
N ASP H 66 0.80 -17.75 -23.52
CA ASP H 66 1.71 -17.20 -22.54
C ASP H 66 3.13 -17.53 -22.98
N ILE H 67 3.85 -16.53 -23.45
CA ILE H 67 5.21 -16.76 -23.88
C ILE H 67 6.07 -16.59 -22.64
N THR H 68 6.11 -17.64 -21.83
CA THR H 68 6.88 -17.64 -20.61
C THR H 68 8.34 -17.35 -20.91
N ASP H 69 8.81 -17.80 -22.07
CA ASP H 69 10.19 -17.55 -22.44
C ASP H 69 10.59 -16.08 -22.40
N LEU H 70 9.59 -15.19 -22.32
CA LEU H 70 9.87 -13.75 -22.25
C LEU H 70 10.62 -13.40 -20.99
N ASN H 71 10.78 -14.38 -20.09
CA ASN H 71 11.52 -14.18 -18.85
C ASN H 71 12.89 -14.81 -18.97
N ASN H 72 13.12 -15.51 -20.08
CA ASN H 72 14.39 -16.18 -20.27
C ASN H 72 15.13 -15.62 -21.47
N ILE H 73 15.35 -14.32 -21.44
CA ILE H 73 16.04 -13.65 -22.52
C ILE H 73 17.26 -12.92 -22.02
N VAL H 74 18.36 -13.09 -22.73
CA VAL H 74 19.59 -12.41 -22.39
C VAL H 74 20.07 -11.75 -23.65
N ILE H 75 20.17 -10.42 -23.63
CA ILE H 75 20.63 -9.68 -24.79
C ILE H 75 22.08 -9.32 -24.62
N ILE H 76 22.89 -9.62 -25.63
CA ILE H 76 24.29 -9.30 -25.54
C ILE H 76 24.64 -8.10 -26.38
N ASN H 77 25.18 -7.10 -25.70
CA ASN H 77 25.55 -5.85 -26.33
C ASN H 77 27.00 -5.85 -26.75
N ILE H 78 27.24 -5.80 -28.06
CA ILE H 78 28.60 -5.77 -28.58
C ILE H 78 29.21 -4.38 -28.37
N LEU H 79 28.34 -3.43 -28.01
CA LEU H 79 28.75 -2.04 -27.78
C LEU H 79 28.94 -1.25 -29.08
N ARG H 80 29.38 -0.01 -28.94
CA ARG H 80 29.57 0.88 -30.09
C ARG H 80 28.25 1.00 -30.86
N ALA H 81 28.29 0.78 -32.18
CA ALA H 81 27.06 0.91 -32.97
C ALA H 81 25.90 0.03 -32.53
N ALA H 82 26.18 -1.06 -31.83
CA ALA H 82 25.11 -1.97 -31.41
C ALA H 82 24.20 -1.37 -30.36
N VAL H 83 24.75 -0.43 -29.59
CA VAL H 83 24.00 0.20 -28.53
C VAL H 83 22.58 0.62 -28.88
N PRO H 84 22.41 1.47 -29.92
CA PRO H 84 21.05 1.90 -30.31
C PRO H 84 20.14 0.71 -30.69
N LEU H 85 20.73 -0.28 -31.34
CA LEU H 85 19.98 -1.47 -31.76
C LEU H 85 19.54 -2.26 -30.52
N VAL H 86 20.47 -2.44 -29.59
CA VAL H 86 20.17 -3.16 -28.34
C VAL H 86 19.10 -2.41 -27.57
N GLU H 87 19.18 -1.09 -27.57
CA GLU H 87 18.21 -0.26 -26.87
C GLU H 87 16.81 -0.61 -27.39
N GLY H 88 16.71 -0.76 -28.70
CA GLY H 88 15.42 -1.10 -29.29
C GLY H 88 14.98 -2.47 -28.84
N LEU H 89 15.91 -3.42 -28.86
CA LEU H 89 15.61 -4.78 -28.43
C LEU H 89 15.16 -4.80 -26.98
N LEU H 90 15.87 -4.08 -26.11
CA LEU H 90 15.49 -4.03 -24.71
C LEU H 90 14.06 -3.52 -24.54
N LYS H 91 13.68 -2.51 -25.31
CA LYS H 91 12.32 -1.97 -25.20
C LYS H 91 11.31 -3.06 -25.57
N ALA H 92 11.74 -3.98 -26.42
CA ALA H 92 10.90 -5.08 -26.87
C ALA H 92 10.78 -6.16 -25.80
N PHE H 93 11.88 -6.42 -25.10
CA PHE H 93 11.91 -7.43 -24.06
C PHE H 93 12.17 -6.80 -22.69
N PRO H 94 11.15 -6.16 -22.12
CA PRO H 94 11.21 -5.50 -20.81
C PRO H 94 11.90 -6.31 -19.72
N LYS H 95 11.68 -7.62 -19.70
CA LYS H 95 12.26 -8.49 -18.70
C LYS H 95 13.57 -9.15 -19.11
N ALA H 96 14.25 -8.61 -20.11
CA ALA H 96 15.49 -9.22 -20.56
C ALA H 96 16.70 -8.78 -19.77
N ARG H 97 17.62 -9.71 -19.54
CA ARG H 97 18.84 -9.37 -18.85
C ARG H 97 19.80 -8.97 -19.94
N GLN H 98 20.84 -8.23 -19.58
CA GLN H 98 21.79 -7.81 -20.58
C GLN H 98 23.23 -7.98 -20.13
N GLY H 99 24.06 -8.47 -21.04
CA GLY H 99 25.46 -8.64 -20.75
C GLY H 99 26.14 -7.92 -21.89
N VAL H 100 27.43 -7.65 -21.76
CA VAL H 100 28.10 -6.97 -22.84
C VAL H 100 29.43 -7.64 -23.15
N ILE H 101 29.71 -7.81 -24.43
CA ILE H 101 30.95 -8.40 -24.85
C ILE H 101 31.48 -7.43 -25.89
N GLY H 102 32.25 -6.46 -25.41
CA GLY H 102 32.83 -5.48 -26.29
C GLY H 102 33.88 -6.10 -27.19
N ALA H 103 33.53 -6.29 -28.44
CA ALA H 103 34.44 -6.88 -29.41
C ALA H 103 34.61 -5.89 -30.57
N SER H 104 35.83 -5.79 -31.10
CA SER H 104 36.10 -4.89 -32.20
C SER H 104 37.07 -5.50 -33.19
N ARG H 105 36.62 -5.66 -34.42
CA ARG H 105 37.48 -6.23 -35.46
C ARG H 105 38.46 -5.13 -35.82
N VAL H 106 39.60 -5.52 -36.37
CA VAL H 106 40.62 -4.55 -36.76
C VAL H 106 40.35 -4.11 -38.21
N GLU H 107 40.08 -2.82 -38.40
CA GLU H 107 39.84 -2.30 -39.73
C GLU H 107 41.13 -2.30 -40.52
N VAL H 108 41.13 -3.01 -41.64
CA VAL H 108 42.31 -3.10 -42.48
C VAL H 108 41.94 -3.06 -43.96
N ASP H 109 42.85 -2.53 -44.78
CA ASP H 109 42.63 -2.43 -46.23
C ASP H 109 43.49 -3.48 -46.95
N GLY H 110 42.84 -4.53 -47.45
CA GLY H 110 43.56 -5.58 -48.16
C GLY H 110 43.43 -5.50 -49.66
N LYS H 111 44.19 -6.34 -50.36
CA LYS H 111 44.16 -6.37 -51.81
C LYS H 111 42.84 -6.93 -52.33
N GLU H 112 42.40 -8.04 -51.75
CA GLU H 112 41.15 -8.67 -52.17
C GLU H 112 40.05 -8.41 -51.15
N VAL H 113 38.89 -8.99 -51.41
CA VAL H 113 37.74 -8.87 -50.51
C VAL H 113 38.07 -9.80 -49.33
N PRO H 114 38.08 -9.25 -48.10
CA PRO H 114 38.38 -10.03 -46.90
C PRO H 114 37.43 -11.22 -46.69
N LYS H 115 37.94 -12.24 -46.02
CA LYS H 115 37.13 -13.42 -45.71
C LYS H 115 37.04 -13.51 -44.19
N ASP H 116 37.93 -12.78 -43.53
CA ASP H 116 37.94 -12.73 -42.07
C ASP H 116 38.78 -11.53 -41.63
N MET H 117 38.38 -10.95 -40.50
CA MET H 117 39.10 -9.81 -39.92
C MET H 117 39.53 -10.31 -38.54
N ASP H 118 40.42 -9.62 -37.85
CA ASP H 118 40.73 -10.12 -36.52
C ASP H 118 40.04 -9.28 -35.47
N VAL H 119 39.23 -9.96 -34.67
CA VAL H 119 38.41 -9.34 -33.64
C VAL H 119 38.91 -9.67 -32.24
N TYR H 120 38.85 -8.69 -31.34
CA TYR H 120 39.28 -8.93 -29.97
C TYR H 120 38.24 -8.44 -28.99
N ILE H 121 38.14 -9.16 -27.90
CA ILE H 121 37.19 -8.83 -26.85
C ILE H 121 37.88 -7.94 -25.83
N TYR H 122 37.51 -6.67 -25.79
CA TYR H 122 38.13 -5.76 -24.83
C TYR H 122 37.42 -5.76 -23.47
N TYR H 123 36.12 -6.03 -23.45
CA TYR H 123 35.39 -6.05 -22.19
C TYR H 123 34.31 -7.12 -22.22
N LYS H 124 34.22 -7.90 -21.15
CA LYS H 124 33.19 -8.94 -21.07
C LYS H 124 32.56 -9.02 -19.70
N LYS H 125 31.25 -8.93 -19.66
CA LYS H 125 30.52 -9.00 -18.42
C LYS H 125 29.12 -9.43 -18.79
N ILE H 126 28.84 -10.70 -18.55
CA ILE H 126 27.55 -11.26 -18.89
C ILE H 126 26.84 -11.92 -17.71
N PRO H 127 25.50 -11.95 -17.73
CA PRO H 127 24.72 -12.56 -16.66
C PRO H 127 24.89 -14.05 -16.74
N ASP H 128 24.06 -14.75 -16.00
CA ASP H 128 24.13 -16.18 -16.01
C ASP H 128 23.24 -16.78 -17.08
N ILE H 129 23.88 -17.31 -18.12
CA ILE H 129 23.13 -17.91 -19.19
C ILE H 129 22.77 -19.33 -18.84
N ARG H 130 21.54 -19.52 -18.40
CA ARG H 130 21.03 -20.82 -18.02
C ARG H 130 20.86 -21.76 -19.21
N ALA H 131 21.79 -22.72 -19.32
CA ALA H 131 21.75 -23.70 -20.40
C ALA H 131 20.37 -24.32 -20.59
N LYS H 132 20.05 -24.64 -21.84
CA LYS H 132 18.75 -25.22 -22.18
C LYS H 132 17.56 -24.37 -21.79
N VAL H 133 17.79 -23.23 -21.15
CA VAL H 133 16.67 -22.38 -20.74
C VAL H 133 16.62 -20.98 -21.34
N ASP H 134 17.77 -20.32 -21.38
CA ASP H 134 17.83 -18.96 -21.90
C ASP H 134 17.93 -18.80 -23.40
N ASN H 135 17.19 -17.81 -23.90
CA ASN H 135 17.18 -17.45 -25.32
C ASN H 135 18.13 -16.25 -25.43
N VAL H 136 19.31 -16.47 -26.01
CA VAL H 136 20.28 -15.40 -26.14
C VAL H 136 20.17 -14.65 -27.45
N ILE H 137 20.15 -13.32 -27.37
CA ILE H 137 20.07 -12.49 -28.56
C ILE H 137 21.31 -11.61 -28.70
N ILE H 138 22.07 -11.84 -29.74
CA ILE H 138 23.27 -11.04 -29.99
C ILE H 138 22.95 -10.04 -31.11
N ALA H 139 23.20 -8.75 -30.85
CA ALA H 139 22.92 -7.73 -31.86
C ALA H 139 24.15 -7.05 -32.40
N ASP H 140 24.13 -6.78 -33.70
CA ASP H 140 25.21 -6.10 -34.42
C ASP H 140 24.59 -5.60 -35.71
N PRO H 141 24.54 -4.27 -35.89
CA PRO H 141 23.97 -3.64 -37.09
C PRO H 141 24.46 -4.22 -38.39
N MET H 142 25.76 -4.46 -38.48
CA MET H 142 26.35 -4.99 -39.69
C MET H 142 27.12 -6.28 -39.50
N ILE H 143 26.93 -7.21 -40.41
CA ILE H 143 27.66 -8.47 -40.38
C ILE H 143 28.31 -8.57 -41.77
N ALA H 144 29.60 -8.29 -41.84
CA ALA H 144 30.31 -8.34 -43.11
C ALA H 144 31.06 -9.65 -43.28
N THR H 145 32.16 -9.84 -42.59
CA THR H 145 32.91 -11.09 -42.69
C THR H 145 32.44 -12.06 -41.61
N ALA H 146 31.49 -11.61 -40.82
CA ALA H 146 30.93 -12.39 -39.72
C ALA H 146 31.99 -12.66 -38.64
N SER H 147 33.19 -12.14 -38.86
CA SER H 147 34.29 -12.35 -37.90
C SER H 147 33.93 -11.86 -36.50
N THR H 148 33.25 -10.72 -36.44
CA THR H 148 32.87 -10.16 -35.15
C THR H 148 31.85 -11.07 -34.48
N MET H 149 30.78 -11.39 -35.18
CA MET H 149 29.73 -12.25 -34.62
C MET H 149 30.32 -13.57 -34.17
N LEU H 150 31.17 -14.14 -35.01
CA LEU H 150 31.77 -15.42 -34.69
C LEU H 150 32.58 -15.35 -33.39
N LYS H 151 33.32 -14.27 -33.20
CA LYS H 151 34.13 -14.15 -31.99
C LYS H 151 33.23 -14.15 -30.76
N VAL H 152 32.13 -13.43 -30.85
CA VAL H 152 31.21 -13.38 -29.73
C VAL H 152 30.58 -14.76 -29.52
N LEU H 153 30.05 -15.34 -30.59
CA LEU H 153 29.42 -16.65 -30.53
C LEU H 153 30.40 -17.69 -30.01
N GLU H 154 31.66 -17.52 -30.38
CA GLU H 154 32.70 -18.45 -29.96
C GLU H 154 32.58 -18.80 -28.51
N GLU H 155 31.92 -17.94 -27.74
CA GLU H 155 31.78 -18.23 -26.33
C GLU H 155 30.38 -18.10 -25.76
N VAL H 156 29.42 -17.70 -26.59
CA VAL H 156 28.05 -17.63 -26.11
C VAL H 156 27.59 -19.07 -26.18
N VAL H 157 28.09 -19.78 -27.18
CA VAL H 157 27.76 -21.18 -27.40
C VAL H 157 28.18 -22.03 -26.21
N LYS H 158 29.31 -21.67 -25.61
CA LYS H 158 29.82 -22.39 -24.45
C LYS H 158 28.69 -22.60 -23.43
N ALA H 159 27.94 -21.54 -23.16
CA ALA H 159 26.86 -21.60 -22.18
C ALA H 159 25.70 -22.50 -22.58
N ASN H 160 25.71 -22.96 -23.83
CA ASN H 160 24.65 -23.84 -24.32
C ASN H 160 23.26 -23.30 -24.01
N PRO H 161 22.88 -22.17 -24.61
CA PRO H 161 21.55 -21.62 -24.34
C PRO H 161 20.48 -22.44 -25.01
N LYS H 162 19.22 -22.14 -24.67
CA LYS H 162 18.10 -22.82 -25.28
C LYS H 162 18.14 -22.46 -26.78
N ARG H 163 18.32 -21.17 -27.07
CA ARG H 163 18.40 -20.69 -28.44
C ARG H 163 19.37 -19.55 -28.52
N ILE H 164 19.81 -19.25 -29.74
CA ILE H 164 20.70 -18.12 -29.97
C ILE H 164 20.22 -17.37 -31.21
N TYR H 165 19.76 -16.14 -30.99
CA TYR H 165 19.29 -15.30 -32.07
C TYR H 165 20.33 -14.26 -32.42
N ILE H 166 20.49 -13.98 -33.71
CA ILE H 166 21.42 -12.95 -34.11
C ILE H 166 20.56 -11.91 -34.81
N VAL H 167 20.81 -10.64 -34.51
CA VAL H 167 20.04 -9.57 -35.10
C VAL H 167 20.92 -8.51 -35.73
N SER H 168 20.64 -8.19 -36.98
CA SER H 168 21.43 -7.18 -37.68
C SER H 168 20.53 -6.45 -38.66
N ILE H 169 20.99 -5.32 -39.15
CA ILE H 169 20.21 -4.54 -40.11
C ILE H 169 20.51 -5.09 -41.50
N ILE H 170 21.79 -5.25 -41.76
CA ILE H 170 22.25 -5.77 -43.03
C ILE H 170 23.36 -6.79 -42.78
N SER H 171 23.31 -7.89 -43.51
CA SER H 171 24.31 -8.93 -43.39
C SER H 171 24.72 -9.27 -44.81
N SER H 172 26.01 -9.54 -45.02
CA SER H 172 26.48 -9.88 -46.35
C SER H 172 26.15 -11.33 -46.61
N GLU H 173 25.93 -11.67 -47.88
CA GLU H 173 25.63 -13.03 -48.25
C GLU H 173 26.75 -13.91 -47.68
N TYR H 174 27.97 -13.40 -47.72
CA TYR H 174 29.11 -14.15 -47.22
C TYR H 174 29.00 -14.44 -45.72
N GLY H 175 28.72 -13.40 -44.95
CA GLY H 175 28.59 -13.55 -43.52
C GLY H 175 27.49 -14.51 -43.14
N VAL H 176 26.31 -14.30 -43.69
CA VAL H 176 25.17 -15.15 -43.40
C VAL H 176 25.54 -16.61 -43.62
N ASN H 177 26.23 -16.87 -44.73
CA ASN H 177 26.62 -18.25 -45.05
C ASN H 177 27.62 -18.75 -44.03
N LYS H 178 28.59 -17.92 -43.74
CA LYS H 178 29.64 -18.31 -42.82
C LYS H 178 29.10 -18.66 -41.43
N ILE H 179 28.11 -17.91 -40.96
CA ILE H 179 27.53 -18.16 -39.66
C ILE H 179 26.64 -19.41 -39.61
N LEU H 180 25.60 -19.41 -40.45
CA LEU H 180 24.66 -20.52 -40.48
C LEU H 180 25.25 -21.88 -40.84
N SER H 181 26.44 -21.89 -41.42
CA SER H 181 27.03 -23.16 -41.79
C SER H 181 27.86 -23.68 -40.63
N LYS H 182 28.23 -22.77 -39.74
CA LYS H 182 29.00 -23.13 -38.56
C LYS H 182 28.05 -23.40 -37.37
N TYR H 183 26.93 -22.68 -37.34
CA TYR H 183 25.95 -22.83 -36.28
C TYR H 183 24.56 -22.83 -36.90
N PRO H 184 24.20 -23.89 -37.62
CA PRO H 184 22.90 -24.07 -38.29
C PRO H 184 21.67 -23.85 -37.41
N PHE H 185 21.85 -23.95 -36.10
CA PHE H 185 20.74 -23.81 -35.16
C PHE H 185 20.42 -22.39 -34.79
N ILE H 186 21.28 -21.46 -35.22
CA ILE H 186 21.06 -20.05 -34.91
C ILE H 186 19.88 -19.45 -35.67
N TYR H 187 19.11 -18.61 -34.99
CA TYR H 187 17.99 -17.92 -35.63
C TYR H 187 18.57 -16.57 -36.03
N LEU H 188 18.89 -16.42 -37.30
CA LEU H 188 19.47 -15.18 -37.79
C LEU H 188 18.41 -14.25 -38.38
N PHE H 189 18.22 -13.10 -37.74
CA PHE H 189 17.27 -12.09 -38.21
C PHE H 189 18.02 -10.93 -38.85
N THR H 190 17.54 -10.49 -40.00
CA THR H 190 18.17 -9.37 -40.68
C THR H 190 17.14 -8.67 -41.55
N VAL H 191 17.33 -7.36 -41.79
CA VAL H 191 16.37 -6.67 -42.62
C VAL H 191 16.71 -6.86 -44.08
N ALA H 192 17.99 -7.00 -44.37
CA ALA H 192 18.42 -7.18 -45.74
C ALA H 192 19.76 -7.91 -45.84
N ILE H 193 19.94 -8.66 -46.94
CA ILE H 193 21.20 -9.36 -47.17
C ILE H 193 21.83 -8.77 -48.41
N ASP H 194 22.92 -8.03 -48.25
CA ASP H 194 23.57 -7.44 -49.42
C ASP H 194 24.55 -8.42 -50.03
N PRO H 195 24.75 -8.32 -51.35
CA PRO H 195 25.64 -9.16 -52.16
C PRO H 195 27.12 -9.21 -51.90
N GLU H 196 27.80 -8.08 -51.83
CA GLU H 196 29.24 -8.14 -51.66
C GLU H 196 29.91 -7.24 -50.64
N LEU H 197 31.19 -7.49 -50.44
CA LEU H 197 32.04 -6.73 -49.52
C LEU H 197 33.15 -6.15 -50.38
N ASN H 198 33.75 -5.05 -49.94
CA ASN H 198 34.84 -4.46 -50.69
C ASN H 198 36.15 -4.90 -50.06
N ASN H 199 37.26 -4.35 -50.55
CA ASN H 199 38.57 -4.73 -50.05
C ASN H 199 38.82 -4.36 -48.60
N LYS H 200 38.07 -3.39 -48.11
CA LYS H 200 38.24 -2.96 -46.72
C LYS H 200 37.33 -3.74 -45.80
N GLY H 201 36.44 -4.53 -46.40
CA GLY H 201 35.53 -5.33 -45.61
C GLY H 201 34.20 -4.64 -45.34
N TYR H 202 33.75 -3.82 -46.27
CA TYR H 202 32.48 -3.14 -46.08
C TYR H 202 31.38 -3.70 -46.96
N ILE H 203 30.18 -3.73 -46.41
CA ILE H 203 29.02 -4.26 -47.10
C ILE H 203 28.54 -3.33 -48.21
N LEU H 204 28.33 -3.88 -49.39
CA LEU H 204 27.88 -3.13 -50.55
C LEU H 204 26.49 -3.64 -50.97
N PRO H 205 25.50 -2.74 -51.12
CA PRO H 205 25.55 -1.29 -50.93
C PRO H 205 25.81 -0.92 -49.48
N GLY H 206 25.21 -1.68 -48.57
CA GLY H 206 25.39 -1.40 -47.16
C GLY H 206 24.90 -0.01 -46.76
N LEU H 207 25.55 0.58 -45.77
CA LEU H 207 25.18 1.90 -45.29
C LEU H 207 26.36 2.65 -44.67
N GLY H 208 27.57 2.21 -45.00
CA GLY H 208 28.76 2.85 -44.46
C GLY H 208 29.19 2.23 -43.15
N ASP H 209 30.00 2.95 -42.37
CA ASP H 209 30.46 2.45 -41.09
C ASP H 209 29.45 2.81 -40.02
N ALA H 210 28.84 1.79 -39.43
CA ALA H 210 27.82 1.97 -38.41
C ALA H 210 28.26 2.94 -37.33
N GLY H 211 29.49 2.75 -36.84
CA GLY H 211 29.99 3.61 -35.79
C GLY H 211 30.02 5.07 -36.18
N ASP H 212 30.53 5.32 -37.38
CA ASP H 212 30.60 6.67 -37.90
C ASP H 212 29.20 7.24 -38.18
N ARG H 213 28.32 6.44 -38.77
CA ARG H 213 26.97 6.89 -39.06
C ARG H 213 26.19 7.22 -37.80
N ALA H 214 26.61 6.64 -36.67
CA ALA H 214 25.91 6.85 -35.40
C ALA H 214 26.55 7.88 -34.47
N PHE H 215 27.88 7.97 -34.49
CA PHE H 215 28.56 8.89 -33.61
C PHE H 215 29.46 9.90 -34.31
N GLY H 216 29.61 9.75 -35.62
CA GLY H 216 30.46 10.68 -36.35
C GLY H 216 29.75 12.01 -36.61
N1 U5P I . 34.18 2.10 -10.89
C2 U5P I . 33.08 1.37 -10.39
N3 U5P I . 32.89 1.36 -8.98
C4 U5P I . 33.76 2.06 -8.13
C5 U5P I . 34.87 2.78 -8.70
C6 U5P I . 34.99 2.75 -10.09
O2 U5P I . 32.24 0.69 -11.18
O4 U5P I . 33.54 2.02 -6.92
C1' U5P I . 34.38 2.11 -12.41
C2' U5P I . 33.65 3.26 -13.13
O2' U5P I . 32.60 2.75 -13.85
C3' U5P I . 34.78 4.00 -13.97
C4' U5P I . 36.06 3.28 -13.63
O3' U5P I . 34.41 3.81 -15.38
O4' U5P I . 35.79 2.17 -12.69
C5' U5P I . 37.19 4.00 -13.01
O5' U5P I . 36.96 5.35 -12.58
P U5P I . 38.19 6.10 -11.94
O1P U5P I . 39.26 6.11 -13.01
O2P U5P I . 37.71 7.50 -11.58
O3P U5P I . 38.62 5.33 -10.71
N1 CTP J . 16.19 -1.24 -19.84
C2 CTP J . 17.33 -2.02 -19.74
N3 CTP J . 17.13 -3.41 -19.68
C4 CTP J . 15.83 -3.97 -19.70
C5 CTP J . 14.70 -3.22 -19.81
C6 CTP J . 14.89 -1.78 -19.88
O2 CTP J . 18.52 -1.55 -19.70
N4 CTP J . 15.77 -5.38 -19.63
C1' CTP J . 16.39 0.35 -19.91
C2' CTP J . 16.37 0.91 -21.30
O2' CTP J . 17.27 2.03 -21.37
C3' CTP J . 14.95 1.22 -21.53
C4' CTP J . 14.58 1.90 -20.12
O4' CTP J . 15.30 0.97 -19.15
O3' CTP J . 14.77 2.26 -22.49
C5' CTP J . 13.00 2.16 -19.98
O5' CTP J . 12.32 1.42 -18.88
PA CTP J . 10.51 1.58 -18.69
O1A CTP J . 9.76 0.27 -19.22
O2A CTP J . 10.26 2.19 -17.22
O3A CTP J . 10.29 2.83 -19.84
PB CTP J . 9.85 4.36 -19.35
O1B CTP J . 11.09 5.01 -18.39
O2B CTP J . 8.58 4.32 -18.43
O3B CTP J . 9.72 5.24 -20.68
PG CTP J . 11.25 5.46 -21.41
O1G CTP J . 11.78 4.08 -21.91
O2G CTP J . 12.19 6.21 -20.38
O3G CTP J . 11.05 6.41 -22.81
N1 U5P K . -35.95 -15.06 27.41
C2 U5P K . -35.00 -15.44 28.41
N3 U5P K . -35.01 -16.80 28.79
C4 U5P K . -35.90 -17.72 28.23
C5 U5P K . -36.83 -17.27 27.23
C6 U5P K . -36.78 -15.92 26.89
O2 U5P K . -34.15 -14.58 28.95
O4 U5P K . -35.87 -18.90 28.61
C1' U5P K . -35.95 -13.58 26.99
C2' U5P K . -35.01 -13.27 25.81
O2' U5P K . -33.95 -12.53 26.25
C3' U5P K . -35.93 -12.57 24.72
C4' U5P K . -37.30 -12.56 25.32
O3' U5P K . -35.41 -11.20 24.59
O4' U5P K . -37.29 -13.19 26.66
C5' U5P K . -38.40 -13.26 24.62
O5' U5P K . -38.08 -14.05 23.47
P U5P K . -39.29 -14.75 22.74
O1P U5P K . -40.20 -13.62 22.30
O2P U5P K . -38.72 -15.52 21.56
O3P U5P K . -39.99 -15.67 23.75
N1 U5P L . 15.96 -6.29 35.64
C2 U5P L . 14.93 -6.98 36.36
N3 U5P L . 14.85 -6.74 37.73
C4 U5P L . 15.71 -5.87 38.38
C5 U5P L . 16.75 -5.21 37.60
C6 U5P L . 16.78 -5.48 36.24
O2 U5P L . 14.06 -7.82 35.76
O4 U5P L . 15.59 -5.69 39.60
C1' U5P L . 16.04 -6.56 34.12
C2' U5P L . 15.19 -5.59 33.26
O2' U5P L . 14.12 -6.27 32.72
C3' U5P L . 16.21 -4.96 32.23
C4' U5P L . 17.53 -5.55 32.58
O3' U5P L . 15.74 -5.41 30.90
O4' U5P L . 17.41 -6.50 33.72
C5' U5P L . 18.65 -4.67 32.97
O5' U5P L . 18.37 -3.29 33.17
P U5P L . 19.60 -2.39 33.55
O1P U5P L . 20.59 -2.52 32.40
O2P U5P L . 19.08 -0.97 33.71
O3P U5P L . 20.18 -2.91 34.85
N1 CTP M . -2.46 -11.95 28.94
C2 CTP M . -1.25 -12.64 29.08
N3 CTP M . -1.37 -14.01 29.42
C4 CTP M . -2.64 -14.64 29.59
C5 CTP M . -3.82 -13.96 29.45
C6 CTP M . -3.73 -12.54 29.10
O2 CTP M . -0.10 -12.13 28.95
N4 CTP M . -2.63 -16.01 29.92
C1' CTP M . -2.36 -10.39 28.57
C2' CTP M . -2.51 -10.10 27.10
O2' CTP M . -1.70 -8.97 26.75
C3' CTP M . -3.97 -9.88 26.96
C4' CTP M . -4.27 -8.98 28.25
O4' CTP M . -3.44 -9.70 29.30
O3' CTP M . -4.28 -9.04 25.84
C5' CTP M . -5.84 -8.77 28.47
O5' CTP M . -6.38 -9.36 29.73
PA CTP M . -8.18 -9.24 30.05
O1A CTP M . -8.89 -10.65 29.81
O2A CTP M . -8.35 -8.38 31.42
O3A CTP M . -8.55 -8.21 28.72
PB CTP M . -9.05 -6.63 28.97
O1B CTP M . -7.78 -5.76 29.71
O2B CTP M . -10.24 -6.55 29.99
O3B CTP M . -9.33 -6.01 27.54
PG CTP M . -7.88 -5.87 26.64
O1G CTP M . -7.31 -7.29 26.36
O2G CTP M . -6.90 -4.90 27.44
O3G CTP M . -8.23 -5.19 25.13
N1 U5P N . -17.28 -2.11 -24.15
C2 U5P N . -16.45 -2.72 -23.18
N3 U5P N . -16.55 -4.12 -23.05
C4 U5P N . -17.41 -4.86 -23.84
C5 U5P N . -18.24 -4.19 -24.81
C6 U5P N . -18.10 -2.81 -24.89
O2 U5P N . -15.61 -2.03 -22.41
O4 U5P N . -17.47 -6.08 -23.68
C1' U5P N . -17.16 -0.58 -24.29
C2' U5P N . -16.12 -0.11 -25.32
O2' U5P N . -15.08 0.48 -24.69
C3' U5P N . -16.91 0.80 -26.33
C4' U5P N . -18.32 0.79 -25.85
O3' U5P N . -16.31 2.14 -26.18
O4' U5P N . -18.44 -0.05 -24.64
C5' U5P N . -19.39 0.31 -26.75
O5' U5P N . -19.00 -0.30 -27.99
P U5P N . -20.18 -0.77 -28.92
O1P U5P N . -20.96 0.50 -29.19
O2P U5P N . -19.55 -1.35 -30.16
O3P U5P N . -21.00 -1.80 -28.17
N1 CTP O . 1.27 3.76 -18.02
C2 CTP O . -0.01 3.93 -17.48
N3 CTP O . -0.07 3.97 -16.07
C4 CTP O . 1.09 3.86 -15.27
C5 CTP O . 2.34 3.67 -15.79
C6 CTP O . 2.43 3.62 -17.25
O2 CTP O . -1.07 4.05 -18.16
N4 CTP O . 0.88 3.92 -13.87
C1' CTP O . 1.38 3.69 -19.62
C2' CTP O . 1.77 4.99 -20.26
O2' CTP O . 1.12 5.12 -21.53
C3' CTP O . 3.24 4.91 -20.31
C4' CTP O . 3.43 3.40 -20.80
O4' CTP O . 2.39 2.68 -19.95
O3' CTP O . 3.77 5.70 -21.37
C5' CTP O . 4.97 2.94 -20.74
O5' CTP O . 5.26 1.84 -19.80
PA CTP O . 6.99 1.30 -19.58
O1A CTP O . 7.59 1.81 -18.19
O2A CTP O . 7.04 -0.25 -20.04
O3A CTP O . 7.66 2.25 -20.86
PB CTP O . 8.26 1.51 -22.24
O1B CTP O . 7.00 0.72 -23.05
O2B CTP O . 9.30 0.38 -21.90
O3B CTP O . 8.79 2.69 -23.17
PG CTP O . 7.52 3.67 -23.73
O1G CTP O . 6.86 4.40 -22.51
O2G CTP O . 6.54 2.75 -24.57
O3G CTP O . 8.14 4.90 -24.71
N1 U5P P . -9.23 26.61 -20.84
C2 U5P P . -8.33 26.75 -21.93
N3 U5P P . -7.71 28.01 -22.11
C4 U5P P . -7.97 29.07 -21.26
C5 U5P P . -8.90 28.88 -20.17
C6 U5P P . -9.47 27.62 -20.04
O2 U5P P . -8.07 25.75 -22.77
O4 U5P P . -7.41 30.14 -21.47
C1' U5P P . -9.89 25.24 -20.65
C2' U5P P . -9.10 24.28 -19.73
O2' U5P P . -8.57 23.26 -20.48
C3' U5P P . -10.12 23.85 -18.60
C4' U5P P . -11.38 24.60 -18.91
O3' U5P P . -10.31 22.40 -18.77
O4' U5P P . -11.21 25.44 -20.13
C5' U5P P . -11.95 25.53 -17.91
O5' U5P P . -11.16 25.82 -16.74
P U5P P . -11.80 26.80 -15.69
O1P U5P P . -13.08 26.13 -15.25
O2P U5P P . -10.78 26.94 -14.57
O3P U5P P . -12.03 28.13 -16.38
N1 CTP Q . 2.77 12.31 -29.02
C2 CTP Q . 1.52 12.82 -29.39
N3 CTP Q . 1.27 12.85 -30.77
C4 CTP Q . 2.22 12.40 -31.72
C5 CTP Q . 3.45 11.90 -31.37
C6 CTP Q . 3.73 11.86 -29.94
O2 CTP Q . 0.64 13.24 -28.57
N4 CTP Q . 1.84 12.48 -33.08
C1' CTP Q . 3.10 12.27 -27.45
C2' CTP Q . 2.84 10.92 -26.82
O2' CTP Q . 2.38 11.11 -25.48
C3' CTP Q . 4.15 10.24 -26.95
C4' CTP Q . 5.15 11.42 -26.55
O4' CTP Q . 4.51 12.61 -27.29
O3' CTP Q . 4.33 9.24 -25.94
C5' CTP Q . 6.67 11.02 -26.82
O5' CTP Q . 7.37 11.85 -27.84
PA CTP Q . 9.10 11.42 -28.30
O1A CTP Q . 9.16 10.73 -29.72
O2A CTP Q . 10.00 12.72 -27.92
O3A CTP Q . 9.34 10.23 -27.08
PB CTP Q . 10.41 10.51 -25.83
O1B CTP Q . 9.84 11.81 -24.89
O2B CTP Q . 11.81 10.96 -26.34
O3B CTP Q . 10.38 9.20 -24.92
PG CTP Q . 8.87 9.00 -24.16
O1G CTP Q . 7.78 8.75 -25.24
O2G CTP Q . 8.62 10.26 -23.23
O3G CTP Q . 8.91 7.60 -23.21
N1 U5P R . 10.94 -16.49 7.92
C2 U5P R . 10.21 -15.40 7.38
N3 U5P R . 9.78 -15.52 6.04
C4 U5P R . 10.05 -16.66 5.29
C5 U5P R . 10.79 -17.75 5.90
C6 U5P R . 11.18 -17.57 7.21
O2 U5P R . 9.95 -14.29 8.09
O4 U5P R . 9.64 -16.71 4.13
C1' U5P R . 11.41 -16.36 9.38
C2' U5P R . 10.40 -16.90 10.42
O2' U5P R . 9.84 -15.86 11.13
C3' U5P R . 11.21 -17.97 11.27
C4' U5P R . 12.57 -18.00 10.67
O3' U5P R . 11.26 -17.43 12.63
O4' U5P R . 12.66 -17.04 9.53
C5' U5P R . 13.10 -19.26 10.10
O5' U5P R . 12.20 -20.38 10.03
P U5P R . 12.80 -21.71 9.45
O1P U5P R . 13.94 -22.06 10.40
O2P U5P R . 11.69 -22.73 9.47
O3P U5P R . 13.30 -21.43 8.03
N1 CTP S . -1.47 -3.61 17.70
C2 CTP S . -0.13 -3.52 17.29
N3 CTP S . 0.30 -2.23 16.94
C4 CTP S . -0.56 -1.10 16.99
C5 CTP S . -1.87 -1.19 17.39
C6 CTP S . -2.35 -2.51 17.76
O2 CTP S . 0.68 -4.48 17.22
N4 CTP S . -0.01 0.13 16.61
C1' CTP S . -2.00 -5.07 18.11
C2' CTP S . -1.98 -5.33 19.59
O2' CTP S . -1.70 -6.73 19.84
C3' CTP S . -3.34 -4.88 20.01
C4' CTP S . -4.23 -5.51 18.85
O4' CTP S . -3.38 -5.19 17.61
O3' CTP S . -3.77 -5.54 21.20
C5' CTP S . -5.75 -4.99 18.93
O5' CTP S . -6.22 -4.19 17.77
PA CTP S . -7.92 -3.48 17.79
O1A CTP S . -7.87 -1.91 18.10
O2A CTP S . -8.69 -4.11 16.54
O3A CTP S . -8.43 -4.29 19.21
PB CTP S . -9.61 -5.47 19.12
O1B CTP S . -9.02 -6.77 18.20
O2B CTP S . -10.88 -4.97 18.35
O3B CTP S . -9.86 -5.98 20.61
PG CTP S . -8.49 -6.78 21.23
O1G CTP S . -7.30 -5.79 21.35
O2G CTP S . -8.21 -8.04 20.31
O3G CTP S . -8.81 -7.30 22.81
N1 U5P T . -29.51 14.01 25.08
C2 U5P T . -28.69 13.99 23.93
N3 U5P T . -28.17 15.21 23.50
C4 U5P T . -28.46 16.39 24.18
C5 U5P T . -29.30 16.37 25.34
C6 U5P T . -29.79 15.12 25.72
O2 U5P T . -28.41 12.85 23.27
O4 U5P T . -27.97 17.45 23.76
C1' U5P T . -30.08 12.65 25.56
C2' U5P T . -29.18 11.91 26.56
O2' U5P T . -28.63 10.79 25.97
C3' U5P T . -30.09 11.63 27.83
C4' U5P T . -31.40 12.25 27.50
O3' U5P T . -30.21 10.17 27.92
O4' U5P T . -31.37 12.86 26.15
C5' U5P T . -31.95 13.33 28.37
O5' U5P T . -31.09 13.86 29.39
P U5P T . -31.73 14.98 30.29
O1P U5P T . -32.94 14.34 30.94
O2P U5P T . -30.67 15.39 31.30
O3P U5P T . -32.11 16.14 29.41
N1 CTP U . -17.42 -7.27 30.86
C2 CTP U . -18.66 -7.06 31.46
N3 CTP U . -18.63 -6.77 32.84
C4 CTP U . -17.40 -6.68 33.56
C5 CTP U . -16.19 -6.89 32.96
C6 CTP U . -16.20 -7.21 31.54
O2 CTP U . -19.79 -7.12 30.87
N4 CTP U . -17.50 -6.38 34.93
C1' CTP U . -17.43 -7.63 29.29
C2' CTP U . -17.17 -6.45 28.40
O2' CTP U . -17.92 -6.58 27.17
C3' CTP U . -15.70 -6.47 28.23
C4' CTP U . -15.45 -8.03 28.00
O4' CTP U . -16.38 -8.64 29.04
O3' CTP U . -15.29 -5.84 27.02
C5' CTP U . -13.88 -8.39 28.02
O5' CTP U . -13.45 -9.30 29.11
PA CTP U . -11.67 -9.71 29.27
O1A CTP U . -11.02 -8.92 30.49
O2A CTP U . -11.55 -11.31 29.10
O3A CTP U . -11.17 -8.97 27.81
PB CTP U . -10.62 -9.90 26.54
O1B CTP U . -11.90 -10.90 25.98
O2B CTP U . -9.49 -10.90 26.99
O3B CTP U . -10.23 -8.89 25.37
PG CTP U . -11.60 -8.11 24.75
O1G CTP U . -12.21 -7.19 25.86
O2G CTP U . -12.58 -9.20 24.17
O3G CTP U . -11.13 -7.05 23.51
N1 CTP V . -17.19 -0.91 18.62
C2 CTP V . -18.50 -0.54 18.26
N3 CTP V . -18.85 -0.77 16.92
C4 CTP V . -17.94 -1.33 15.98
C5 CTP V . -16.66 -1.70 16.33
C6 CTP V . -16.27 -1.47 17.71
O2 CTP V . -19.34 -0.03 19.06
N4 CTP V . -18.41 -1.51 14.67
C1' CTP V . -16.75 -0.66 20.15
C2' CTP V . -16.88 -1.87 21.02
O2' CTP V . -17.26 -1.48 22.35
C3' CTP V . -15.55 -2.50 20.90
C4' CTP V . -14.60 -1.21 21.02
O4' CTP V . -15.35 -0.21 20.13
O3' CTP V . -15.22 -3.29 22.05
C5' CTP V . -13.07 -1.57 20.69
O5' CTP V . -12.50 -0.90 19.50
PA CTP V . -10.79 -1.31 19.00
O1A CTP V . -10.78 -2.27 17.71
O2A CTP V . -9.96 0.08 19.06
O3A CTP V . -10.40 -2.25 20.37
PB CTP V . -9.28 -1.70 21.48
O1B CTP V . -9.85 -0.27 22.21
O2B CTP V . -7.93 -1.27 20.79
O3B CTP V . -9.14 -2.82 22.60
PG CTP V . -10.60 -2.97 23.49
O1G CTP V . -11.74 -3.47 22.56
O2G CTP V . -10.87 -1.59 24.21
O3G CTP V . -10.40 -4.17 24.67
N1 U5P W . 30.88 -2.77 -40.19
C2 U5P W . 30.25 -1.55 -40.58
N3 U5P W . 29.91 -1.43 -41.95
C4 U5P W . 30.19 -2.42 -42.87
C5 U5P W . 30.84 -3.64 -42.41
C6 U5P W . 31.15 -3.72 -41.06
O2 U5P W . 29.96 -0.58 -39.71
O4 U5P W . 29.88 -2.26 -44.05
C1' U5P W . 31.24 -2.92 -38.70
C2' U5P W . 30.14 -3.58 -37.85
O2' U5P W . 29.56 -2.64 -37.02
C3' U5P W . 30.84 -4.81 -37.13
C4' U5P W . 32.25 -4.81 -37.64
O3' U5P W . 30.79 -4.50 -35.69
O4' U5P W . 32.46 -3.68 -38.57
C5' U5P W . 32.77 -5.97 -38.37
O5' U5P W . 31.84 -7.02 -38.72
P U5P W . 32.44 -8.26 -39.48
O1P U5P W . 33.48 -8.84 -38.52
O2P U5P W . 31.26 -9.20 -39.73
O3P U5P W . 33.06 -7.79 -40.78
N1 CTP X . 18.25 8.88 -29.23
C2 CTP X . 19.62 8.97 -29.50
N3 CTP X . 20.14 10.28 -29.60
C4 CTP X . 19.31 11.42 -29.42
C5 CTP X . 17.97 11.33 -29.13
C6 CTP X . 17.41 9.99 -29.03
O2 CTP X . 20.39 7.97 -29.68
N4 CTP X . 19.96 12.67 -29.54
C1' CTP X . 17.62 7.41 -29.13
C2' CTP X . 17.50 6.88 -27.72
O2' CTP X . 17.71 5.46 -27.72
C3' CTP X . 16.15 7.32 -27.32
C4' CTP X . 15.33 6.95 -28.64
O4' CTP X . 16.28 7.45 -29.72
O3' CTP X . 15.59 6.48 -26.31
C5' CTP X . 13.82 7.53 -28.59
O5' CTP X . 13.49 8.56 -29.61
PA CTP X . 11.84 9.32 -29.57
O1A CTP X . 11.92 10.82 -29.00
O2A CTP X . 11.14 8.97 -30.99
O3A CTP X . 11.17 8.31 -28.37
PB CTP X . 9.96 7.24 -28.74
O1B CTP X . 10.56 6.09 -29.84
O2B CTP X . 8.77 7.93 -29.51
O3B CTP X . 9.57 6.49 -27.39
PG CTP X . 10.86 5.52 -26.83
O1G CTP X . 12.05 6.43 -26.45
O2G CTP X . 11.16 4.43 -27.93
O3G CTP X . 10.38 4.75 -25.40
#